data_3A2A
# 
_entry.id   3A2A 
# 
_audit_conform.dict_name       mmcif_pdbx.dic 
_audit_conform.dict_version    5.397 
_audit_conform.dict_location   http://mmcif.pdb.org/dictionaries/ascii/mmcif_pdbx.dic 
# 
loop_
_database_2.database_id 
_database_2.database_code 
_database_2.pdbx_database_accession 
_database_2.pdbx_DOI 
PDB   3A2A         pdb_00003a2a 10.2210/pdb3a2a/pdb 
RCSB  RCSB028721   ?            ?                   
WWPDB D_1000028721 ?            ?                   
# 
loop_
_pdbx_audit_revision_history.ordinal 
_pdbx_audit_revision_history.data_content_type 
_pdbx_audit_revision_history.major_revision 
_pdbx_audit_revision_history.minor_revision 
_pdbx_audit_revision_history.revision_date 
1 'Structure model' 1 0 2010-02-09 
2 'Structure model' 1 1 2011-07-13 
3 'Structure model' 1 2 2024-10-23 
# 
_pdbx_audit_revision_details.ordinal             1 
_pdbx_audit_revision_details.revision_ordinal    1 
_pdbx_audit_revision_details.data_content_type   'Structure model' 
_pdbx_audit_revision_details.provider            repository 
_pdbx_audit_revision_details.type                'Initial release' 
_pdbx_audit_revision_details.description         ? 
_pdbx_audit_revision_details.details             ? 
# 
loop_
_pdbx_audit_revision_group.ordinal 
_pdbx_audit_revision_group.revision_ordinal 
_pdbx_audit_revision_group.data_content_type 
_pdbx_audit_revision_group.group 
1 2 'Structure model' 'Version format compliance' 
2 3 'Structure model' 'Data collection'           
3 3 'Structure model' 'Database references'       
4 3 'Structure model' 'Derived calculations'      
5 3 'Structure model' 'Structure summary'         
# 
loop_
_pdbx_audit_revision_category.ordinal 
_pdbx_audit_revision_category.revision_ordinal 
_pdbx_audit_revision_category.data_content_type 
_pdbx_audit_revision_category.category 
1 3 'Structure model' chem_comp_atom            
2 3 'Structure model' chem_comp_bond            
3 3 'Structure model' database_2                
4 3 'Structure model' pdbx_entry_details        
5 3 'Structure model' pdbx_modification_feature 
6 3 'Structure model' struct_ref_seq_dif        
7 3 'Structure model' struct_site               
# 
loop_
_pdbx_audit_revision_item.ordinal 
_pdbx_audit_revision_item.revision_ordinal 
_pdbx_audit_revision_item.data_content_type 
_pdbx_audit_revision_item.item 
1 3 'Structure model' '_database_2.pdbx_DOI'                
2 3 'Structure model' '_database_2.pdbx_database_accession' 
3 3 'Structure model' '_struct_ref_seq_dif.details'         
4 3 'Structure model' '_struct_site.pdbx_auth_asym_id'      
5 3 'Structure model' '_struct_site.pdbx_auth_comp_id'      
6 3 'Structure model' '_struct_site.pdbx_auth_seq_id'       
# 
_pdbx_database_status.status_code                     REL 
_pdbx_database_status.entry_id                        3A2A 
_pdbx_database_status.recvd_initial_deposition_date   2009-05-08 
_pdbx_database_status.deposit_site                    PDBJ 
_pdbx_database_status.process_site                    PDBJ 
_pdbx_database_status.status_code_sf                  REL 
_pdbx_database_status.status_code_mr                  ? 
_pdbx_database_status.SG_entry                        ? 
_pdbx_database_status.pdb_format_compatible           Y 
_pdbx_database_status.status_code_cs                  ? 
_pdbx_database_status.status_code_nmr_data            ? 
_pdbx_database_status.methods_development_category    ? 
# 
loop_
_audit_author.name 
_audit_author.pdbx_ordinal 
'Li, S.J.' 1 
'Unno, H.' 2 
'Zhou, Q.' 3 
'Zhao, Q.' 4 
'Zhai, Y.' 5 
'Sun, F.'  6 
# 
_citation.id                        primary 
_citation.title                     
'The role and structure of the carboxyl-terminal domain of the human voltage-gated proton channel Hv1.' 
_citation.journal_abbrev            J.Biol.Chem. 
_citation.journal_volume            285 
_citation.page_first                12047 
_citation.page_last                 12054 
_citation.year                      2010 
_citation.journal_id_ASTM           JBCHA3 
_citation.country                   US 
_citation.journal_id_ISSN           0021-9258 
_citation.journal_id_CSD            0071 
_citation.book_publisher            ? 
_citation.pdbx_database_id_PubMed   20147290 
_citation.pdbx_database_id_DOI      10.1074/jbc.M109.040360 
# 
loop_
_citation_author.citation_id 
_citation_author.name 
_citation_author.ordinal 
_citation_author.identifier_ORCID 
primary 'Li, S.J.' 1 ? 
primary 'Zhao, Q.' 2 ? 
primary 'Zhou, Q.' 3 ? 
primary 'Unno, H.' 4 ? 
primary 'Zhai, Y.' 5 ? 
primary 'Sun, F.'  6 ? 
# 
loop_
_entity.id 
_entity.type 
_entity.src_method 
_entity.pdbx_description 
_entity.formula_weight 
_entity.pdbx_number_of_molecules 
_entity.pdbx_ec 
_entity.pdbx_mutation 
_entity.pdbx_fragment 
_entity.details 
1 polymer     man 'Voltage-gated hydrogen channel 1' 6708.771 4  ? ? 'C-TERMINAL DOMAIN, UNP residues 221-273' ? 
2 non-polymer syn 'CHLORIDE ION'                     35.453   2  ? ? ?                                         ? 
3 water       nat water                              18.015   68 ? ? ?                                         ? 
# 
_entity_name_com.entity_id   1 
_entity_name_com.name        'Hydrogen voltage-gated channel 1, HV1, Voltage sensor domain-only protein' 
# 
_entity_poly.entity_id                      1 
_entity_poly.type                           'polypeptide(L)' 
_entity_poly.nstd_linkage                   no 
_entity_poly.nstd_monomer                   no 
_entity_poly.pdbx_seq_one_letter_code       GPLGSKTRSERQLLRLKQMNVQLAAKIQHLEFSCSEKEQEIERLNKLLRQHGLLGEVN 
_entity_poly.pdbx_seq_one_letter_code_can   GPLGSKTRSERQLLRLKQMNVQLAAKIQHLEFSCSEKEQEIERLNKLLRQHGLLGEVN 
_entity_poly.pdbx_strand_id                 A,B,C,D 
_entity_poly.pdbx_target_identifier         ? 
# 
loop_
_pdbx_entity_nonpoly.entity_id 
_pdbx_entity_nonpoly.name 
_pdbx_entity_nonpoly.comp_id 
2 'CHLORIDE ION' CL  
3 water          HOH 
# 
loop_
_entity_poly_seq.entity_id 
_entity_poly_seq.num 
_entity_poly_seq.mon_id 
_entity_poly_seq.hetero 
1 1  GLY n 
1 2  PRO n 
1 3  LEU n 
1 4  GLY n 
1 5  SER n 
1 6  LYS n 
1 7  THR n 
1 8  ARG n 
1 9  SER n 
1 10 GLU n 
1 11 ARG n 
1 12 GLN n 
1 13 LEU n 
1 14 LEU n 
1 15 ARG n 
1 16 LEU n 
1 17 LYS n 
1 18 GLN n 
1 19 MET n 
1 20 ASN n 
1 21 VAL n 
1 22 GLN n 
1 23 LEU n 
1 24 ALA n 
1 25 ALA n 
1 26 LYS n 
1 27 ILE n 
1 28 GLN n 
1 29 HIS n 
1 30 LEU n 
1 31 GLU n 
1 32 PHE n 
1 33 SER n 
1 34 CYS n 
1 35 SER n 
1 36 GLU n 
1 37 LYS n 
1 38 GLU n 
1 39 GLN n 
1 40 GLU n 
1 41 ILE n 
1 42 GLU n 
1 43 ARG n 
1 44 LEU n 
1 45 ASN n 
1 46 LYS n 
1 47 LEU n 
1 48 LEU n 
1 49 ARG n 
1 50 GLN n 
1 51 HIS n 
1 52 GLY n 
1 53 LEU n 
1 54 LEU n 
1 55 GLY n 
1 56 GLU n 
1 57 VAL n 
1 58 ASN n 
# 
_entity_src_gen.entity_id                          1 
_entity_src_gen.pdbx_src_id                        1 
_entity_src_gen.pdbx_alt_source_flag               sample 
_entity_src_gen.pdbx_seq_type                      ? 
_entity_src_gen.pdbx_beg_seq_num                   ? 
_entity_src_gen.pdbx_end_seq_num                   ? 
_entity_src_gen.gene_src_common_name               human 
_entity_src_gen.gene_src_genus                     ? 
_entity_src_gen.pdbx_gene_src_gene                 ? 
_entity_src_gen.gene_src_species                   ? 
_entity_src_gen.gene_src_strain                    ? 
_entity_src_gen.gene_src_tissue                    ? 
_entity_src_gen.gene_src_tissue_fraction           ? 
_entity_src_gen.gene_src_details                   ? 
_entity_src_gen.pdbx_gene_src_fragment             ? 
_entity_src_gen.pdbx_gene_src_scientific_name      'Homo sapiens' 
_entity_src_gen.pdbx_gene_src_ncbi_taxonomy_id     9606 
_entity_src_gen.pdbx_gene_src_variant              ? 
_entity_src_gen.pdbx_gene_src_cell_line            ? 
_entity_src_gen.pdbx_gene_src_atcc                 ? 
_entity_src_gen.pdbx_gene_src_organ                ? 
_entity_src_gen.pdbx_gene_src_organelle            ? 
_entity_src_gen.pdbx_gene_src_cell                 ? 
_entity_src_gen.pdbx_gene_src_cellular_location    ? 
_entity_src_gen.host_org_common_name               ? 
_entity_src_gen.pdbx_host_org_scientific_name      'Escherichia coli' 
_entity_src_gen.pdbx_host_org_ncbi_taxonomy_id     562 
_entity_src_gen.host_org_genus                     ? 
_entity_src_gen.pdbx_host_org_gene                 ? 
_entity_src_gen.pdbx_host_org_organ                ? 
_entity_src_gen.host_org_species                   ? 
_entity_src_gen.pdbx_host_org_tissue               ? 
_entity_src_gen.pdbx_host_org_tissue_fraction      ? 
_entity_src_gen.pdbx_host_org_strain               'BL21(DE3)' 
_entity_src_gen.pdbx_host_org_variant              ? 
_entity_src_gen.pdbx_host_org_cell_line            ? 
_entity_src_gen.pdbx_host_org_atcc                 ? 
_entity_src_gen.pdbx_host_org_culture_collection   ? 
_entity_src_gen.pdbx_host_org_cell                 ? 
_entity_src_gen.pdbx_host_org_organelle            ? 
_entity_src_gen.pdbx_host_org_cellular_location    ? 
_entity_src_gen.pdbx_host_org_vector_type          plasmid 
_entity_src_gen.pdbx_host_org_vector               ? 
_entity_src_gen.host_org_details                   ? 
_entity_src_gen.expression_system_id               ? 
_entity_src_gen.plasmid_name                       pGEX6P-1 
_entity_src_gen.plasmid_details                    ? 
_entity_src_gen.pdbx_description                   ? 
# 
loop_
_chem_comp.id 
_chem_comp.type 
_chem_comp.mon_nstd_flag 
_chem_comp.name 
_chem_comp.pdbx_synonyms 
_chem_comp.formula 
_chem_comp.formula_weight 
ALA 'L-peptide linking' y ALANINE         ? 'C3 H7 N O2'     89.093  
ARG 'L-peptide linking' y ARGININE        ? 'C6 H15 N4 O2 1' 175.209 
ASN 'L-peptide linking' y ASPARAGINE      ? 'C4 H8 N2 O3'    132.118 
CL  non-polymer         . 'CHLORIDE ION'  ? 'Cl -1'          35.453  
CYS 'L-peptide linking' y CYSTEINE        ? 'C3 H7 N O2 S'   121.158 
GLN 'L-peptide linking' y GLUTAMINE       ? 'C5 H10 N2 O3'   146.144 
GLU 'L-peptide linking' y 'GLUTAMIC ACID' ? 'C5 H9 N O4'     147.129 
GLY 'peptide linking'   y GLYCINE         ? 'C2 H5 N O2'     75.067  
HIS 'L-peptide linking' y HISTIDINE       ? 'C6 H10 N3 O2 1' 156.162 
HOH non-polymer         . WATER           ? 'H2 O'           18.015  
ILE 'L-peptide linking' y ISOLEUCINE      ? 'C6 H13 N O2'    131.173 
LEU 'L-peptide linking' y LEUCINE         ? 'C6 H13 N O2'    131.173 
LYS 'L-peptide linking' y LYSINE          ? 'C6 H15 N2 O2 1' 147.195 
MET 'L-peptide linking' y METHIONINE      ? 'C5 H11 N O2 S'  149.211 
PHE 'L-peptide linking' y PHENYLALANINE   ? 'C9 H11 N O2'    165.189 
PRO 'L-peptide linking' y PROLINE         ? 'C5 H9 N O2'     115.130 
SER 'L-peptide linking' y SERINE          ? 'C3 H7 N O3'     105.093 
THR 'L-peptide linking' y THREONINE       ? 'C4 H9 N O3'     119.119 
VAL 'L-peptide linking' y VALINE          ? 'C5 H11 N O2'    117.146 
# 
loop_
_pdbx_poly_seq_scheme.asym_id 
_pdbx_poly_seq_scheme.entity_id 
_pdbx_poly_seq_scheme.seq_id 
_pdbx_poly_seq_scheme.mon_id 
_pdbx_poly_seq_scheme.ndb_seq_num 
_pdbx_poly_seq_scheme.pdb_seq_num 
_pdbx_poly_seq_scheme.auth_seq_num 
_pdbx_poly_seq_scheme.pdb_mon_id 
_pdbx_poly_seq_scheme.auth_mon_id 
_pdbx_poly_seq_scheme.pdb_strand_id 
_pdbx_poly_seq_scheme.pdb_ins_code 
_pdbx_poly_seq_scheme.hetero 
A 1 1  GLY 1  216 ?   ?   ?   A . n 
A 1 2  PRO 2  217 ?   ?   ?   A . n 
A 1 3  LEU 3  218 ?   ?   ?   A . n 
A 1 4  GLY 4  219 ?   ?   ?   A . n 
A 1 5  SER 5  220 ?   ?   ?   A . n 
A 1 6  LYS 6  221 ?   ?   ?   A . n 
A 1 7  THR 7  222 ?   ?   ?   A . n 
A 1 8  ARG 8  223 ?   ?   ?   A . n 
A 1 9  SER 9  224 ?   ?   ?   A . n 
A 1 10 GLU 10 225 ?   ?   ?   A . n 
A 1 11 ARG 11 226 226 ARG ARG A . n 
A 1 12 GLN 12 227 227 GLN GLN A . n 
A 1 13 LEU 13 228 228 LEU LEU A . n 
A 1 14 LEU 14 229 229 LEU LEU A . n 
A 1 15 ARG 15 230 230 ARG ARG A . n 
A 1 16 LEU 16 231 231 LEU LEU A . n 
A 1 17 LYS 17 232 232 LYS LYS A . n 
A 1 18 GLN 18 233 233 GLN GLN A . n 
A 1 19 MET 19 234 234 MET MET A . n 
A 1 20 ASN 20 235 235 ASN ASN A . n 
A 1 21 VAL 21 236 236 VAL VAL A . n 
A 1 22 GLN 22 237 237 GLN GLN A . n 
A 1 23 LEU 23 238 238 LEU LEU A . n 
A 1 24 ALA 24 239 239 ALA ALA A . n 
A 1 25 ALA 25 240 240 ALA ALA A . n 
A 1 26 LYS 26 241 241 LYS LYS A . n 
A 1 27 ILE 27 242 242 ILE ILE A . n 
A 1 28 GLN 28 243 243 GLN GLN A . n 
A 1 29 HIS 29 244 244 HIS HIS A . n 
A 1 30 LEU 30 245 245 LEU LEU A . n 
A 1 31 GLU 31 246 246 GLU GLU A . n 
A 1 32 PHE 32 247 247 PHE PHE A . n 
A 1 33 SER 33 248 248 SER SER A . n 
A 1 34 CYS 34 249 249 CYS CYS A . n 
A 1 35 SER 35 250 250 SER SER A . n 
A 1 36 GLU 36 251 251 GLU GLU A . n 
A 1 37 LYS 37 252 252 LYS LYS A . n 
A 1 38 GLU 38 253 253 GLU GLU A . n 
A 1 39 GLN 39 254 254 GLN GLN A . n 
A 1 40 GLU 40 255 255 GLU GLU A . n 
A 1 41 ILE 41 256 256 ILE ILE A . n 
A 1 42 GLU 42 257 257 GLU GLU A . n 
A 1 43 ARG 43 258 258 ARG ARG A . n 
A 1 44 LEU 44 259 259 LEU LEU A . n 
A 1 45 ASN 45 260 260 ASN ASN A . n 
A 1 46 LYS 46 261 261 LYS LYS A . n 
A 1 47 LEU 47 262 262 LEU LEU A . n 
A 1 48 LEU 48 263 263 LEU LEU A . n 
A 1 49 ARG 49 264 264 ARG ARG A . n 
A 1 50 GLN 50 265 265 GLN GLN A . n 
A 1 51 HIS 51 266 266 HIS HIS A . n 
A 1 52 GLY 52 267 ?   ?   ?   A . n 
A 1 53 LEU 53 268 ?   ?   ?   A . n 
A 1 54 LEU 54 269 ?   ?   ?   A . n 
A 1 55 GLY 55 270 ?   ?   ?   A . n 
A 1 56 GLU 56 271 ?   ?   ?   A . n 
A 1 57 VAL 57 272 ?   ?   ?   A . n 
A 1 58 ASN 58 273 ?   ?   ?   A . n 
B 1 1  GLY 1  216 ?   ?   ?   B . n 
B 1 2  PRO 2  217 ?   ?   ?   B . n 
B 1 3  LEU 3  218 ?   ?   ?   B . n 
B 1 4  GLY 4  219 ?   ?   ?   B . n 
B 1 5  SER 5  220 ?   ?   ?   B . n 
B 1 6  LYS 6  221 ?   ?   ?   B . n 
B 1 7  THR 7  222 ?   ?   ?   B . n 
B 1 8  ARG 8  223 ?   ?   ?   B . n 
B 1 9  SER 9  224 ?   ?   ?   B . n 
B 1 10 GLU 10 225 ?   ?   ?   B . n 
B 1 11 ARG 11 226 226 ARG ARG B . n 
B 1 12 GLN 12 227 227 GLN GLN B . n 
B 1 13 LEU 13 228 228 LEU LEU B . n 
B 1 14 LEU 14 229 229 LEU LEU B . n 
B 1 15 ARG 15 230 230 ARG ARG B . n 
B 1 16 LEU 16 231 231 LEU LEU B . n 
B 1 17 LYS 17 232 232 LYS LYS B . n 
B 1 18 GLN 18 233 233 GLN GLN B . n 
B 1 19 MET 19 234 234 MET MET B . n 
B 1 20 ASN 20 235 235 ASN ASN B . n 
B 1 21 VAL 21 236 236 VAL VAL B . n 
B 1 22 GLN 22 237 237 GLN GLN B . n 
B 1 23 LEU 23 238 238 LEU LEU B . n 
B 1 24 ALA 24 239 239 ALA ALA B . n 
B 1 25 ALA 25 240 240 ALA ALA B . n 
B 1 26 LYS 26 241 241 LYS LYS B . n 
B 1 27 ILE 27 242 242 ILE ILE B . n 
B 1 28 GLN 28 243 243 GLN GLN B . n 
B 1 29 HIS 29 244 244 HIS HIS B . n 
B 1 30 LEU 30 245 245 LEU LEU B . n 
B 1 31 GLU 31 246 246 GLU GLU B . n 
B 1 32 PHE 32 247 247 PHE PHE B . n 
B 1 33 SER 33 248 248 SER SER B . n 
B 1 34 CYS 34 249 249 CYS CYS B . n 
B 1 35 SER 35 250 250 SER SER B . n 
B 1 36 GLU 36 251 251 GLU GLU B . n 
B 1 37 LYS 37 252 252 LYS LYS B . n 
B 1 38 GLU 38 253 253 GLU GLU B . n 
B 1 39 GLN 39 254 254 GLN GLN B . n 
B 1 40 GLU 40 255 255 GLU GLU B . n 
B 1 41 ILE 41 256 256 ILE ILE B . n 
B 1 42 GLU 42 257 257 GLU GLU B . n 
B 1 43 ARG 43 258 258 ARG ARG B . n 
B 1 44 LEU 44 259 259 LEU LEU B . n 
B 1 45 ASN 45 260 260 ASN ASN B . n 
B 1 46 LYS 46 261 261 LYS LYS B . n 
B 1 47 LEU 47 262 262 LEU LEU B . n 
B 1 48 LEU 48 263 263 LEU LEU B . n 
B 1 49 ARG 49 264 264 ARG ARG B . n 
B 1 50 GLN 50 265 265 GLN GLN B . n 
B 1 51 HIS 51 266 266 HIS HIS B . n 
B 1 52 GLY 52 267 ?   ?   ?   B . n 
B 1 53 LEU 53 268 ?   ?   ?   B . n 
B 1 54 LEU 54 269 ?   ?   ?   B . n 
B 1 55 GLY 55 270 ?   ?   ?   B . n 
B 1 56 GLU 56 271 ?   ?   ?   B . n 
B 1 57 VAL 57 272 ?   ?   ?   B . n 
B 1 58 ASN 58 273 ?   ?   ?   B . n 
C 1 1  GLY 1  216 ?   ?   ?   C . n 
C 1 2  PRO 2  217 ?   ?   ?   C . n 
C 1 3  LEU 3  218 ?   ?   ?   C . n 
C 1 4  GLY 4  219 ?   ?   ?   C . n 
C 1 5  SER 5  220 ?   ?   ?   C . n 
C 1 6  LYS 6  221 ?   ?   ?   C . n 
C 1 7  THR 7  222 ?   ?   ?   C . n 
C 1 8  ARG 8  223 ?   ?   ?   C . n 
C 1 9  SER 9  224 ?   ?   ?   C . n 
C 1 10 GLU 10 225 ?   ?   ?   C . n 
C 1 11 ARG 11 226 226 ARG ARG C . n 
C 1 12 GLN 12 227 227 GLN GLN C . n 
C 1 13 LEU 13 228 228 LEU LEU C . n 
C 1 14 LEU 14 229 229 LEU LEU C . n 
C 1 15 ARG 15 230 230 ARG ARG C . n 
C 1 16 LEU 16 231 231 LEU LEU C . n 
C 1 17 LYS 17 232 232 LYS LYS C . n 
C 1 18 GLN 18 233 233 GLN GLN C . n 
C 1 19 MET 19 234 234 MET MET C . n 
C 1 20 ASN 20 235 235 ASN ASN C . n 
C 1 21 VAL 21 236 236 VAL VAL C . n 
C 1 22 GLN 22 237 237 GLN GLN C . n 
C 1 23 LEU 23 238 238 LEU LEU C . n 
C 1 24 ALA 24 239 239 ALA ALA C . n 
C 1 25 ALA 25 240 240 ALA ALA C . n 
C 1 26 LYS 26 241 241 LYS LYS C . n 
C 1 27 ILE 27 242 242 ILE ILE C . n 
C 1 28 GLN 28 243 243 GLN GLN C . n 
C 1 29 HIS 29 244 244 HIS HIS C . n 
C 1 30 LEU 30 245 245 LEU LEU C . n 
C 1 31 GLU 31 246 246 GLU GLU C . n 
C 1 32 PHE 32 247 247 PHE PHE C . n 
C 1 33 SER 33 248 248 SER SER C . n 
C 1 34 CYS 34 249 249 CYS CYS C . n 
C 1 35 SER 35 250 250 SER SER C . n 
C 1 36 GLU 36 251 251 GLU GLU C . n 
C 1 37 LYS 37 252 252 LYS LYS C . n 
C 1 38 GLU 38 253 253 GLU GLU C . n 
C 1 39 GLN 39 254 254 GLN GLN C . n 
C 1 40 GLU 40 255 255 GLU GLU C . n 
C 1 41 ILE 41 256 256 ILE ILE C . n 
C 1 42 GLU 42 257 257 GLU GLU C . n 
C 1 43 ARG 43 258 258 ARG ARG C . n 
C 1 44 LEU 44 259 259 LEU LEU C . n 
C 1 45 ASN 45 260 260 ASN ASN C . n 
C 1 46 LYS 46 261 261 LYS LYS C . n 
C 1 47 LEU 47 262 262 LEU LEU C . n 
C 1 48 LEU 48 263 263 LEU LEU C . n 
C 1 49 ARG 49 264 264 ARG ARG C . n 
C 1 50 GLN 50 265 265 GLN GLN C . n 
C 1 51 HIS 51 266 266 HIS HIS C . n 
C 1 52 GLY 52 267 ?   ?   ?   C . n 
C 1 53 LEU 53 268 ?   ?   ?   C . n 
C 1 54 LEU 54 269 ?   ?   ?   C . n 
C 1 55 GLY 55 270 ?   ?   ?   C . n 
C 1 56 GLU 56 271 ?   ?   ?   C . n 
C 1 57 VAL 57 272 ?   ?   ?   C . n 
C 1 58 ASN 58 273 ?   ?   ?   C . n 
D 1 1  GLY 1  216 ?   ?   ?   D . n 
D 1 2  PRO 2  217 ?   ?   ?   D . n 
D 1 3  LEU 3  218 ?   ?   ?   D . n 
D 1 4  GLY 4  219 ?   ?   ?   D . n 
D 1 5  SER 5  220 ?   ?   ?   D . n 
D 1 6  LYS 6  221 ?   ?   ?   D . n 
D 1 7  THR 7  222 ?   ?   ?   D . n 
D 1 8  ARG 8  223 ?   ?   ?   D . n 
D 1 9  SER 9  224 ?   ?   ?   D . n 
D 1 10 GLU 10 225 ?   ?   ?   D . n 
D 1 11 ARG 11 226 226 ARG ARG D . n 
D 1 12 GLN 12 227 227 GLN GLN D . n 
D 1 13 LEU 13 228 228 LEU LEU D . n 
D 1 14 LEU 14 229 229 LEU LEU D . n 
D 1 15 ARG 15 230 230 ARG ARG D . n 
D 1 16 LEU 16 231 231 LEU LEU D . n 
D 1 17 LYS 17 232 232 LYS LYS D . n 
D 1 18 GLN 18 233 233 GLN GLN D . n 
D 1 19 MET 19 234 234 MET MET D . n 
D 1 20 ASN 20 235 235 ASN ASN D . n 
D 1 21 VAL 21 236 236 VAL VAL D . n 
D 1 22 GLN 22 237 237 GLN GLN D . n 
D 1 23 LEU 23 238 238 LEU LEU D . n 
D 1 24 ALA 24 239 239 ALA ALA D . n 
D 1 25 ALA 25 240 240 ALA ALA D . n 
D 1 26 LYS 26 241 241 LYS LYS D . n 
D 1 27 ILE 27 242 242 ILE ILE D . n 
D 1 28 GLN 28 243 243 GLN GLN D . n 
D 1 29 HIS 29 244 244 HIS HIS D . n 
D 1 30 LEU 30 245 245 LEU LEU D . n 
D 1 31 GLU 31 246 246 GLU GLU D . n 
D 1 32 PHE 32 247 247 PHE PHE D . n 
D 1 33 SER 33 248 248 SER SER D . n 
D 1 34 CYS 34 249 249 CYS CYS D . n 
D 1 35 SER 35 250 250 SER SER D . n 
D 1 36 GLU 36 251 251 GLU GLU D . n 
D 1 37 LYS 37 252 252 LYS LYS D . n 
D 1 38 GLU 38 253 253 GLU GLU D . n 
D 1 39 GLN 39 254 254 GLN GLN D . n 
D 1 40 GLU 40 255 255 GLU GLU D . n 
D 1 41 ILE 41 256 256 ILE ILE D . n 
D 1 42 GLU 42 257 257 GLU GLU D . n 
D 1 43 ARG 43 258 258 ARG ARG D . n 
D 1 44 LEU 44 259 259 LEU LEU D . n 
D 1 45 ASN 45 260 260 ASN ASN D . n 
D 1 46 LYS 46 261 261 LYS LYS D . n 
D 1 47 LEU 47 262 262 LEU LEU D . n 
D 1 48 LEU 48 263 263 LEU LEU D . n 
D 1 49 ARG 49 264 264 ARG ARG D . n 
D 1 50 GLN 50 265 265 GLN GLN D . n 
D 1 51 HIS 51 266 266 HIS HIS D . n 
D 1 52 GLY 52 267 ?   ?   ?   D . n 
D 1 53 LEU 53 268 ?   ?   ?   D . n 
D 1 54 LEU 54 269 ?   ?   ?   D . n 
D 1 55 GLY 55 270 ?   ?   ?   D . n 
D 1 56 GLU 56 271 ?   ?   ?   D . n 
D 1 57 VAL 57 272 ?   ?   ?   D . n 
D 1 58 ASN 58 273 ?   ?   ?   D . n 
# 
loop_
_pdbx_nonpoly_scheme.asym_id 
_pdbx_nonpoly_scheme.entity_id 
_pdbx_nonpoly_scheme.mon_id 
_pdbx_nonpoly_scheme.ndb_seq_num 
_pdbx_nonpoly_scheme.pdb_seq_num 
_pdbx_nonpoly_scheme.auth_seq_num 
_pdbx_nonpoly_scheme.pdb_mon_id 
_pdbx_nonpoly_scheme.auth_mon_id 
_pdbx_nonpoly_scheme.pdb_strand_id 
_pdbx_nonpoly_scheme.pdb_ins_code 
E 2 CL  1  1  1  CL  CL  A . 
F 2 CL  1  2  2  CL  CL  C . 
G 3 HOH 1  2  2  HOH HOH A . 
G 3 HOH 2  3  3  HOH HOH A . 
G 3 HOH 3  4  4  HOH HOH A . 
G 3 HOH 4  7  7  HOH HOH A . 
G 3 HOH 5  8  8  HOH HOH A . 
G 3 HOH 6  11 11 HOH HOH A . 
G 3 HOH 7  19 19 HOH HOH A . 
G 3 HOH 8  20 20 HOH HOH A . 
G 3 HOH 9  23 23 HOH HOH A . 
G 3 HOH 10 24 24 HOH HOH A . 
G 3 HOH 11 26 26 HOH HOH A . 
G 3 HOH 12 31 31 HOH HOH A . 
G 3 HOH 13 33 33 HOH HOH A . 
G 3 HOH 14 61 61 HOH HOH A . 
H 3 HOH 1  1  1  HOH HOH B . 
H 3 HOH 2  5  5  HOH HOH B . 
H 3 HOH 3  6  6  HOH HOH B . 
H 3 HOH 4  9  9  HOH HOH B . 
H 3 HOH 5  10 10 HOH HOH B . 
H 3 HOH 6  12 12 HOH HOH B . 
H 3 HOH 7  13 13 HOH HOH B . 
H 3 HOH 8  14 14 HOH HOH B . 
H 3 HOH 9  15 15 HOH HOH B . 
H 3 HOH 10 16 16 HOH HOH B . 
H 3 HOH 11 17 17 HOH HOH B . 
H 3 HOH 12 18 18 HOH HOH B . 
H 3 HOH 13 21 21 HOH HOH B . 
H 3 HOH 14 22 22 HOH HOH B . 
H 3 HOH 15 25 25 HOH HOH B . 
H 3 HOH 16 28 28 HOH HOH B . 
H 3 HOH 17 29 29 HOH HOH B . 
H 3 HOH 18 30 30 HOH HOH B . 
H 3 HOH 19 32 32 HOH HOH B . 
H 3 HOH 20 34 34 HOH HOH B . 
I 3 HOH 1  27 27 HOH HOH C . 
I 3 HOH 2  36 36 HOH HOH C . 
I 3 HOH 3  37 37 HOH HOH C . 
I 3 HOH 4  38 38 HOH HOH C . 
I 3 HOH 5  41 41 HOH HOH C . 
I 3 HOH 6  42 42 HOH HOH C . 
I 3 HOH 7  45 45 HOH HOH C . 
I 3 HOH 8  53 53 HOH HOH C . 
I 3 HOH 9  54 54 HOH HOH C . 
I 3 HOH 10 57 57 HOH HOH C . 
I 3 HOH 11 58 58 HOH HOH C . 
I 3 HOH 12 60 60 HOH HOH C . 
I 3 HOH 13 65 65 HOH HOH C . 
I 3 HOH 14 67 67 HOH HOH C . 
J 3 HOH 1  35 35 HOH HOH D . 
J 3 HOH 2  39 39 HOH HOH D . 
J 3 HOH 3  40 40 HOH HOH D . 
J 3 HOH 4  43 43 HOH HOH D . 
J 3 HOH 5  44 44 HOH HOH D . 
J 3 HOH 6  46 46 HOH HOH D . 
J 3 HOH 7  47 47 HOH HOH D . 
J 3 HOH 8  48 48 HOH HOH D . 
J 3 HOH 9  49 49 HOH HOH D . 
J 3 HOH 10 50 50 HOH HOH D . 
J 3 HOH 11 51 51 HOH HOH D . 
J 3 HOH 12 52 52 HOH HOH D . 
J 3 HOH 13 55 55 HOH HOH D . 
J 3 HOH 14 56 56 HOH HOH D . 
J 3 HOH 15 59 59 HOH HOH D . 
J 3 HOH 16 62 62 HOH HOH D . 
J 3 HOH 17 63 63 HOH HOH D . 
J 3 HOH 18 64 64 HOH HOH D . 
J 3 HOH 19 66 66 HOH HOH D . 
J 3 HOH 20 68 68 HOH HOH D . 
# 
loop_
_software.name 
_software.classification 
_software.version 
_software.citation_id 
_software.pdbx_ordinal 
REFMAC refinement        5.5.0066 ? 1 
ADSC   'data collection' Quantum  ? 2 
MOSFLM 'data reduction'  .        ? 3 
SCALA  'data scaling'    .        ? 4 
SOLVE  phasing           .        ? 5 
# 
_cell.entry_id           3A2A 
_cell.length_a           37.650 
_cell.length_b           37.650 
_cell.length_c           137.040 
_cell.angle_alpha        90.00 
_cell.angle_beta         90.00 
_cell.angle_gamma        90.00 
_cell.Z_PDB              16 
_cell.pdbx_unique_axis   ? 
_cell.length_a_esd       ? 
_cell.length_b_esd       ? 
_cell.length_c_esd       ? 
_cell.angle_alpha_esd    ? 
_cell.angle_beta_esd     ? 
_cell.angle_gamma_esd    ? 
# 
_symmetry.entry_id                         3A2A 
_symmetry.space_group_name_H-M             'P 43' 
_symmetry.pdbx_full_space_group_name_H-M   ? 
_symmetry.cell_setting                     ? 
_symmetry.Int_Tables_number                78 
_symmetry.space_group_name_Hall            ? 
# 
_exptl.entry_id          3A2A 
_exptl.method            'X-RAY DIFFRACTION' 
_exptl.crystals_number   1 
# 
_exptl_crystal.id                    1 
_exptl_crystal.density_meas          ? 
_exptl_crystal.density_Matthews      1.81 
_exptl_crystal.density_percent_sol   32.03 
_exptl_crystal.description           ? 
_exptl_crystal.F_000                 ? 
_exptl_crystal.preparation           ? 
# 
_exptl_crystal_grow.crystal_id      1 
_exptl_crystal_grow.method          'VAPOR DIFFUSION' 
_exptl_crystal_grow.temp            289 
_exptl_crystal_grow.temp_details    ? 
_exptl_crystal_grow.pH              5.0 
_exptl_crystal_grow.pdbx_details    '3.2M NaCl, 0.1M sodium citrate, pH 5.0, VAPOR DIFFUSION, temperature 289K' 
_exptl_crystal_grow.pdbx_pH_range   . 
# 
_diffrn.id                     1 
_diffrn.ambient_temp           95 
_diffrn.ambient_temp_details   ? 
_diffrn.crystal_id             1 
# 
_diffrn_detector.diffrn_id              1 
_diffrn_detector.detector               CCD 
_diffrn_detector.type                   'ADSC QUANTUM 270' 
_diffrn_detector.pdbx_collection_date   2009-02-03 
_diffrn_detector.details                ? 
# 
_diffrn_radiation.diffrn_id                        1 
_diffrn_radiation.wavelength_id                    1 
_diffrn_radiation.pdbx_monochromatic_or_laue_m_l   M 
_diffrn_radiation.monochromator                    ? 
_diffrn_radiation.pdbx_diffrn_protocol             'SINGLE WAVELENGTH' 
_diffrn_radiation.pdbx_scattering_type             x-ray 
# 
_diffrn_radiation_wavelength.id           1 
_diffrn_radiation_wavelength.wavelength   1.0 
_diffrn_radiation_wavelength.wt           1.0 
# 
_diffrn_source.diffrn_id                   1 
_diffrn_source.source                      SYNCHROTRON 
_diffrn_source.type                        'PHOTON FACTORY BEAMLINE BL-17A' 
_diffrn_source.pdbx_synchrotron_site       'Photon Factory' 
_diffrn_source.pdbx_synchrotron_beamline   BL-17A 
_diffrn_source.pdbx_wavelength             ? 
_diffrn_source.pdbx_wavelength_list        1.0 
# 
_reflns.entry_id                     3A2A 
_reflns.observed_criterion_sigma_F   ? 
_reflns.observed_criterion_sigma_I   ? 
_reflns.d_resolution_high            2.00 
_reflns.d_resolution_low             37.65 
_reflns.number_all                   ? 
_reflns.number_obs                   12915 
_reflns.percent_possible_obs         100 
_reflns.pdbx_Rmerge_I_obs            0.081 
_reflns.pdbx_Rsym_value              ? 
_reflns.pdbx_netI_over_sigmaI        12.0 
_reflns.B_iso_Wilson_estimate        43.48 
_reflns.pdbx_redundancy              6.2 
_reflns.R_free_details               ? 
_reflns.limit_h_max                  ? 
_reflns.limit_h_min                  ? 
_reflns.limit_k_max                  ? 
_reflns.limit_k_min                  ? 
_reflns.limit_l_max                  ? 
_reflns.limit_l_min                  ? 
_reflns.observed_criterion_F_max     ? 
_reflns.observed_criterion_F_min     ? 
_reflns.pdbx_chi_squared             ? 
_reflns.pdbx_scaling_rejects         ? 
_reflns.pdbx_diffrn_id               1 
_reflns.pdbx_ordinal                 1 
# 
_reflns_shell.d_res_high             2.00 
_reflns_shell.d_res_low              2.11 
_reflns_shell.percent_possible_all   100 
_reflns_shell.Rmerge_I_obs           0.323 
_reflns_shell.pdbx_Rsym_value        ? 
_reflns_shell.meanI_over_sigI_obs    4.5 
_reflns_shell.pdbx_redundancy        6.2 
_reflns_shell.percent_possible_obs   ? 
_reflns_shell.number_unique_all      ? 
_reflns_shell.number_measured_all    ? 
_reflns_shell.number_measured_obs    ? 
_reflns_shell.number_unique_obs      ? 
_reflns_shell.pdbx_chi_squared       ? 
_reflns_shell.pdbx_diffrn_id         ? 
_reflns_shell.pdbx_ordinal           1 
# 
_refine.entry_id                                 3A2A 
_refine.ls_number_reflns_obs                     12236 
_refine.ls_number_reflns_all                     ? 
_refine.pdbx_ls_sigma_I                          ? 
_refine.pdbx_ls_sigma_F                          ? 
_refine.pdbx_data_cutoff_high_absF               ? 
_refine.pdbx_data_cutoff_low_absF                ? 
_refine.pdbx_data_cutoff_high_rms_absF           ? 
_refine.ls_d_res_low                             37.65 
_refine.ls_d_res_high                            2.00 
_refine.ls_percent_reflns_obs                    99.98 
_refine.ls_R_factor_obs                          0.25259 
_refine.ls_R_factor_all                          ? 
_refine.ls_R_factor_R_work                       0.25191 
_refine.ls_R_factor_R_free                       0.26621 
_refine.ls_R_factor_R_free_error                 ? 
_refine.ls_R_factor_R_free_error_details         ? 
_refine.ls_percent_reflns_R_free                 4.9 
_refine.ls_number_reflns_R_free                  630 
_refine.ls_number_parameters                     ? 
_refine.ls_number_restraints                     ? 
_refine.occupancy_min                            ? 
_refine.occupancy_max                            ? 
_refine.correlation_coeff_Fo_to_Fc               0.919 
_refine.correlation_coeff_Fo_to_Fc_free          0.925 
_refine.B_iso_mean                               34.952 
_refine.aniso_B[1][1]                            3.47 
_refine.aniso_B[2][2]                            3.47 
_refine.aniso_B[3][3]                            -6.93 
_refine.aniso_B[1][2]                            0.00 
_refine.aniso_B[1][3]                            0.00 
_refine.aniso_B[2][3]                            0.00 
_refine.solvent_model_details                    MASK 
_refine.solvent_model_param_ksol                 ? 
_refine.solvent_model_param_bsol                 ? 
_refine.pdbx_solvent_vdw_probe_radii             1.40 
_refine.pdbx_solvent_ion_probe_radii             0.80 
_refine.pdbx_solvent_shrinkage_radii             0.80 
_refine.pdbx_ls_cross_valid_method               THROUGHOUT 
_refine.details                                  'HYDROGENS HAVE BEEN ADDED IN THE RIDING POSITIONS' 
_refine.pdbx_starting_model                      ? 
_refine.pdbx_method_to_determine_struct          MIR 
_refine.pdbx_isotropic_thermal_model             ? 
_refine.pdbx_stereochemistry_target_values       'MAXIMUM LIKELIHOOD' 
_refine.pdbx_stereochem_target_val_spec_case     ? 
_refine.pdbx_R_Free_selection_details            RANDOM 
_refine.pdbx_overall_ESU_R                       0.052 
_refine.pdbx_overall_ESU_R_Free                  0.040 
_refine.overall_SU_ML                            0.099 
_refine.overall_SU_B                             3.684 
_refine.ls_redundancy_reflns_obs                 ? 
_refine.B_iso_min                                ? 
_refine.B_iso_max                                ? 
_refine.overall_SU_R_Cruickshank_DPI             ? 
_refine.overall_SU_R_free                        ? 
_refine.ls_wR_factor_R_free                      ? 
_refine.ls_wR_factor_R_work                      ? 
_refine.overall_FOM_free_R_set                   ? 
_refine.overall_FOM_work_R_set                   ? 
_refine.pdbx_refine_id                           'X-RAY DIFFRACTION' 
_refine.pdbx_overall_phase_error                 ? 
_refine.pdbx_diffrn_id                           1 
_refine.pdbx_TLS_residual_ADP_flag               ? 
_refine.pdbx_overall_SU_R_free_Cruickshank_DPI   ? 
_refine.pdbx_overall_SU_R_Blow_DPI               ? 
_refine.pdbx_overall_SU_R_free_Blow_DPI          ? 
# 
_refine_hist.pdbx_refine_id                   'X-RAY DIFFRACTION' 
_refine_hist.cycle_id                         LAST 
_refine_hist.pdbx_number_atoms_protein        1396 
_refine_hist.pdbx_number_atoms_nucleic_acid   0 
_refine_hist.pdbx_number_atoms_ligand         2 
_refine_hist.number_atoms_solvent             68 
_refine_hist.number_atoms_total               1466 
_refine_hist.d_res_high                       2.00 
_refine_hist.d_res_low                        37.65 
# 
loop_
_refine_ls_restr.type 
_refine_ls_restr.dev_ideal 
_refine_ls_restr.dev_ideal_target 
_refine_ls_restr.weight 
_refine_ls_restr.number 
_refine_ls_restr.pdbx_refine_id 
_refine_ls_restr.pdbx_restraint_function 
r_bond_refined_d             0.030  0.021  ? 1406 'X-RAY DIFFRACTION' ? 
r_bond_other_d               ?      ?      ? ?    'X-RAY DIFFRACTION' ? 
r_angle_refined_deg          2.314  1.975  ? 1864 'X-RAY DIFFRACTION' ? 
r_angle_other_deg            ?      ?      ? ?    'X-RAY DIFFRACTION' ? 
r_dihedral_angle_1_deg       10.094 5.000  ? 160  'X-RAY DIFFRACTION' ? 
r_dihedral_angle_2_deg       31.997 24.500 ? 80   'X-RAY DIFFRACTION' ? 
r_dihedral_angle_3_deg       22.395 15.000 ? 328  'X-RAY DIFFRACTION' ? 
r_dihedral_angle_4_deg       18.676 15.000 ? 16   'X-RAY DIFFRACTION' ? 
r_chiral_restr               0.145  0.200  ? 208  'X-RAY DIFFRACTION' ? 
r_gen_planes_refined         0.010  0.020  ? 1004 'X-RAY DIFFRACTION' ? 
r_gen_planes_other           ?      ?      ? ?    'X-RAY DIFFRACTION' ? 
r_nbd_refined                ?      ?      ? ?    'X-RAY DIFFRACTION' ? 
r_nbd_other                  ?      ?      ? ?    'X-RAY DIFFRACTION' ? 
r_nbtor_refined              ?      ?      ? ?    'X-RAY DIFFRACTION' ? 
r_nbtor_other                ?      ?      ? ?    'X-RAY DIFFRACTION' ? 
r_xyhbond_nbd_refined        ?      ?      ? ?    'X-RAY DIFFRACTION' ? 
r_xyhbond_nbd_other          ?      ?      ? ?    'X-RAY DIFFRACTION' ? 
r_metal_ion_refined          ?      ?      ? ?    'X-RAY DIFFRACTION' ? 
r_metal_ion_other            ?      ?      ? ?    'X-RAY DIFFRACTION' ? 
r_symmetry_vdw_refined       ?      ?      ? ?    'X-RAY DIFFRACTION' ? 
r_symmetry_vdw_other         ?      ?      ? ?    'X-RAY DIFFRACTION' ? 
r_symmetry_hbond_refined     ?      ?      ? ?    'X-RAY DIFFRACTION' ? 
r_symmetry_hbond_other       ?      ?      ? ?    'X-RAY DIFFRACTION' ? 
r_symmetry_metal_ion_refined ?      ?      ? ?    'X-RAY DIFFRACTION' ? 
r_symmetry_metal_ion_other   ?      ?      ? ?    'X-RAY DIFFRACTION' ? 
r_mcbond_it                  1.633  1.500  ? 816  'X-RAY DIFFRACTION' ? 
r_mcbond_other               ?      ?      ? ?    'X-RAY DIFFRACTION' ? 
r_mcangle_it                 2.729  2.000  ? 1304 'X-RAY DIFFRACTION' ? 
r_scbond_it                  4.651  3.000  ? 590  'X-RAY DIFFRACTION' ? 
r_scangle_it                 7.208  4.500  ? 560  'X-RAY DIFFRACTION' ? 
r_rigid_bond_restr           ?      ?      ? ?    'X-RAY DIFFRACTION' ? 
r_sphericity_free            ?      ?      ? ?    'X-RAY DIFFRACTION' ? 
r_sphericity_bonded          ?      ?      ? ?    'X-RAY DIFFRACTION' ? 
# 
_refine_ls_shell.pdbx_total_number_of_bins_used   20 
_refine_ls_shell.d_res_high                       2.000 
_refine_ls_shell.d_res_low                        2.052 
_refine_ls_shell.number_reflns_R_work             930 
_refine_ls_shell.R_factor_R_work                  0.27 
_refine_ls_shell.percent_reflns_obs               99.80 
_refine_ls_shell.R_factor_R_free                  0.345 
_refine_ls_shell.R_factor_R_free_error            ? 
_refine_ls_shell.percent_reflns_R_free            ? 
_refine_ls_shell.number_reflns_R_free             50 
_refine_ls_shell.number_reflns_all                ? 
_refine_ls_shell.R_factor_all                     ? 
_refine_ls_shell.number_reflns_obs                ? 
_refine_ls_shell.redundancy_reflns_obs            ? 
_refine_ls_shell.pdbx_refine_id                   'X-RAY DIFFRACTION' 
# 
_struct.entry_id                  3A2A 
_struct.title                     'The structure of the carboxyl-terminal domain of the human voltage-gated proton channel Hv1' 
_struct.pdbx_model_details        ? 
_struct.pdbx_CASP_flag            ? 
_struct.pdbx_model_type_details   ? 
# 
_struct_keywords.entry_id        3A2A 
_struct_keywords.pdbx_keywords   'TRANSPORT PROTEIN' 
_struct_keywords.text            
;voltage-gated proton channel, Alternative splicing, Coiled coil, Ion transport, Ionic channel, Membrane, Transmembrane, Transport, Voltage-gated channel, TRANSPORT PROTEIN
;
# 
loop_
_struct_asym.id 
_struct_asym.pdbx_blank_PDB_chainid_flag 
_struct_asym.pdbx_modified 
_struct_asym.entity_id 
_struct_asym.details 
A N N 1 ? 
B N N 1 ? 
C N N 1 ? 
D N N 1 ? 
E N N 2 ? 
F N N 2 ? 
G N N 3 ? 
H N N 3 ? 
I N N 3 ? 
J N N 3 ? 
# 
_struct_ref.id                         1 
_struct_ref.db_name                    UNP 
_struct_ref.db_code                    HVCN1_HUMAN 
_struct_ref.pdbx_db_accession          Q96D96 
_struct_ref.entity_id                  1 
_struct_ref.pdbx_seq_one_letter_code   KTRSERQLLRLKQMNVQLAAKIQHLEFSCSEKEQEIERLNKLLRQHGLLGEVN 
_struct_ref.pdbx_align_begin           221 
_struct_ref.pdbx_db_isoform            ? 
# 
loop_
_struct_ref_seq.align_id 
_struct_ref_seq.ref_id 
_struct_ref_seq.pdbx_PDB_id_code 
_struct_ref_seq.pdbx_strand_id 
_struct_ref_seq.seq_align_beg 
_struct_ref_seq.pdbx_seq_align_beg_ins_code 
_struct_ref_seq.seq_align_end 
_struct_ref_seq.pdbx_seq_align_end_ins_code 
_struct_ref_seq.pdbx_db_accession 
_struct_ref_seq.db_align_beg 
_struct_ref_seq.pdbx_db_align_beg_ins_code 
_struct_ref_seq.db_align_end 
_struct_ref_seq.pdbx_db_align_end_ins_code 
_struct_ref_seq.pdbx_auth_seq_align_beg 
_struct_ref_seq.pdbx_auth_seq_align_end 
1 1 3A2A A 6 ? 58 ? Q96D96 221 ? 273 ? 221 273 
2 1 3A2A B 6 ? 58 ? Q96D96 221 ? 273 ? 221 273 
3 1 3A2A C 6 ? 58 ? Q96D96 221 ? 273 ? 221 273 
4 1 3A2A D 6 ? 58 ? Q96D96 221 ? 273 ? 221 273 
# 
loop_
_struct_ref_seq_dif.align_id 
_struct_ref_seq_dif.pdbx_pdb_id_code 
_struct_ref_seq_dif.mon_id 
_struct_ref_seq_dif.pdbx_pdb_strand_id 
_struct_ref_seq_dif.seq_num 
_struct_ref_seq_dif.pdbx_pdb_ins_code 
_struct_ref_seq_dif.pdbx_seq_db_name 
_struct_ref_seq_dif.pdbx_seq_db_accession_code 
_struct_ref_seq_dif.db_mon_id 
_struct_ref_seq_dif.pdbx_seq_db_seq_num 
_struct_ref_seq_dif.details 
_struct_ref_seq_dif.pdbx_auth_seq_num 
_struct_ref_seq_dif.pdbx_ordinal 
1 3A2A GLY A 1 ? UNP Q96D96 ? ? 'expression tag' 216 1  
1 3A2A PRO A 2 ? UNP Q96D96 ? ? 'expression tag' 217 2  
1 3A2A LEU A 3 ? UNP Q96D96 ? ? 'expression tag' 218 3  
1 3A2A GLY A 4 ? UNP Q96D96 ? ? 'expression tag' 219 4  
1 3A2A SER A 5 ? UNP Q96D96 ? ? 'expression tag' 220 5  
2 3A2A GLY B 1 ? UNP Q96D96 ? ? 'expression tag' 216 6  
2 3A2A PRO B 2 ? UNP Q96D96 ? ? 'expression tag' 217 7  
2 3A2A LEU B 3 ? UNP Q96D96 ? ? 'expression tag' 218 8  
2 3A2A GLY B 4 ? UNP Q96D96 ? ? 'expression tag' 219 9  
2 3A2A SER B 5 ? UNP Q96D96 ? ? 'expression tag' 220 10 
3 3A2A GLY C 1 ? UNP Q96D96 ? ? 'expression tag' 216 11 
3 3A2A PRO C 2 ? UNP Q96D96 ? ? 'expression tag' 217 12 
3 3A2A LEU C 3 ? UNP Q96D96 ? ? 'expression tag' 218 13 
3 3A2A GLY C 4 ? UNP Q96D96 ? ? 'expression tag' 219 14 
3 3A2A SER C 5 ? UNP Q96D96 ? ? 'expression tag' 220 15 
4 3A2A GLY D 1 ? UNP Q96D96 ? ? 'expression tag' 216 16 
4 3A2A PRO D 2 ? UNP Q96D96 ? ? 'expression tag' 217 17 
4 3A2A LEU D 3 ? UNP Q96D96 ? ? 'expression tag' 218 18 
4 3A2A GLY D 4 ? UNP Q96D96 ? ? 'expression tag' 219 19 
4 3A2A SER D 5 ? UNP Q96D96 ? ? 'expression tag' 220 20 
# 
loop_
_pdbx_struct_assembly.id 
_pdbx_struct_assembly.details 
_pdbx_struct_assembly.method_details 
_pdbx_struct_assembly.oligomeric_details 
_pdbx_struct_assembly.oligomeric_count 
1 author_and_software_defined_assembly PISA dimeric 2 
2 author_and_software_defined_assembly PISA dimeric 2 
# 
loop_
_pdbx_struct_assembly_prop.biol_id 
_pdbx_struct_assembly_prop.type 
_pdbx_struct_assembly_prop.value 
_pdbx_struct_assembly_prop.details 
1 'ABSA (A^2)' 2130 ? 
1 MORE         -25  ? 
1 'SSA (A^2)'  6620 ? 
2 'ABSA (A^2)' 2130 ? 
2 MORE         -25  ? 
2 'SSA (A^2)'  6620 ? 
# 
loop_
_pdbx_struct_assembly_gen.assembly_id 
_pdbx_struct_assembly_gen.oper_expression 
_pdbx_struct_assembly_gen.asym_id_list 
1 1 A,B,E,G,H 
2 1 C,D,F,I,J 
# 
_pdbx_struct_oper_list.id                   1 
_pdbx_struct_oper_list.type                 'identity operation' 
_pdbx_struct_oper_list.name                 1_555 
_pdbx_struct_oper_list.symmetry_operation   x,y,z 
_pdbx_struct_oper_list.matrix[1][1]         1.0000000000 
_pdbx_struct_oper_list.matrix[1][2]         0.0000000000 
_pdbx_struct_oper_list.matrix[1][3]         0.0000000000 
_pdbx_struct_oper_list.vector[1]            0.0000000000 
_pdbx_struct_oper_list.matrix[2][1]         0.0000000000 
_pdbx_struct_oper_list.matrix[2][2]         1.0000000000 
_pdbx_struct_oper_list.matrix[2][3]         0.0000000000 
_pdbx_struct_oper_list.vector[2]            0.0000000000 
_pdbx_struct_oper_list.matrix[3][1]         0.0000000000 
_pdbx_struct_oper_list.matrix[3][2]         0.0000000000 
_pdbx_struct_oper_list.matrix[3][3]         1.0000000000 
_pdbx_struct_oper_list.vector[3]            0.0000000000 
# 
_struct_biol.id        1 
_struct_biol.details   ? 
# 
loop_
_struct_conf.conf_type_id 
_struct_conf.id 
_struct_conf.pdbx_PDB_helix_id 
_struct_conf.beg_label_comp_id 
_struct_conf.beg_label_asym_id 
_struct_conf.beg_label_seq_id 
_struct_conf.pdbx_beg_PDB_ins_code 
_struct_conf.end_label_comp_id 
_struct_conf.end_label_asym_id 
_struct_conf.end_label_seq_id 
_struct_conf.pdbx_end_PDB_ins_code 
_struct_conf.beg_auth_comp_id 
_struct_conf.beg_auth_asym_id 
_struct_conf.beg_auth_seq_id 
_struct_conf.end_auth_comp_id 
_struct_conf.end_auth_asym_id 
_struct_conf.end_auth_seq_id 
_struct_conf.pdbx_PDB_helix_class 
_struct_conf.details 
_struct_conf.pdbx_PDB_helix_length 
HELX_P HELX_P1 1 ARG A 11 ? HIS A 51 ? ARG A 226 HIS A 266 1 ? 41 
HELX_P HELX_P2 2 ARG B 11 ? HIS B 51 ? ARG B 226 HIS B 266 1 ? 41 
HELX_P HELX_P3 3 ARG C 11 ? HIS C 51 ? ARG C 226 HIS C 266 1 ? 41 
HELX_P HELX_P4 4 ARG D 11 ? HIS D 51 ? ARG D 226 HIS D 266 1 ? 41 
# 
_struct_conf_type.id          HELX_P 
_struct_conf_type.criteria    ? 
_struct_conf_type.reference   ? 
# 
loop_
_struct_conn.id 
_struct_conn.conn_type_id 
_struct_conn.pdbx_leaving_atom_flag 
_struct_conn.pdbx_PDB_id 
_struct_conn.ptnr1_label_asym_id 
_struct_conn.ptnr1_label_comp_id 
_struct_conn.ptnr1_label_seq_id 
_struct_conn.ptnr1_label_atom_id 
_struct_conn.pdbx_ptnr1_label_alt_id 
_struct_conn.pdbx_ptnr1_PDB_ins_code 
_struct_conn.pdbx_ptnr1_standard_comp_id 
_struct_conn.ptnr1_symmetry 
_struct_conn.ptnr2_label_asym_id 
_struct_conn.ptnr2_label_comp_id 
_struct_conn.ptnr2_label_seq_id 
_struct_conn.ptnr2_label_atom_id 
_struct_conn.pdbx_ptnr2_label_alt_id 
_struct_conn.pdbx_ptnr2_PDB_ins_code 
_struct_conn.ptnr1_auth_asym_id 
_struct_conn.ptnr1_auth_comp_id 
_struct_conn.ptnr1_auth_seq_id 
_struct_conn.ptnr2_auth_asym_id 
_struct_conn.ptnr2_auth_comp_id 
_struct_conn.ptnr2_auth_seq_id 
_struct_conn.ptnr2_symmetry 
_struct_conn.pdbx_ptnr3_label_atom_id 
_struct_conn.pdbx_ptnr3_label_seq_id 
_struct_conn.pdbx_ptnr3_label_comp_id 
_struct_conn.pdbx_ptnr3_label_asym_id 
_struct_conn.pdbx_ptnr3_label_alt_id 
_struct_conn.pdbx_ptnr3_PDB_ins_code 
_struct_conn.details 
_struct_conn.pdbx_dist_value 
_struct_conn.pdbx_value_order 
_struct_conn.pdbx_role 
disulf1 disulf ? ? A CYS 34 SG ? ? ? 1_555 B CYS 34 SG ? ? A CYS 249 B CYS 249 1_555 ? ? ? ? ? ? ? 2.005 ? ? 
disulf2 disulf ? ? C CYS 34 SG ? ? ? 1_555 D CYS 34 SG ? ? C CYS 249 D CYS 249 1_555 ? ? ? ? ? ? ? 2.036 ? ? 
# 
_struct_conn_type.id          disulf 
_struct_conn_type.criteria    ? 
_struct_conn_type.reference   ? 
# 
loop_
_pdbx_modification_feature.ordinal 
_pdbx_modification_feature.label_comp_id 
_pdbx_modification_feature.label_asym_id 
_pdbx_modification_feature.label_seq_id 
_pdbx_modification_feature.label_alt_id 
_pdbx_modification_feature.modified_residue_label_comp_id 
_pdbx_modification_feature.modified_residue_label_asym_id 
_pdbx_modification_feature.modified_residue_label_seq_id 
_pdbx_modification_feature.modified_residue_label_alt_id 
_pdbx_modification_feature.auth_comp_id 
_pdbx_modification_feature.auth_asym_id 
_pdbx_modification_feature.auth_seq_id 
_pdbx_modification_feature.PDB_ins_code 
_pdbx_modification_feature.symmetry 
_pdbx_modification_feature.modified_residue_auth_comp_id 
_pdbx_modification_feature.modified_residue_auth_asym_id 
_pdbx_modification_feature.modified_residue_auth_seq_id 
_pdbx_modification_feature.modified_residue_PDB_ins_code 
_pdbx_modification_feature.modified_residue_symmetry 
_pdbx_modification_feature.comp_id_linking_atom 
_pdbx_modification_feature.modified_residue_id_linking_atom 
_pdbx_modification_feature.modified_residue_id 
_pdbx_modification_feature.ref_pcm_id 
_pdbx_modification_feature.ref_comp_id 
_pdbx_modification_feature.type 
_pdbx_modification_feature.category 
1 CYS A 34 ? CYS B 34 ? CYS A 249 ? 1_555 CYS B 249 ? 1_555 SG SG . . . None 'Disulfide bridge' 
2 CYS C 34 ? CYS D 34 ? CYS C 249 ? 1_555 CYS D 249 ? 1_555 SG SG . . . None 'Disulfide bridge' 
# 
loop_
_struct_site.id 
_struct_site.pdbx_evidence_code 
_struct_site.pdbx_auth_asym_id 
_struct_site.pdbx_auth_comp_id 
_struct_site.pdbx_auth_seq_id 
_struct_site.pdbx_auth_ins_code 
_struct_site.pdbx_num_residues 
_struct_site.details 
AC1 Software A CL 1 ? 4 'BINDING SITE FOR RESIDUE CL A 1' 
AC2 Software C CL 2 ? 4 'BINDING SITE FOR RESIDUE CL C 2' 
# 
loop_
_struct_site_gen.id 
_struct_site_gen.site_id 
_struct_site_gen.pdbx_num_res 
_struct_site_gen.label_comp_id 
_struct_site_gen.label_asym_id 
_struct_site_gen.label_seq_id 
_struct_site_gen.pdbx_auth_ins_code 
_struct_site_gen.auth_comp_id 
_struct_site_gen.auth_asym_id 
_struct_site_gen.auth_seq_id 
_struct_site_gen.label_atom_id 
_struct_site_gen.label_alt_id 
_struct_site_gen.symmetry 
_struct_site_gen.details 
1 AC1 4 ASN A 45 ? ASN A 260 . ? 1_555 ? 
2 AC1 4 ARG A 49 ? ARG A 264 . ? 1_555 ? 
3 AC1 4 ASN C 45 ? ASN C 260 . ? 3_564 ? 
4 AC1 4 ARG C 49 ? ARG C 264 . ? 3_564 ? 
5 AC2 4 ASN A 45 ? ASN A 260 . ? 4_455 ? 
6 AC2 4 ARG A 49 ? ARG A 264 . ? 4_455 ? 
7 AC2 4 ASN C 45 ? ASN C 260 . ? 1_555 ? 
8 AC2 4 ARG C 49 ? ARG C 264 . ? 1_555 ? 
# 
_pdbx_entry_details.entry_id                   3A2A 
_pdbx_entry_details.compound_details           ? 
_pdbx_entry_details.source_details             ? 
_pdbx_entry_details.nonpolymer_details         ? 
_pdbx_entry_details.sequence_details           ? 
_pdbx_entry_details.has_ligand_of_interest     ? 
_pdbx_entry_details.has_protein_modification   Y 
# 
loop_
_pdbx_validate_close_contact.id 
_pdbx_validate_close_contact.PDB_model_num 
_pdbx_validate_close_contact.auth_atom_id_1 
_pdbx_validate_close_contact.auth_asym_id_1 
_pdbx_validate_close_contact.auth_comp_id_1 
_pdbx_validate_close_contact.auth_seq_id_1 
_pdbx_validate_close_contact.PDB_ins_code_1 
_pdbx_validate_close_contact.label_alt_id_1 
_pdbx_validate_close_contact.auth_atom_id_2 
_pdbx_validate_close_contact.auth_asym_id_2 
_pdbx_validate_close_contact.auth_comp_id_2 
_pdbx_validate_close_contact.auth_seq_id_2 
_pdbx_validate_close_contact.PDB_ins_code_2 
_pdbx_validate_close_contact.label_alt_id_2 
_pdbx_validate_close_contact.dist 
1 1 NH1 D ARG 264 ? ? O D HOH 50 ? ? 2.02 
2 1 NH1 B ARG 264 ? ? O B HOH 16 ? ? 2.07 
# 
loop_
_pdbx_validate_rmsd_bond.id 
_pdbx_validate_rmsd_bond.PDB_model_num 
_pdbx_validate_rmsd_bond.auth_atom_id_1 
_pdbx_validate_rmsd_bond.auth_asym_id_1 
_pdbx_validate_rmsd_bond.auth_comp_id_1 
_pdbx_validate_rmsd_bond.auth_seq_id_1 
_pdbx_validate_rmsd_bond.PDB_ins_code_1 
_pdbx_validate_rmsd_bond.label_alt_id_1 
_pdbx_validate_rmsd_bond.auth_atom_id_2 
_pdbx_validate_rmsd_bond.auth_asym_id_2 
_pdbx_validate_rmsd_bond.auth_comp_id_2 
_pdbx_validate_rmsd_bond.auth_seq_id_2 
_pdbx_validate_rmsd_bond.PDB_ins_code_2 
_pdbx_validate_rmsd_bond.label_alt_id_2 
_pdbx_validate_rmsd_bond.bond_value 
_pdbx_validate_rmsd_bond.bond_target_value 
_pdbx_validate_rmsd_bond.bond_deviation 
_pdbx_validate_rmsd_bond.bond_standard_deviation 
_pdbx_validate_rmsd_bond.linker_flag 
1 1 CB A CYS 249 ? ? SG A CYS 249 ? ? 1.971 1.818 0.153 0.017 N 
2 1 CB C CYS 249 ? ? SG C CYS 249 ? ? 1.966 1.818 0.148 0.017 N 
# 
loop_
_pdbx_validate_rmsd_angle.id 
_pdbx_validate_rmsd_angle.PDB_model_num 
_pdbx_validate_rmsd_angle.auth_atom_id_1 
_pdbx_validate_rmsd_angle.auth_asym_id_1 
_pdbx_validate_rmsd_angle.auth_comp_id_1 
_pdbx_validate_rmsd_angle.auth_seq_id_1 
_pdbx_validate_rmsd_angle.PDB_ins_code_1 
_pdbx_validate_rmsd_angle.label_alt_id_1 
_pdbx_validate_rmsd_angle.auth_atom_id_2 
_pdbx_validate_rmsd_angle.auth_asym_id_2 
_pdbx_validate_rmsd_angle.auth_comp_id_2 
_pdbx_validate_rmsd_angle.auth_seq_id_2 
_pdbx_validate_rmsd_angle.PDB_ins_code_2 
_pdbx_validate_rmsd_angle.label_alt_id_2 
_pdbx_validate_rmsd_angle.auth_atom_id_3 
_pdbx_validate_rmsd_angle.auth_asym_id_3 
_pdbx_validate_rmsd_angle.auth_comp_id_3 
_pdbx_validate_rmsd_angle.auth_seq_id_3 
_pdbx_validate_rmsd_angle.PDB_ins_code_3 
_pdbx_validate_rmsd_angle.label_alt_id_3 
_pdbx_validate_rmsd_angle.angle_value 
_pdbx_validate_rmsd_angle.angle_target_value 
_pdbx_validate_rmsd_angle.angle_deviation 
_pdbx_validate_rmsd_angle.angle_standard_deviation 
_pdbx_validate_rmsd_angle.linker_flag 
1 1 NE A ARG 230 ? ? CZ A ARG 230 ? ? NH2 A ARG 230 ? ? 116.94 120.30 -3.36 0.50 N 
2 1 CA B LEU 263 ? ? CB B LEU 263 ? ? CG  B LEU 263 ? ? 134.84 115.30 19.54 2.30 N 
3 1 NE C ARG 230 ? ? CZ C ARG 230 ? ? NH2 C ARG 230 ? ? 116.65 120.30 -3.65 0.50 N 
4 1 CA D LEU 263 ? ? CB D LEU 263 ? ? CG  D LEU 263 ? ? 133.73 115.30 18.43 2.30 N 
# 
loop_
_pdbx_validate_torsion.id 
_pdbx_validate_torsion.PDB_model_num 
_pdbx_validate_torsion.auth_comp_id 
_pdbx_validate_torsion.auth_asym_id 
_pdbx_validate_torsion.auth_seq_id 
_pdbx_validate_torsion.PDB_ins_code 
_pdbx_validate_torsion.label_alt_id 
_pdbx_validate_torsion.phi 
_pdbx_validate_torsion.psi 
1 1 LEU B 228 ? ? -67.32  10.17  
2 1 LEU B 229 ? ? -168.09 6.09   
3 1 ARG B 230 ? ? 7.30    -82.82 
4 1 LEU D 228 ? ? -65.73  9.94   
5 1 LEU D 229 ? ? -169.03 7.69   
6 1 ARG D 230 ? ? 8.29    -84.18 
# 
loop_
_pdbx_validate_peptide_omega.id 
_pdbx_validate_peptide_omega.PDB_model_num 
_pdbx_validate_peptide_omega.auth_comp_id_1 
_pdbx_validate_peptide_omega.auth_asym_id_1 
_pdbx_validate_peptide_omega.auth_seq_id_1 
_pdbx_validate_peptide_omega.PDB_ins_code_1 
_pdbx_validate_peptide_omega.label_alt_id_1 
_pdbx_validate_peptide_omega.auth_comp_id_2 
_pdbx_validate_peptide_omega.auth_asym_id_2 
_pdbx_validate_peptide_omega.auth_seq_id_2 
_pdbx_validate_peptide_omega.PDB_ins_code_2 
_pdbx_validate_peptide_omega.label_alt_id_2 
_pdbx_validate_peptide_omega.omega 
1 1 LEU B 229 ? ? ARG B 230 ? ? 71.68 
2 1 LEU D 229 ? ? ARG D 230 ? ? 69.87 
# 
loop_
_pdbx_unobs_or_zero_occ_residues.id 
_pdbx_unobs_or_zero_occ_residues.PDB_model_num 
_pdbx_unobs_or_zero_occ_residues.polymer_flag 
_pdbx_unobs_or_zero_occ_residues.occupancy_flag 
_pdbx_unobs_or_zero_occ_residues.auth_asym_id 
_pdbx_unobs_or_zero_occ_residues.auth_comp_id 
_pdbx_unobs_or_zero_occ_residues.auth_seq_id 
_pdbx_unobs_or_zero_occ_residues.PDB_ins_code 
_pdbx_unobs_or_zero_occ_residues.label_asym_id 
_pdbx_unobs_or_zero_occ_residues.label_comp_id 
_pdbx_unobs_or_zero_occ_residues.label_seq_id 
1  1 Y 1 A GLY 216 ? A GLY 1  
2  1 Y 1 A PRO 217 ? A PRO 2  
3  1 Y 1 A LEU 218 ? A LEU 3  
4  1 Y 1 A GLY 219 ? A GLY 4  
5  1 Y 1 A SER 220 ? A SER 5  
6  1 Y 1 A LYS 221 ? A LYS 6  
7  1 Y 1 A THR 222 ? A THR 7  
8  1 Y 1 A ARG 223 ? A ARG 8  
9  1 Y 1 A SER 224 ? A SER 9  
10 1 Y 1 A GLU 225 ? A GLU 10 
11 1 Y 1 A GLY 267 ? A GLY 52 
12 1 Y 1 A LEU 268 ? A LEU 53 
13 1 Y 1 A LEU 269 ? A LEU 54 
14 1 Y 1 A GLY 270 ? A GLY 55 
15 1 Y 1 A GLU 271 ? A GLU 56 
16 1 Y 1 A VAL 272 ? A VAL 57 
17 1 Y 1 A ASN 273 ? A ASN 58 
18 1 Y 1 B GLY 216 ? B GLY 1  
19 1 Y 1 B PRO 217 ? B PRO 2  
20 1 Y 1 B LEU 218 ? B LEU 3  
21 1 Y 1 B GLY 219 ? B GLY 4  
22 1 Y 1 B SER 220 ? B SER 5  
23 1 Y 1 B LYS 221 ? B LYS 6  
24 1 Y 1 B THR 222 ? B THR 7  
25 1 Y 1 B ARG 223 ? B ARG 8  
26 1 Y 1 B SER 224 ? B SER 9  
27 1 Y 1 B GLU 225 ? B GLU 10 
28 1 Y 1 B GLY 267 ? B GLY 52 
29 1 Y 1 B LEU 268 ? B LEU 53 
30 1 Y 1 B LEU 269 ? B LEU 54 
31 1 Y 1 B GLY 270 ? B GLY 55 
32 1 Y 1 B GLU 271 ? B GLU 56 
33 1 Y 1 B VAL 272 ? B VAL 57 
34 1 Y 1 B ASN 273 ? B ASN 58 
35 1 Y 1 C GLY 216 ? C GLY 1  
36 1 Y 1 C PRO 217 ? C PRO 2  
37 1 Y 1 C LEU 218 ? C LEU 3  
38 1 Y 1 C GLY 219 ? C GLY 4  
39 1 Y 1 C SER 220 ? C SER 5  
40 1 Y 1 C LYS 221 ? C LYS 6  
41 1 Y 1 C THR 222 ? C THR 7  
42 1 Y 1 C ARG 223 ? C ARG 8  
43 1 Y 1 C SER 224 ? C SER 9  
44 1 Y 1 C GLU 225 ? C GLU 10 
45 1 Y 1 C GLY 267 ? C GLY 52 
46 1 Y 1 C LEU 268 ? C LEU 53 
47 1 Y 1 C LEU 269 ? C LEU 54 
48 1 Y 1 C GLY 270 ? C GLY 55 
49 1 Y 1 C GLU 271 ? C GLU 56 
50 1 Y 1 C VAL 272 ? C VAL 57 
51 1 Y 1 C ASN 273 ? C ASN 58 
52 1 Y 1 D GLY 216 ? D GLY 1  
53 1 Y 1 D PRO 217 ? D PRO 2  
54 1 Y 1 D LEU 218 ? D LEU 3  
55 1 Y 1 D GLY 219 ? D GLY 4  
56 1 Y 1 D SER 220 ? D SER 5  
57 1 Y 1 D LYS 221 ? D LYS 6  
58 1 Y 1 D THR 222 ? D THR 7  
59 1 Y 1 D ARG 223 ? D ARG 8  
60 1 Y 1 D SER 224 ? D SER 9  
61 1 Y 1 D GLU 225 ? D GLU 10 
62 1 Y 1 D GLY 267 ? D GLY 52 
63 1 Y 1 D LEU 268 ? D LEU 53 
64 1 Y 1 D LEU 269 ? D LEU 54 
65 1 Y 1 D GLY 270 ? D GLY 55 
66 1 Y 1 D GLU 271 ? D GLU 56 
67 1 Y 1 D VAL 272 ? D VAL 57 
68 1 Y 1 D ASN 273 ? D ASN 58 
# 
loop_
_chem_comp_atom.comp_id 
_chem_comp_atom.atom_id 
_chem_comp_atom.type_symbol 
_chem_comp_atom.pdbx_aromatic_flag 
_chem_comp_atom.pdbx_stereo_config 
_chem_comp_atom.pdbx_ordinal 
ALA N    N  N N 1   
ALA CA   C  N S 2   
ALA C    C  N N 3   
ALA O    O  N N 4   
ALA CB   C  N N 5   
ALA OXT  O  N N 6   
ALA H    H  N N 7   
ALA H2   H  N N 8   
ALA HA   H  N N 9   
ALA HB1  H  N N 10  
ALA HB2  H  N N 11  
ALA HB3  H  N N 12  
ALA HXT  H  N N 13  
ARG N    N  N N 14  
ARG CA   C  N S 15  
ARG C    C  N N 16  
ARG O    O  N N 17  
ARG CB   C  N N 18  
ARG CG   C  N N 19  
ARG CD   C  N N 20  
ARG NE   N  N N 21  
ARG CZ   C  N N 22  
ARG NH1  N  N N 23  
ARG NH2  N  N N 24  
ARG OXT  O  N N 25  
ARG H    H  N N 26  
ARG H2   H  N N 27  
ARG HA   H  N N 28  
ARG HB2  H  N N 29  
ARG HB3  H  N N 30  
ARG HG2  H  N N 31  
ARG HG3  H  N N 32  
ARG HD2  H  N N 33  
ARG HD3  H  N N 34  
ARG HE   H  N N 35  
ARG HH11 H  N N 36  
ARG HH12 H  N N 37  
ARG HH21 H  N N 38  
ARG HH22 H  N N 39  
ARG HXT  H  N N 40  
ASN N    N  N N 41  
ASN CA   C  N S 42  
ASN C    C  N N 43  
ASN O    O  N N 44  
ASN CB   C  N N 45  
ASN CG   C  N N 46  
ASN OD1  O  N N 47  
ASN ND2  N  N N 48  
ASN OXT  O  N N 49  
ASN H    H  N N 50  
ASN H2   H  N N 51  
ASN HA   H  N N 52  
ASN HB2  H  N N 53  
ASN HB3  H  N N 54  
ASN HD21 H  N N 55  
ASN HD22 H  N N 56  
ASN HXT  H  N N 57  
CL  CL   CL N N 58  
CYS N    N  N N 59  
CYS CA   C  N R 60  
CYS C    C  N N 61  
CYS O    O  N N 62  
CYS CB   C  N N 63  
CYS SG   S  N N 64  
CYS OXT  O  N N 65  
CYS H    H  N N 66  
CYS H2   H  N N 67  
CYS HA   H  N N 68  
CYS HB2  H  N N 69  
CYS HB3  H  N N 70  
CYS HG   H  N N 71  
CYS HXT  H  N N 72  
GLN N    N  N N 73  
GLN CA   C  N S 74  
GLN C    C  N N 75  
GLN O    O  N N 76  
GLN CB   C  N N 77  
GLN CG   C  N N 78  
GLN CD   C  N N 79  
GLN OE1  O  N N 80  
GLN NE2  N  N N 81  
GLN OXT  O  N N 82  
GLN H    H  N N 83  
GLN H2   H  N N 84  
GLN HA   H  N N 85  
GLN HB2  H  N N 86  
GLN HB3  H  N N 87  
GLN HG2  H  N N 88  
GLN HG3  H  N N 89  
GLN HE21 H  N N 90  
GLN HE22 H  N N 91  
GLN HXT  H  N N 92  
GLU N    N  N N 93  
GLU CA   C  N S 94  
GLU C    C  N N 95  
GLU O    O  N N 96  
GLU CB   C  N N 97  
GLU CG   C  N N 98  
GLU CD   C  N N 99  
GLU OE1  O  N N 100 
GLU OE2  O  N N 101 
GLU OXT  O  N N 102 
GLU H    H  N N 103 
GLU H2   H  N N 104 
GLU HA   H  N N 105 
GLU HB2  H  N N 106 
GLU HB3  H  N N 107 
GLU HG2  H  N N 108 
GLU HG3  H  N N 109 
GLU HE2  H  N N 110 
GLU HXT  H  N N 111 
GLY N    N  N N 112 
GLY CA   C  N N 113 
GLY C    C  N N 114 
GLY O    O  N N 115 
GLY OXT  O  N N 116 
GLY H    H  N N 117 
GLY H2   H  N N 118 
GLY HA2  H  N N 119 
GLY HA3  H  N N 120 
GLY HXT  H  N N 121 
HIS N    N  N N 122 
HIS CA   C  N S 123 
HIS C    C  N N 124 
HIS O    O  N N 125 
HIS CB   C  N N 126 
HIS CG   C  Y N 127 
HIS ND1  N  Y N 128 
HIS CD2  C  Y N 129 
HIS CE1  C  Y N 130 
HIS NE2  N  Y N 131 
HIS OXT  O  N N 132 
HIS H    H  N N 133 
HIS H2   H  N N 134 
HIS HA   H  N N 135 
HIS HB2  H  N N 136 
HIS HB3  H  N N 137 
HIS HD1  H  N N 138 
HIS HD2  H  N N 139 
HIS HE1  H  N N 140 
HIS HE2  H  N N 141 
HIS HXT  H  N N 142 
HOH O    O  N N 143 
HOH H1   H  N N 144 
HOH H2   H  N N 145 
ILE N    N  N N 146 
ILE CA   C  N S 147 
ILE C    C  N N 148 
ILE O    O  N N 149 
ILE CB   C  N S 150 
ILE CG1  C  N N 151 
ILE CG2  C  N N 152 
ILE CD1  C  N N 153 
ILE OXT  O  N N 154 
ILE H    H  N N 155 
ILE H2   H  N N 156 
ILE HA   H  N N 157 
ILE HB   H  N N 158 
ILE HG12 H  N N 159 
ILE HG13 H  N N 160 
ILE HG21 H  N N 161 
ILE HG22 H  N N 162 
ILE HG23 H  N N 163 
ILE HD11 H  N N 164 
ILE HD12 H  N N 165 
ILE HD13 H  N N 166 
ILE HXT  H  N N 167 
LEU N    N  N N 168 
LEU CA   C  N S 169 
LEU C    C  N N 170 
LEU O    O  N N 171 
LEU CB   C  N N 172 
LEU CG   C  N N 173 
LEU CD1  C  N N 174 
LEU CD2  C  N N 175 
LEU OXT  O  N N 176 
LEU H    H  N N 177 
LEU H2   H  N N 178 
LEU HA   H  N N 179 
LEU HB2  H  N N 180 
LEU HB3  H  N N 181 
LEU HG   H  N N 182 
LEU HD11 H  N N 183 
LEU HD12 H  N N 184 
LEU HD13 H  N N 185 
LEU HD21 H  N N 186 
LEU HD22 H  N N 187 
LEU HD23 H  N N 188 
LEU HXT  H  N N 189 
LYS N    N  N N 190 
LYS CA   C  N S 191 
LYS C    C  N N 192 
LYS O    O  N N 193 
LYS CB   C  N N 194 
LYS CG   C  N N 195 
LYS CD   C  N N 196 
LYS CE   C  N N 197 
LYS NZ   N  N N 198 
LYS OXT  O  N N 199 
LYS H    H  N N 200 
LYS H2   H  N N 201 
LYS HA   H  N N 202 
LYS HB2  H  N N 203 
LYS HB3  H  N N 204 
LYS HG2  H  N N 205 
LYS HG3  H  N N 206 
LYS HD2  H  N N 207 
LYS HD3  H  N N 208 
LYS HE2  H  N N 209 
LYS HE3  H  N N 210 
LYS HZ1  H  N N 211 
LYS HZ2  H  N N 212 
LYS HZ3  H  N N 213 
LYS HXT  H  N N 214 
MET N    N  N N 215 
MET CA   C  N S 216 
MET C    C  N N 217 
MET O    O  N N 218 
MET CB   C  N N 219 
MET CG   C  N N 220 
MET SD   S  N N 221 
MET CE   C  N N 222 
MET OXT  O  N N 223 
MET H    H  N N 224 
MET H2   H  N N 225 
MET HA   H  N N 226 
MET HB2  H  N N 227 
MET HB3  H  N N 228 
MET HG2  H  N N 229 
MET HG3  H  N N 230 
MET HE1  H  N N 231 
MET HE2  H  N N 232 
MET HE3  H  N N 233 
MET HXT  H  N N 234 
PHE N    N  N N 235 
PHE CA   C  N S 236 
PHE C    C  N N 237 
PHE O    O  N N 238 
PHE CB   C  N N 239 
PHE CG   C  Y N 240 
PHE CD1  C  Y N 241 
PHE CD2  C  Y N 242 
PHE CE1  C  Y N 243 
PHE CE2  C  Y N 244 
PHE CZ   C  Y N 245 
PHE OXT  O  N N 246 
PHE H    H  N N 247 
PHE H2   H  N N 248 
PHE HA   H  N N 249 
PHE HB2  H  N N 250 
PHE HB3  H  N N 251 
PHE HD1  H  N N 252 
PHE HD2  H  N N 253 
PHE HE1  H  N N 254 
PHE HE2  H  N N 255 
PHE HZ   H  N N 256 
PHE HXT  H  N N 257 
PRO N    N  N N 258 
PRO CA   C  N S 259 
PRO C    C  N N 260 
PRO O    O  N N 261 
PRO CB   C  N N 262 
PRO CG   C  N N 263 
PRO CD   C  N N 264 
PRO OXT  O  N N 265 
PRO H    H  N N 266 
PRO HA   H  N N 267 
PRO HB2  H  N N 268 
PRO HB3  H  N N 269 
PRO HG2  H  N N 270 
PRO HG3  H  N N 271 
PRO HD2  H  N N 272 
PRO HD3  H  N N 273 
PRO HXT  H  N N 274 
SER N    N  N N 275 
SER CA   C  N S 276 
SER C    C  N N 277 
SER O    O  N N 278 
SER CB   C  N N 279 
SER OG   O  N N 280 
SER OXT  O  N N 281 
SER H    H  N N 282 
SER H2   H  N N 283 
SER HA   H  N N 284 
SER HB2  H  N N 285 
SER HB3  H  N N 286 
SER HG   H  N N 287 
SER HXT  H  N N 288 
THR N    N  N N 289 
THR CA   C  N S 290 
THR C    C  N N 291 
THR O    O  N N 292 
THR CB   C  N R 293 
THR OG1  O  N N 294 
THR CG2  C  N N 295 
THR OXT  O  N N 296 
THR H    H  N N 297 
THR H2   H  N N 298 
THR HA   H  N N 299 
THR HB   H  N N 300 
THR HG1  H  N N 301 
THR HG21 H  N N 302 
THR HG22 H  N N 303 
THR HG23 H  N N 304 
THR HXT  H  N N 305 
VAL N    N  N N 306 
VAL CA   C  N S 307 
VAL C    C  N N 308 
VAL O    O  N N 309 
VAL CB   C  N N 310 
VAL CG1  C  N N 311 
VAL CG2  C  N N 312 
VAL OXT  O  N N 313 
VAL H    H  N N 314 
VAL H2   H  N N 315 
VAL HA   H  N N 316 
VAL HB   H  N N 317 
VAL HG11 H  N N 318 
VAL HG12 H  N N 319 
VAL HG13 H  N N 320 
VAL HG21 H  N N 321 
VAL HG22 H  N N 322 
VAL HG23 H  N N 323 
VAL HXT  H  N N 324 
# 
loop_
_chem_comp_bond.comp_id 
_chem_comp_bond.atom_id_1 
_chem_comp_bond.atom_id_2 
_chem_comp_bond.value_order 
_chem_comp_bond.pdbx_aromatic_flag 
_chem_comp_bond.pdbx_stereo_config 
_chem_comp_bond.pdbx_ordinal 
ALA N   CA   sing N N 1   
ALA N   H    sing N N 2   
ALA N   H2   sing N N 3   
ALA CA  C    sing N N 4   
ALA CA  CB   sing N N 5   
ALA CA  HA   sing N N 6   
ALA C   O    doub N N 7   
ALA C   OXT  sing N N 8   
ALA CB  HB1  sing N N 9   
ALA CB  HB2  sing N N 10  
ALA CB  HB3  sing N N 11  
ALA OXT HXT  sing N N 12  
ARG N   CA   sing N N 13  
ARG N   H    sing N N 14  
ARG N   H2   sing N N 15  
ARG CA  C    sing N N 16  
ARG CA  CB   sing N N 17  
ARG CA  HA   sing N N 18  
ARG C   O    doub N N 19  
ARG C   OXT  sing N N 20  
ARG CB  CG   sing N N 21  
ARG CB  HB2  sing N N 22  
ARG CB  HB3  sing N N 23  
ARG CG  CD   sing N N 24  
ARG CG  HG2  sing N N 25  
ARG CG  HG3  sing N N 26  
ARG CD  NE   sing N N 27  
ARG CD  HD2  sing N N 28  
ARG CD  HD3  sing N N 29  
ARG NE  CZ   sing N N 30  
ARG NE  HE   sing N N 31  
ARG CZ  NH1  sing N N 32  
ARG CZ  NH2  doub N N 33  
ARG NH1 HH11 sing N N 34  
ARG NH1 HH12 sing N N 35  
ARG NH2 HH21 sing N N 36  
ARG NH2 HH22 sing N N 37  
ARG OXT HXT  sing N N 38  
ASN N   CA   sing N N 39  
ASN N   H    sing N N 40  
ASN N   H2   sing N N 41  
ASN CA  C    sing N N 42  
ASN CA  CB   sing N N 43  
ASN CA  HA   sing N N 44  
ASN C   O    doub N N 45  
ASN C   OXT  sing N N 46  
ASN CB  CG   sing N N 47  
ASN CB  HB2  sing N N 48  
ASN CB  HB3  sing N N 49  
ASN CG  OD1  doub N N 50  
ASN CG  ND2  sing N N 51  
ASN ND2 HD21 sing N N 52  
ASN ND2 HD22 sing N N 53  
ASN OXT HXT  sing N N 54  
CYS N   CA   sing N N 55  
CYS N   H    sing N N 56  
CYS N   H2   sing N N 57  
CYS CA  C    sing N N 58  
CYS CA  CB   sing N N 59  
CYS CA  HA   sing N N 60  
CYS C   O    doub N N 61  
CYS C   OXT  sing N N 62  
CYS CB  SG   sing N N 63  
CYS CB  HB2  sing N N 64  
CYS CB  HB3  sing N N 65  
CYS SG  HG   sing N N 66  
CYS OXT HXT  sing N N 67  
GLN N   CA   sing N N 68  
GLN N   H    sing N N 69  
GLN N   H2   sing N N 70  
GLN CA  C    sing N N 71  
GLN CA  CB   sing N N 72  
GLN CA  HA   sing N N 73  
GLN C   O    doub N N 74  
GLN C   OXT  sing N N 75  
GLN CB  CG   sing N N 76  
GLN CB  HB2  sing N N 77  
GLN CB  HB3  sing N N 78  
GLN CG  CD   sing N N 79  
GLN CG  HG2  sing N N 80  
GLN CG  HG3  sing N N 81  
GLN CD  OE1  doub N N 82  
GLN CD  NE2  sing N N 83  
GLN NE2 HE21 sing N N 84  
GLN NE2 HE22 sing N N 85  
GLN OXT HXT  sing N N 86  
GLU N   CA   sing N N 87  
GLU N   H    sing N N 88  
GLU N   H2   sing N N 89  
GLU CA  C    sing N N 90  
GLU CA  CB   sing N N 91  
GLU CA  HA   sing N N 92  
GLU C   O    doub N N 93  
GLU C   OXT  sing N N 94  
GLU CB  CG   sing N N 95  
GLU CB  HB2  sing N N 96  
GLU CB  HB3  sing N N 97  
GLU CG  CD   sing N N 98  
GLU CG  HG2  sing N N 99  
GLU CG  HG3  sing N N 100 
GLU CD  OE1  doub N N 101 
GLU CD  OE2  sing N N 102 
GLU OE2 HE2  sing N N 103 
GLU OXT HXT  sing N N 104 
GLY N   CA   sing N N 105 
GLY N   H    sing N N 106 
GLY N   H2   sing N N 107 
GLY CA  C    sing N N 108 
GLY CA  HA2  sing N N 109 
GLY CA  HA3  sing N N 110 
GLY C   O    doub N N 111 
GLY C   OXT  sing N N 112 
GLY OXT HXT  sing N N 113 
HIS N   CA   sing N N 114 
HIS N   H    sing N N 115 
HIS N   H2   sing N N 116 
HIS CA  C    sing N N 117 
HIS CA  CB   sing N N 118 
HIS CA  HA   sing N N 119 
HIS C   O    doub N N 120 
HIS C   OXT  sing N N 121 
HIS CB  CG   sing N N 122 
HIS CB  HB2  sing N N 123 
HIS CB  HB3  sing N N 124 
HIS CG  ND1  sing Y N 125 
HIS CG  CD2  doub Y N 126 
HIS ND1 CE1  doub Y N 127 
HIS ND1 HD1  sing N N 128 
HIS CD2 NE2  sing Y N 129 
HIS CD2 HD2  sing N N 130 
HIS CE1 NE2  sing Y N 131 
HIS CE1 HE1  sing N N 132 
HIS NE2 HE2  sing N N 133 
HIS OXT HXT  sing N N 134 
HOH O   H1   sing N N 135 
HOH O   H2   sing N N 136 
ILE N   CA   sing N N 137 
ILE N   H    sing N N 138 
ILE N   H2   sing N N 139 
ILE CA  C    sing N N 140 
ILE CA  CB   sing N N 141 
ILE CA  HA   sing N N 142 
ILE C   O    doub N N 143 
ILE C   OXT  sing N N 144 
ILE CB  CG1  sing N N 145 
ILE CB  CG2  sing N N 146 
ILE CB  HB   sing N N 147 
ILE CG1 CD1  sing N N 148 
ILE CG1 HG12 sing N N 149 
ILE CG1 HG13 sing N N 150 
ILE CG2 HG21 sing N N 151 
ILE CG2 HG22 sing N N 152 
ILE CG2 HG23 sing N N 153 
ILE CD1 HD11 sing N N 154 
ILE CD1 HD12 sing N N 155 
ILE CD1 HD13 sing N N 156 
ILE OXT HXT  sing N N 157 
LEU N   CA   sing N N 158 
LEU N   H    sing N N 159 
LEU N   H2   sing N N 160 
LEU CA  C    sing N N 161 
LEU CA  CB   sing N N 162 
LEU CA  HA   sing N N 163 
LEU C   O    doub N N 164 
LEU C   OXT  sing N N 165 
LEU CB  CG   sing N N 166 
LEU CB  HB2  sing N N 167 
LEU CB  HB3  sing N N 168 
LEU CG  CD1  sing N N 169 
LEU CG  CD2  sing N N 170 
LEU CG  HG   sing N N 171 
LEU CD1 HD11 sing N N 172 
LEU CD1 HD12 sing N N 173 
LEU CD1 HD13 sing N N 174 
LEU CD2 HD21 sing N N 175 
LEU CD2 HD22 sing N N 176 
LEU CD2 HD23 sing N N 177 
LEU OXT HXT  sing N N 178 
LYS N   CA   sing N N 179 
LYS N   H    sing N N 180 
LYS N   H2   sing N N 181 
LYS CA  C    sing N N 182 
LYS CA  CB   sing N N 183 
LYS CA  HA   sing N N 184 
LYS C   O    doub N N 185 
LYS C   OXT  sing N N 186 
LYS CB  CG   sing N N 187 
LYS CB  HB2  sing N N 188 
LYS CB  HB3  sing N N 189 
LYS CG  CD   sing N N 190 
LYS CG  HG2  sing N N 191 
LYS CG  HG3  sing N N 192 
LYS CD  CE   sing N N 193 
LYS CD  HD2  sing N N 194 
LYS CD  HD3  sing N N 195 
LYS CE  NZ   sing N N 196 
LYS CE  HE2  sing N N 197 
LYS CE  HE3  sing N N 198 
LYS NZ  HZ1  sing N N 199 
LYS NZ  HZ2  sing N N 200 
LYS NZ  HZ3  sing N N 201 
LYS OXT HXT  sing N N 202 
MET N   CA   sing N N 203 
MET N   H    sing N N 204 
MET N   H2   sing N N 205 
MET CA  C    sing N N 206 
MET CA  CB   sing N N 207 
MET CA  HA   sing N N 208 
MET C   O    doub N N 209 
MET C   OXT  sing N N 210 
MET CB  CG   sing N N 211 
MET CB  HB2  sing N N 212 
MET CB  HB3  sing N N 213 
MET CG  SD   sing N N 214 
MET CG  HG2  sing N N 215 
MET CG  HG3  sing N N 216 
MET SD  CE   sing N N 217 
MET CE  HE1  sing N N 218 
MET CE  HE2  sing N N 219 
MET CE  HE3  sing N N 220 
MET OXT HXT  sing N N 221 
PHE N   CA   sing N N 222 
PHE N   H    sing N N 223 
PHE N   H2   sing N N 224 
PHE CA  C    sing N N 225 
PHE CA  CB   sing N N 226 
PHE CA  HA   sing N N 227 
PHE C   O    doub N N 228 
PHE C   OXT  sing N N 229 
PHE CB  CG   sing N N 230 
PHE CB  HB2  sing N N 231 
PHE CB  HB3  sing N N 232 
PHE CG  CD1  doub Y N 233 
PHE CG  CD2  sing Y N 234 
PHE CD1 CE1  sing Y N 235 
PHE CD1 HD1  sing N N 236 
PHE CD2 CE2  doub Y N 237 
PHE CD2 HD2  sing N N 238 
PHE CE1 CZ   doub Y N 239 
PHE CE1 HE1  sing N N 240 
PHE CE2 CZ   sing Y N 241 
PHE CE2 HE2  sing N N 242 
PHE CZ  HZ   sing N N 243 
PHE OXT HXT  sing N N 244 
PRO N   CA   sing N N 245 
PRO N   CD   sing N N 246 
PRO N   H    sing N N 247 
PRO CA  C    sing N N 248 
PRO CA  CB   sing N N 249 
PRO CA  HA   sing N N 250 
PRO C   O    doub N N 251 
PRO C   OXT  sing N N 252 
PRO CB  CG   sing N N 253 
PRO CB  HB2  sing N N 254 
PRO CB  HB3  sing N N 255 
PRO CG  CD   sing N N 256 
PRO CG  HG2  sing N N 257 
PRO CG  HG3  sing N N 258 
PRO CD  HD2  sing N N 259 
PRO CD  HD3  sing N N 260 
PRO OXT HXT  sing N N 261 
SER N   CA   sing N N 262 
SER N   H    sing N N 263 
SER N   H2   sing N N 264 
SER CA  C    sing N N 265 
SER CA  CB   sing N N 266 
SER CA  HA   sing N N 267 
SER C   O    doub N N 268 
SER C   OXT  sing N N 269 
SER CB  OG   sing N N 270 
SER CB  HB2  sing N N 271 
SER CB  HB3  sing N N 272 
SER OG  HG   sing N N 273 
SER OXT HXT  sing N N 274 
THR N   CA   sing N N 275 
THR N   H    sing N N 276 
THR N   H2   sing N N 277 
THR CA  C    sing N N 278 
THR CA  CB   sing N N 279 
THR CA  HA   sing N N 280 
THR C   O    doub N N 281 
THR C   OXT  sing N N 282 
THR CB  OG1  sing N N 283 
THR CB  CG2  sing N N 284 
THR CB  HB   sing N N 285 
THR OG1 HG1  sing N N 286 
THR CG2 HG21 sing N N 287 
THR CG2 HG22 sing N N 288 
THR CG2 HG23 sing N N 289 
THR OXT HXT  sing N N 290 
VAL N   CA   sing N N 291 
VAL N   H    sing N N 292 
VAL N   H2   sing N N 293 
VAL CA  C    sing N N 294 
VAL CA  CB   sing N N 295 
VAL CA  HA   sing N N 296 
VAL C   O    doub N N 297 
VAL C   OXT  sing N N 298 
VAL CB  CG1  sing N N 299 
VAL CB  CG2  sing N N 300 
VAL CB  HB   sing N N 301 
VAL CG1 HG11 sing N N 302 
VAL CG1 HG12 sing N N 303 
VAL CG1 HG13 sing N N 304 
VAL CG2 HG21 sing N N 305 
VAL CG2 HG22 sing N N 306 
VAL CG2 HG23 sing N N 307 
VAL OXT HXT  sing N N 308 
# 
_atom_sites.entry_id                    3A2A 
_atom_sites.fract_transf_matrix[1][1]   -0.00408904 
_atom_sites.fract_transf_matrix[1][2]   0.01113224 
_atom_sites.fract_transf_matrix[1][3]   0.02376524 
_atom_sites.fract_transf_matrix[2][1]   0.01178200 
_atom_sites.fract_transf_matrix[2][2]   -0.02071307 
_atom_sites.fract_transf_matrix[2][3]   0.01172974 
_atom_sites.fract_transf_matrix[3][1]   0.00644254 
_atom_sites.fract_transf_matrix[3][2]   0.00339247 
_atom_sites.fract_transf_matrix[3][3]   -0.00048062 
_atom_sites.fract_transf_vector[1]      -0.517028 
_atom_sites.fract_transf_vector[2]      0.250094 
_atom_sites.fract_transf_vector[3]      -0.124472 
# 
loop_
_atom_type.symbol 
C  
CL 
N  
O  
S  
# 
loop_
_atom_site.group_PDB 
_atom_site.id 
_atom_site.type_symbol 
_atom_site.label_atom_id 
_atom_site.label_alt_id 
_atom_site.label_comp_id 
_atom_site.label_asym_id 
_atom_site.label_entity_id 
_atom_site.label_seq_id 
_atom_site.pdbx_PDB_ins_code 
_atom_site.Cartn_x 
_atom_site.Cartn_y 
_atom_site.Cartn_z 
_atom_site.occupancy 
_atom_site.B_iso_or_equiv 
_atom_site.pdbx_formal_charge 
_atom_site.auth_seq_id 
_atom_site.auth_comp_id 
_atom_site.auth_asym_id 
_atom_site.auth_atom_id 
_atom_site.pdbx_PDB_model_num 
ATOM   1    N  N   . ARG A 1 11 ? 18.283  26.132  -1.724  1.00 51.17 ? 226 ARG A N   1 
ATOM   2    C  CA  . ARG A 1 11 ? 19.468  25.223  -1.701  1.00 51.31 ? 226 ARG A CA  1 
ATOM   3    C  C   . ARG A 1 11 ? 19.478  24.330  -0.430  1.00 51.40 ? 226 ARG A C   1 
ATOM   4    O  O   . ARG A 1 11 ? 19.329  23.084  -0.514  1.00 50.25 ? 226 ARG A O   1 
ATOM   5    C  CB  . ARG A 1 11 ? 20.662  26.108  -1.843  1.00 50.58 ? 226 ARG A CB  1 
ATOM   6    C  CG  . ARG A 1 11 ? 20.209  27.512  -2.365  1.00 54.38 ? 226 ARG A CG  1 
ATOM   7    C  CD  . ARG A 1 11 ? 19.395  28.295  -1.291  1.00 57.49 ? 226 ARG A CD  1 
ATOM   8    N  NE  . ARG A 1 11 ? 19.645  27.794  0.086   1.00 58.64 ? 226 ARG A NE  1 
ATOM   9    C  CZ  . ARG A 1 11 ? 20.766  28.003  0.793   1.00 60.21 ? 226 ARG A CZ  1 
ATOM   10   N  NH1 . ARG A 1 11 ? 21.750  28.728  0.279   1.00 64.09 ? 226 ARG A NH1 1 
ATOM   11   N  NH2 . ARG A 1 11 ? 20.911  27.499  2.020   1.00 57.70 ? 226 ARG A NH2 1 
ATOM   12   N  N   . GLN A 1 12 ? 19.597  24.951  0.746   1.00 50.87 ? 227 GLN A N   1 
ATOM   13   C  CA  . GLN A 1 12 ? 19.120  24.292  1.990   1.00 50.98 ? 227 GLN A CA  1 
ATOM   14   C  C   . GLN A 1 12 ? 17.568  24.368  2.000   1.00 49.10 ? 227 GLN A C   1 
ATOM   15   O  O   . GLN A 1 12 ? 16.886  23.558  2.658   1.00 48.20 ? 227 GLN A O   1 
ATOM   16   C  CB  . GLN A 1 12 ? 19.740  24.934  3.283   1.00 51.37 ? 227 GLN A CB  1 
ATOM   17   C  CG  . GLN A 1 12 ? 19.484  24.108  4.578   1.00 54.73 ? 227 GLN A CG  1 
ATOM   18   C  CD  . GLN A 1 12 ? 20.742  23.355  5.106   1.00 61.97 ? 227 GLN A CD  1 
ATOM   19   O  OE1 . GLN A 1 12 ? 20.702  22.133  5.449   1.00 64.20 ? 227 GLN A OE1 1 
ATOM   20   N  NE2 . GLN A 1 12 ? 21.865  24.085  5.177   1.00 61.02 ? 227 GLN A NE2 1 
ATOM   21   N  N   . LEU A 1 13 ? 17.040  25.368  1.291   1.00 46.32 ? 228 LEU A N   1 
ATOM   22   C  CA  . LEU A 1 13 ? 15.607  25.547  1.088   1.00 46.33 ? 228 LEU A CA  1 
ATOM   23   C  C   . LEU A 1 13 ? 14.967  24.514  0.107   1.00 45.59 ? 228 LEU A C   1 
ATOM   24   O  O   . LEU A 1 13 ? 13.784  24.137  0.226   1.00 43.70 ? 228 LEU A O   1 
ATOM   25   C  CB  . LEU A 1 13 ? 15.359  26.910  0.506   1.00 46.40 ? 228 LEU A CB  1 
ATOM   26   C  CG  . LEU A 1 13 ? 14.005  27.531  0.845   1.00 50.37 ? 228 LEU A CG  1 
ATOM   27   C  CD1 . LEU A 1 13 ? 14.181  28.405  2.099   1.00 48.73 ? 228 LEU A CD1 1 
ATOM   28   C  CD2 . LEU A 1 13 ? 13.510  28.385  -0.331  1.00 52.59 ? 228 LEU A CD2 1 
ATOM   29   N  N   . LEU A 1 14 ? 15.765  24.153  -0.892  1.00 43.90 ? 229 LEU A N   1 
ATOM   30   C  CA  . LEU A 1 14 ? 15.451  23.100  -1.807  1.00 42.09 ? 229 LEU A CA  1 
ATOM   31   C  C   . LEU A 1 14 ? 15.588  21.732  -1.141  1.00 40.74 ? 229 LEU A C   1 
ATOM   32   O  O   . LEU A 1 14 ? 14.866  20.772  -1.500  1.00 36.18 ? 229 LEU A O   1 
ATOM   33   C  CB  . LEU A 1 14 ? 16.400  23.174  -3.005  1.00 42.52 ? 229 LEU A CB  1 
ATOM   34   C  CG  . LEU A 1 14 ? 16.546  21.879  -3.780  1.00 42.15 ? 229 LEU A CG  1 
ATOM   35   C  CD1 . LEU A 1 14 ? 15.391  21.908  -4.674  1.00 41.97 ? 229 LEU A CD1 1 
ATOM   36   C  CD2 . LEU A 1 14 ? 17.827  21.846  -4.593  1.00 44.91 ? 229 LEU A CD2 1 
ATOM   37   N  N   . ARG A 1 15 ? 16.560  21.579  -0.230  1.00 40.22 ? 230 ARG A N   1 
ATOM   38   C  CA  . ARG A 1 15 ? 16.700  20.254  0.388   1.00 40.46 ? 230 ARG A CA  1 
ATOM   39   C  C   . ARG A 1 15 ? 15.576  19.942  1.340   1.00 39.57 ? 230 ARG A C   1 
ATOM   40   O  O   . ARG A 1 15 ? 15.191  18.786  1.508   1.00 41.53 ? 230 ARG A O   1 
ATOM   41   C  CB  . ARG A 1 15 ? 18.054  20.055  1.049   1.00 41.54 ? 230 ARG A CB  1 
ATOM   42   C  CG  . ARG A 1 15 ? 19.135  19.920  -0.006  1.00 45.66 ? 230 ARG A CG  1 
ATOM   43   C  CD  . ARG A 1 15 ? 18.892  18.632  -0.864  1.00 53.64 ? 230 ARG A CD  1 
ATOM   44   N  NE  . ARG A 1 15 ? 19.610  17.467  -0.322  1.00 53.70 ? 230 ARG A NE  1 
ATOM   45   C  CZ  . ARG A 1 15 ? 19.788  16.292  -0.918  1.00 50.64 ? 230 ARG A CZ  1 
ATOM   46   N  NH1 . ARG A 1 15 ? 19.277  16.002  -2.110  1.00 44.70 ? 230 ARG A NH1 1 
ATOM   47   N  NH2 . ARG A 1 15 ? 20.497  15.378  -0.253  1.00 57.02 ? 230 ARG A NH2 1 
ATOM   48   N  N   . LEU A 1 16 ? 15.013  20.992  1.904   1.00 38.37 ? 231 LEU A N   1 
ATOM   49   C  CA  . LEU A 1 16 ? 13.996  20.883  2.910   1.00 37.01 ? 231 LEU A CA  1 
ATOM   50   C  C   . LEU A 1 16 ? 12.692  20.755  2.137   1.00 35.82 ? 231 LEU A C   1 
ATOM   51   O  O   . LEU A 1 16 ? 11.772  20.114  2.626   1.00 30.89 ? 231 LEU A O   1 
ATOM   52   C  CB  . LEU A 1 16 ? 13.910  22.145  3.761   1.00 37.16 ? 231 LEU A CB  1 
ATOM   53   C  CG  . LEU A 1 16 ? 14.384  22.270  5.230   1.00 38.78 ? 231 LEU A CG  1 
ATOM   54   C  CD1 . LEU A 1 16 ? 13.456  21.487  6.122   1.00 39.49 ? 231 LEU A CD1 1 
ATOM   55   C  CD2 . LEU A 1 16 ? 15.748  21.771  5.435   1.00 38.80 ? 231 LEU A CD2 1 
ATOM   56   N  N   . LYS A 1 17 ? 12.613  21.364  0.951   1.00 33.56 ? 232 LYS A N   1 
ATOM   57   C  CA  . LYS A 1 17 ? 11.310  21.382  0.185   1.00 34.00 ? 232 LYS A CA  1 
ATOM   58   C  C   . LYS A 1 17 ? 11.112  19.983  -0.309  1.00 30.90 ? 232 LYS A C   1 
ATOM   59   O  O   . LYS A 1 17 ? 10.025  19.447  -0.288  1.00 33.05 ? 232 LYS A O   1 
ATOM   60   C  CB  . LYS A 1 17 ? 11.350  22.329  -1.016  1.00 35.25 ? 232 LYS A CB  1 
ATOM   61   C  CG  . LYS A 1 17 ? 10.020  22.979  -1.303  1.00 37.92 ? 232 LYS A CG  1 
ATOM   62   C  CD  . LYS A 1 17 ? 10.084  23.976  -2.486  1.00 44.12 ? 232 LYS A CD  1 
ATOM   63   C  CE  . LYS A 1 17 ? 10.300  25.425  -2.023  1.00 48.30 ? 232 LYS A CE  1 
ATOM   64   N  NZ  . LYS A 1 17 ? 9.210   25.835  -1.019  1.00 52.92 ? 232 LYS A NZ  1 
ATOM   65   N  N   . GLN A 1 18 ? 12.210  19.394  -0.697  1.00 29.48 ? 233 GLN A N   1 
ATOM   66   C  CA  . GLN A 1 18 ? 12.226  18.041  -1.134  1.00 30.02 ? 233 GLN A CA  1 
ATOM   67   C  C   . GLN A 1 18 ? 11.921  16.934  -0.066  1.00 30.14 ? 233 GLN A C   1 
ATOM   68   O  O   . GLN A 1 18 ? 11.136  15.985  -0.352  1.00 25.43 ? 233 GLN A O   1 
ATOM   69   C  CB  . GLN A 1 18 ? 13.557  17.745  -1.553  1.00 27.70 ? 233 GLN A CB  1 
ATOM   70   C  CG  . GLN A 1 18 ? 13.598  16.478  -2.212  1.00 31.45 ? 233 GLN A CG  1 
ATOM   71   C  CD  . GLN A 1 18 ? 14.891  16.440  -3.013  1.00 41.29 ? 233 GLN A CD  1 
ATOM   72   O  OE1 . GLN A 1 18 ? 15.879  17.165  -2.675  1.00 41.53 ? 233 GLN A OE1 1 
ATOM   73   N  NE2 . GLN A 1 18 ? 14.904  15.630  -4.082  1.00 38.50 ? 233 GLN A NE2 1 
ATOM   74   N  N   . MET A 1 19 ? 12.614  17.021  1.088   1.00 28.24 ? 234 MET A N   1 
ATOM   75   C  CA  . MET A 1 19 ? 12.221  16.183  2.259   1.00 28.59 ? 234 MET A CA  1 
ATOM   76   C  C   . MET A 1 19 ? 10.742  16.326  2.541   1.00 26.93 ? 234 MET A C   1 
ATOM   77   O  O   . MET A 1 19 ? 10.063  15.348  2.703   1.00 26.70 ? 234 MET A O   1 
ATOM   78   C  CB  . MET A 1 19 ? 12.962  16.560  3.542   1.00 31.61 ? 234 MET A CB  1 
ATOM   79   C  CG  . MET A 1 19 ? 12.600  15.397  4.630   1.00 36.27 ? 234 MET A CG  1 
ATOM   80   S  SD  . MET A 1 19 ? 13.427  15.438  6.295   1.00 49.83 ? 234 MET A SD  1 
ATOM   81   C  CE  . MET A 1 19 ? 14.227  13.806  6.523   1.00 35.22 ? 234 MET A CE  1 
ATOM   82   N  N   . ASN A 1 20 ? 10.220  17.546  2.553   1.00 26.76 ? 235 ASN A N   1 
ATOM   83   C  CA  . ASN A 1 20 ? 8.796   17.769  2.783   1.00 26.03 ? 235 ASN A CA  1 
ATOM   84   C  C   . ASN A 1 20 ? 7.894   17.081  1.773   1.00 25.62 ? 235 ASN A C   1 
ATOM   85   O  O   . ASN A 1 20 ? 6.802   16.570  2.112   1.00 25.06 ? 235 ASN A O   1 
ATOM   86   C  CB  . ASN A 1 20 ? 8.448   19.246  2.990   1.00 29.91 ? 235 ASN A CB  1 
ATOM   87   C  CG  . ASN A 1 20 ? 8.917   19.767  4.429   1.00 30.42 ? 235 ASN A CG  1 
ATOM   88   O  OD1 . ASN A 1 20 ? 9.636   19.063  5.151   1.00 29.61 ? 235 ASN A OD1 1 
ATOM   89   N  ND2 . ASN A 1 20 ? 8.549   20.977  4.763   1.00 33.10 ? 235 ASN A ND2 1 
ATOM   90   N  N   . VAL A 1 21 ? 8.299   17.129  0.495   1.00 25.71 ? 236 VAL A N   1 
ATOM   91   C  CA  . VAL A 1 21 ? 7.516   16.443  -0.574  1.00 23.23 ? 236 VAL A CA  1 
ATOM   92   C  C   . VAL A 1 21 ? 7.480   14.946  -0.308  1.00 22.68 ? 236 VAL A C   1 
ATOM   93   O  O   . VAL A 1 21 ? 6.439   14.282  -0.443  1.00 23.05 ? 236 VAL A O   1 
ATOM   94   C  CB  . VAL A 1 21 ? 8.085   16.814  -1.972  1.00 22.01 ? 236 VAL A CB  1 
ATOM   95   C  CG1 . VAL A 1 21 ? 7.309   16.095  -2.974  1.00 25.11 ? 236 VAL A CG1 1 
ATOM   96   C  CG2 . VAL A 1 21 ? 7.810   18.296  -2.193  1.00 23.71 ? 236 VAL A CG2 1 
ATOM   97   N  N   . GLN A 1 22 ? 8.593   14.395  0.082   1.00 21.22 ? 237 GLN A N   1 
ATOM   98   C  CA  . GLN A 1 22 ? 8.659   13.008  0.370   1.00 24.09 ? 237 GLN A CA  1 
ATOM   99   C  C   . GLN A 1 22 ? 7.792   12.554  1.547   1.00 22.97 ? 237 GLN A C   1 
ATOM   100  O  O   . GLN A 1 22 ? 7.099   11.517  1.425   1.00 22.46 ? 237 GLN A O   1 
ATOM   101  C  CB  . GLN A 1 22 ? 10.103  12.615  0.709   1.00 26.00 ? 237 GLN A CB  1 
ATOM   102  C  CG  . GLN A 1 22 ? 11.005  12.850  -0.386  1.00 28.88 ? 237 GLN A CG  1 
ATOM   103  C  CD  . GLN A 1 22 ? 10.747  11.985  -1.510  1.00 35.70 ? 237 GLN A CD  1 
ATOM   104  O  OE1 . GLN A 1 22 ? 10.443  10.770  -1.343  1.00 38.95 ? 237 GLN A OE1 1 
ATOM   105  N  NE2 . GLN A 1 22 ? 10.829  12.559  -2.704  1.00 36.66 ? 237 GLN A NE2 1 
ATOM   106  N  N   . LEU A 1 23 ? 7.785   13.323  2.614   1.00 20.19 ? 238 LEU A N   1 
ATOM   107  C  CA  . LEU A 1 23 ? 6.897   13.096  3.761   1.00 24.06 ? 238 LEU A CA  1 
ATOM   108  C  C   . LEU A 1 23 ? 5.400   13.184  3.373   1.00 24.07 ? 238 LEU A C   1 
ATOM   109  O  O   . LEU A 1 23 ? 4.640   12.316  3.758   1.00 21.91 ? 238 LEU A O   1 
ATOM   110  C  CB  . LEU A 1 23 ? 7.177   14.127  4.920   1.00 23.71 ? 238 LEU A CB  1 
ATOM   111  C  CG  . LEU A 1 23 ? 8.641   14.101  5.449   1.00 24.67 ? 238 LEU A CG  1 
ATOM   112  C  CD1 . LEU A 1 23 ? 8.827   15.177  6.479   1.00 26.93 ? 238 LEU A CD1 1 
ATOM   113  C  CD2 . LEU A 1 23 ? 9.205   12.727  6.018   1.00 28.22 ? 238 LEU A CD2 1 
ATOM   114  N  N   . ALA A 1 24 ? 5.010   14.218  2.603   1.00 23.69 ? 239 ALA A N   1 
ATOM   115  C  CA  . ALA A 1 24 ? 3.638   14.350  2.150   1.00 23.79 ? 239 ALA A CA  1 
ATOM   116  C  C   . ALA A 1 24 ? 3.202   13.137  1.267   1.00 25.22 ? 239 ALA A C   1 
ATOM   117  O  O   . ALA A 1 24 ? 2.041   12.713  1.375   1.00 26.18 ? 239 ALA A O   1 
ATOM   118  C  CB  . ALA A 1 24 ? 3.372   15.778  1.494   1.00 23.15 ? 239 ALA A CB  1 
ATOM   119  N  N   . ALA A 1 25 ? 4.096   12.636  0.428   1.00 23.51 ? 240 ALA A N   1 
ATOM   120  C  CA  . ALA A 1 25 ? 3.886   11.403  -0.392  1.00 25.54 ? 240 ALA A CA  1 
ATOM   121  C  C   . ALA A 1 25 ? 3.716   10.184  0.535   1.00 25.51 ? 240 ALA A C   1 
ATOM   122  O  O   . ALA A 1 25 ? 2.891   9.344   0.257   1.00 24.69 ? 240 ALA A O   1 
ATOM   123  C  CB  . ALA A 1 25 ? 5.104   11.125  -1.266  1.00 24.82 ? 240 ALA A CB  1 
ATOM   124  N  N   . LYS A 1 26 ? 4.491   10.115  1.607   1.00 23.47 ? 241 LYS A N   1 
ATOM   125  C  CA  . LYS A 1 26 ? 4.402   8.968   2.532   1.00 24.16 ? 241 LYS A CA  1 
ATOM   126  C  C   . LYS A 1 26 ? 3.086   8.986   3.227   1.00 23.95 ? 241 LYS A C   1 
ATOM   127  O  O   . LYS A 1 26 ? 2.444   7.937   3.389   1.00 25.55 ? 241 LYS A O   1 
ATOM   128  C  CB  . LYS A 1 26 ? 5.566   9.016   3.517   1.00 25.12 ? 241 LYS A CB  1 
ATOM   129  C  CG  . LYS A 1 26 ? 5.565   7.927   4.633   1.00 27.14 ? 241 LYS A CG  1 
ATOM   130  C  CD  . LYS A 1 26 ? 5.514   6.566   3.982   1.00 36.11 ? 241 LYS A CD  1 
ATOM   131  C  CE  . LYS A 1 26 ? 5.569   5.364   4.994   1.00 40.98 ? 241 LYS A CE  1 
ATOM   132  N  NZ  . LYS A 1 26 ? 6.534   4.316   4.331   1.00 47.05 ? 241 LYS A NZ  1 
ATOM   133  N  N   . ILE A 1 27 ? 2.692   10.145  3.671   1.00 22.48 ? 242 ILE A N   1 
ATOM   134  C  CA  . ILE A 1 27 ? 1.397   10.412  4.222   1.00 24.53 ? 242 ILE A CA  1 
ATOM   135  C  C   . ILE A 1 27 ? 0.273   9.939   3.274   1.00 26.96 ? 242 ILE A C   1 
ATOM   136  O  O   . ILE A 1 27 ? -0.682  9.269   3.728   1.00 25.23 ? 242 ILE A O   1 
ATOM   137  C  CB  . ILE A 1 27 ? 1.197   11.869  4.608   1.00 22.53 ? 242 ILE A CB  1 
ATOM   138  C  CG1 . ILE A 1 27 ? 1.989   12.218  5.875   1.00 22.42 ? 242 ILE A CG1 1 
ATOM   139  C  CG2 . ILE A 1 27 ? -0.269  12.116  4.998   1.00 22.46 ? 242 ILE A CG2 1 
ATOM   140  C  CD1 . ILE A 1 27 ? 2.006   13.746  6.141   1.00 21.33 ? 242 ILE A CD1 1 
ATOM   141  N  N   . GLN A 1 28 ? 0.376   10.242  1.986   1.00 27.10 ? 243 GLN A N   1 
ATOM   142  C  CA  . GLN A 1 28 ? -0.686  9.802   1.052   1.00 27.12 ? 243 GLN A CA  1 
ATOM   143  C  C   . GLN A 1 28 ? -0.756  8.313   0.999   1.00 26.62 ? 243 GLN A C   1 
ATOM   144  O  O   . GLN A 1 28 ? -1.903  7.726   1.104   1.00 27.05 ? 243 GLN A O   1 
ATOM   145  C  CB  . GLN A 1 28 ? -0.489  10.373  -0.368  1.00 28.16 ? 243 GLN A CB  1 
ATOM   146  C  CG  . GLN A 1 28 ? -0.700  11.879  -0.464  1.00 33.16 ? 243 GLN A CG  1 
ATOM   147  C  CD  . GLN A 1 28 ? -2.056  12.322  0.093   1.00 39.45 ? 243 GLN A CD  1 
ATOM   148  O  OE1 . GLN A 1 28 ? -3.103  11.876  -0.378  1.00 50.55 ? 243 GLN A OE1 1 
ATOM   149  N  NE2 . GLN A 1 28 ? -2.053  13.182  1.098   1.00 40.63 ? 243 GLN A NE2 1 
ATOM   150  N  N   . HIS A 1 29 ? 0.412   7.693   0.885   1.00 23.97 ? 244 HIS A N   1 
ATOM   151  C  CA  . HIS A 1 29 ? 0.563   6.276   0.964   1.00 25.62 ? 244 HIS A CA  1 
ATOM   152  C  C   . HIS A 1 29 ? 0.005   5.614   2.240   1.00 27.72 ? 244 HIS A C   1 
ATOM   153  O  O   . HIS A 1 29 ? -0.745  4.587   2.149   1.00 25.02 ? 244 HIS A O   1 
ATOM   154  C  CB  . HIS A 1 29 ? 1.980   5.822   0.749   1.00 27.01 ? 244 HIS A CB  1 
ATOM   155  C  CG  . HIS A 1 29 ? 2.100   4.340   0.724   1.00 30.88 ? 244 HIS A CG  1 
ATOM   156  N  ND1 . HIS A 1 29 ? 1.835   3.597   -0.405  1.00 37.23 ? 244 HIS A ND1 1 
ATOM   157  C  CD2 . HIS A 1 29 ? 2.414   3.449   1.698   1.00 35.92 ? 244 HIS A CD2 1 
ATOM   158  C  CE1 . HIS A 1 29 ? 1.993   2.309   -0.134  1.00 39.68 ? 244 HIS A CE1 1 
ATOM   159  N  NE2 . HIS A 1 29 ? 2.335   2.197   1.139   1.00 40.19 ? 244 HIS A NE2 1 
ATOM   160  N  N   . LEU A 1 30 ? 0.341   6.153   3.403   1.00 24.57 ? 245 LEU A N   1 
ATOM   161  C  CA  . LEU A 1 30 ? -0.109  5.595   4.663   1.00 24.16 ? 245 LEU A CA  1 
ATOM   162  C  C   . LEU A 1 30 ? -1.664  5.728   4.797   1.00 24.15 ? 245 LEU A C   1 
ATOM   163  O  O   . LEU A 1 30 ? -2.311  4.851   5.451   1.00 24.31 ? 245 LEU A O   1 
ATOM   164  C  CB  . LEU A 1 30 ? 0.546   6.324   5.864   1.00 22.69 ? 245 LEU A CB  1 
ATOM   165  C  CG  . LEU A 1 30 ? 2.008   5.967   6.044   1.00 25.04 ? 245 LEU A CG  1 
ATOM   166  C  CD1 . LEU A 1 30 ? 2.619   6.874   7.076   1.00 22.77 ? 245 LEU A CD1 1 
ATOM   167  C  CD2 . LEU A 1 30 ? 2.048   4.512   6.485   1.00 26.47 ? 245 LEU A CD2 1 
ATOM   168  N  N   . GLU A 1 31 ? -2.224  6.841   4.314   1.00 23.65 ? 246 GLU A N   1 
ATOM   169  C  CA  . GLU A 1 31 ? -3.638  7.068   4.381   1.00 24.75 ? 246 GLU A CA  1 
ATOM   170  C  C   . GLU A 1 31 ? -4.427  5.991   3.589   1.00 25.82 ? 246 GLU A C   1 
ATOM   171  O  O   . GLU A 1 31 ? -5.376  5.447   4.155   1.00 21.72 ? 246 GLU A O   1 
ATOM   172  C  CB  . GLU A 1 31 ? -4.027  8.488   3.960   1.00 27.46 ? 246 GLU A CB  1 
ATOM   173  C  CG  . GLU A 1 31 ? -3.830  9.562   5.081   1.00 31.90 ? 246 GLU A CG  1 
ATOM   174  C  CD  . GLU A 1 31 ? -3.821  10.990  4.508   1.00 41.62 ? 246 GLU A CD  1 
ATOM   175  O  OE1 . GLU A 1 31 ? -3.788  11.120  3.257   1.00 43.93 ? 246 GLU A OE1 1 
ATOM   176  O  OE2 . GLU A 1 31 ? -3.845  11.973  5.290   1.00 43.83 ? 246 GLU A OE2 1 
ATOM   177  N  N   . PHE A 1 32 ? -3.993  5.644   2.359   1.00 23.58 ? 247 PHE A N   1 
ATOM   178  C  CA  . PHE A 1 32 ? -4.538  4.452   1.671   1.00 25.81 ? 247 PHE A CA  1 
ATOM   179  C  C   . PHE A 1 32 ? -4.309  3.145   2.394   1.00 26.31 ? 247 PHE A C   1 
ATOM   180  O  O   . PHE A 1 32 ? -5.185  2.323   2.526   1.00 25.34 ? 247 PHE A O   1 
ATOM   181  C  CB  . PHE A 1 32 ? -3.956  4.272   0.239   1.00 26.22 ? 247 PHE A CB  1 
ATOM   182  C  CG  . PHE A 1 32 ? -4.331  2.889   -0.377  1.00 25.36 ? 247 PHE A CG  1 
ATOM   183  C  CD1 . PHE A 1 32 ? -5.513  2.708   -1.030  1.00 33.03 ? 247 PHE A CD1 1 
ATOM   184  C  CD2 . PHE A 1 32 ? -3.492  1.781   -0.220  1.00 32.13 ? 247 PHE A CD2 1 
ATOM   185  C  CE1 . PHE A 1 32 ? -5.903  1.417   -1.564  1.00 33.12 ? 247 PHE A CE1 1 
ATOM   186  C  CE2 . PHE A 1 32 ? -3.859  0.492   -0.721  1.00 28.99 ? 247 PHE A CE2 1 
ATOM   187  C  CZ  . PHE A 1 32 ? -5.057  0.348   -1.397  1.00 32.69 ? 247 PHE A CZ  1 
ATOM   188  N  N   . SER A 1 33 ? -3.092  2.911   2.844   1.00 27.23 ? 248 SER A N   1 
ATOM   189  C  CA  . SER A 1 33 ? -2.830  1.634   3.491   1.00 27.41 ? 248 SER A CA  1 
ATOM   190  C  C   . SER A 1 33 ? -3.630  1.393   4.799   1.00 25.32 ? 248 SER A C   1 
ATOM   191  O  O   . SER A 1 33 ? -4.123  0.260   5.065   1.00 23.28 ? 248 SER A O   1 
ATOM   192  C  CB  . SER A 1 33 ? -1.331  1.468   3.612   1.00 27.96 ? 248 SER A CB  1 
ATOM   193  O  OG  . SER A 1 33 ? -1.096  0.538   4.661   1.00 32.53 ? 248 SER A OG  1 
ATOM   194  N  N   . CYS A 1 34 ? -3.806  2.462   5.592   1.00 23.54 ? 249 CYS A N   1 
ATOM   195  C  CA  . CYS A 1 34 ? -4.626  2.398   6.788   1.00 24.66 ? 249 CYS A CA  1 
ATOM   196  C  C   . CYS A 1 34 ? -6.139  2.201   6.432   1.00 24.10 ? 249 CYS A C   1 
ATOM   197  O  O   . CYS A 1 34 ? -6.838  1.429   7.113   1.00 21.74 ? 249 CYS A O   1 
ATOM   198  C  CB  . CYS A 1 34 ? -4.354  3.542   7.802   1.00 26.71 ? 249 CYS A CB  1 
ATOM   199  S  SG  . CYS A 1 34 ? -2.466  3.688   8.348   1.00 36.92 ? 249 CYS A SG  1 
ATOM   200  N  N   . SER A 1 35 ? -6.613  2.868   5.362   1.00 23.48 ? 250 SER A N   1 
ATOM   201  C  CA  . SER A 1 35 ? -7.962  2.622   4.866   1.00 24.57 ? 250 SER A CA  1 
ATOM   202  C  C   . SER A 1 35 ? -8.151  1.201   4.373   1.00 23.87 ? 250 SER A C   1 
ATOM   203  O  O   . SER A 1 35 ? -9.200  0.638   4.604   1.00 21.80 ? 250 SER A O   1 
ATOM   204  C  CB  . SER A 1 35 ? -8.272  3.482   3.636   1.00 24.92 ? 250 SER A CB  1 
ATOM   205  O  OG  . SER A 1 35 ? -8.477  4.785   4.120   1.00 30.74 ? 250 SER A OG  1 
ATOM   206  N  N   . GLU A 1 36 ? -7.169  0.637   3.667   1.00 23.03 ? 251 GLU A N   1 
ATOM   207  C  CA  . GLU A 1 36 ? -7.355  -0.741  3.229   1.00 25.24 ? 251 GLU A CA  1 
ATOM   208  C  C   . GLU A 1 36 ? -7.401  -1.719  4.388   1.00 23.37 ? 251 GLU A C   1 
ATOM   209  O  O   . GLU A 1 36 ? -8.146  -2.694  4.322   1.00 22.79 ? 251 GLU A O   1 
ATOM   210  C  CB  . GLU A 1 36 ? -6.281  -1.234  2.282   1.00 24.95 ? 251 GLU A CB  1 
ATOM   211  C  CG  . GLU A 1 36 ? -6.945  -2.174  1.246   1.00 33.87 ? 251 GLU A CG  1 
ATOM   212  C  CD  . GLU A 1 36 ? -6.950  -3.621  1.651   1.00 41.46 ? 251 GLU A CD  1 
ATOM   213  O  OE1 . GLU A 1 36 ? -5.810  -4.155  1.852   1.00 45.01 ? 251 GLU A OE1 1 
ATOM   214  O  OE2 . GLU A 1 36 ? -8.087  -4.220  1.762   1.00 36.66 ? 251 GLU A OE2 1 
ATOM   215  N  N   . LYS A 1 37 ? -6.542  -1.523  5.396   1.00 21.46 ? 252 LYS A N   1 
ATOM   216  C  CA  . LYS A 1 37 ? -6.488  -2.359  6.591   1.00 20.92 ? 252 LYS A CA  1 
ATOM   217  C  C   . LYS A 1 37 ? -7.896  -2.282  7.223   1.00 21.83 ? 252 LYS A C   1 
ATOM   218  O  O   . LYS A 1 37 ? -8.427  -3.281  7.716   1.00 20.23 ? 252 LYS A O   1 
ATOM   219  C  CB  . LYS A 1 37 ? -5.412  -1.926  7.580   1.00 18.24 ? 252 LYS A CB  1 
ATOM   220  C  CG  . LYS A 1 37 ? -3.923  -2.417  7.076   1.00 21.78 ? 252 LYS A CG  1 
ATOM   221  C  CD  . LYS A 1 37 ? -2.776  -1.866  8.064   1.00 24.38 ? 252 LYS A CD  1 
ATOM   222  C  CE  . LYS A 1 37 ? -1.379  -2.253  7.606   1.00 24.70 ? 252 LYS A CE  1 
ATOM   223  N  NZ  . LYS A 1 37 ? -1.289  -2.528  6.186   1.00 37.63 ? 252 LYS A NZ  1 
ATOM   224  N  N   . GLU A 1 38 ? -8.462  -1.077  7.253   1.00 21.82 ? 253 GLU A N   1 
ATOM   225  C  CA  . GLU A 1 38 ? -9.747  -0.901  7.871   1.00 22.48 ? 253 GLU A CA  1 
ATOM   226  C  C   . GLU A 1 38 ? -10.823 -1.724  7.073   1.00 24.10 ? 253 GLU A C   1 
ATOM   227  O  O   . GLU A 1 38 ? -11.699 -2.354  7.672   1.00 19.50 ? 253 GLU A O   1 
ATOM   228  C  CB  . GLU A 1 38 ? -10.061 0.543   7.936   1.00 21.74 ? 253 GLU A CB  1 
ATOM   229  C  CG  . GLU A 1 38 ? -11.552 0.846   8.236   1.00 27.12 ? 253 GLU A CG  1 
ATOM   230  C  CD  . GLU A 1 38 ? -12.006 0.416   9.567   1.00 25.09 ? 253 GLU A CD  1 
ATOM   231  O  OE1 . GLU A 1 38 ? -11.207 0.350   10.526  1.00 19.87 ? 253 GLU A OE1 1 
ATOM   232  O  OE2 . GLU A 1 38 ? -13.214 0.014   9.602   1.00 26.90 ? 253 GLU A OE2 1 
ATOM   233  N  N   . GLN A 1 39 ? -10.727 -1.711  5.751   1.00 25.08 ? 254 GLN A N   1 
ATOM   234  C  CA  . GLN A 1 39 ? -11.662 -2.515  4.918   1.00 26.27 ? 254 GLN A CA  1 
ATOM   235  C  C   . GLN A 1 39 ? -11.482 -4.004  5.120   1.00 26.18 ? 254 GLN A C   1 
ATOM   236  O  O   . GLN A 1 39 ? -12.497 -4.727  5.173   1.00 25.49 ? 254 GLN A O   1 
ATOM   237  C  CB  . GLN A 1 39 ? -11.538 -2.203  3.395   1.00 27.30 ? 254 GLN A CB  1 
ATOM   238  C  CG  . GLN A 1 39 ? -12.242 -3.346  2.525   1.00 33.30 ? 254 GLN A CG  1 
ATOM   239  C  CD  . GLN A 1 39 ? -12.382 -3.050  1.029   1.00 39.70 ? 254 GLN A CD  1 
ATOM   240  O  OE1 . GLN A 1 39 ? -11.366 -2.804  0.340   1.00 48.30 ? 254 GLN A OE1 1 
ATOM   241  N  NE2 . GLN A 1 39 ? -13.632 -3.115  0.489   1.00 41.36 ? 254 GLN A NE2 1 
ATOM   242  N  N   . GLU A 1 40 ? -10.248 -4.506  5.224   1.00 23.13 ? 255 GLU A N   1 
ATOM   243  C  CA  . GLU A 1 40 ? -10.022 -5.887  5.569   1.00 21.78 ? 255 GLU A CA  1 
ATOM   244  C  C   . GLU A 1 40 ? -10.579 -6.282  7.007   1.00 21.67 ? 255 GLU A C   1 
ATOM   245  O  O   . GLU A 1 40 ? -11.092 -7.378  7.208   1.00 20.69 ? 255 GLU A O   1 
ATOM   246  C  CB  . GLU A 1 40 ? -8.502  -6.258  5.502   1.00 23.61 ? 255 GLU A CB  1 
ATOM   247  C  CG  . GLU A 1 40 ? -8.227  -7.702  5.873   1.00 22.41 ? 255 GLU A CG  1 
ATOM   248  C  CD  . GLU A 1 40 ? -6.787  -8.185  5.595   1.00 25.31 ? 255 GLU A CD  1 
ATOM   249  O  OE1 . GLU A 1 40 ? -5.865  -7.363  5.489   1.00 24.09 ? 255 GLU A OE1 1 
ATOM   250  O  OE2 . GLU A 1 40 ? -6.497  -9.395  5.587   1.00 27.72 ? 255 GLU A OE2 1 
ATOM   251  N  N   . ILE A 1 41 ? -10.445 -5.397  7.986   1.00 20.24 ? 256 ILE A N   1 
ATOM   252  C  CA  . ILE A 1 41 ? -10.907 -5.693  9.348   1.00 20.08 ? 256 ILE A CA  1 
ATOM   253  C  C   . ILE A 1 41 ? -12.404 -5.892  9.244   1.00 21.13 ? 256 ILE A C   1 
ATOM   254  O  O   . ILE A 1 41 ? -12.924 -6.795  9.833   1.00 20.38 ? 256 ILE A O   1 
ATOM   255  C  CB  . ILE A 1 41 ? -10.581 -4.493  10.336  1.00 18.35 ? 256 ILE A CB  1 
ATOM   256  C  CG1 . ILE A 1 41 ? -9.058  -4.526  10.647  1.00 18.68 ? 256 ILE A CG1 1 
ATOM   257  C  CG2 . ILE A 1 41 ? -11.467 -4.597  11.671  1.00 17.72 ? 256 ILE A CG2 1 
ATOM   258  C  CD1 . ILE A 1 41 ? -8.592  -3.314  11.491  1.00 20.70 ? 256 ILE A CD1 1 
ATOM   259  N  N   . GLU A 1 42 ? -13.101 -4.963  8.584   1.00 21.70 ? 257 GLU A N   1 
ATOM   260  C  CA  . GLU A 1 42 ? -14.600 -5.071  8.464   1.00 22.11 ? 257 GLU A CA  1 
ATOM   261  C  C   . GLU A 1 42 ? -15.029 -6.399  7.781   1.00 23.34 ? 257 GLU A C   1 
ATOM   262  O  O   . GLU A 1 42 ? -16.058 -6.984  8.164   1.00 22.36 ? 257 GLU A O   1 
ATOM   263  C  CB  . GLU A 1 42 ? -15.138 -3.893  7.685   1.00 21.76 ? 257 GLU A CB  1 
ATOM   264  C  CG  . GLU A 1 42 ? -14.926 -2.581  8.398   1.00 23.76 ? 257 GLU A CG  1 
ATOM   265  C  CD  . GLU A 1 42 ? -15.259 -1.383  7.549   1.00 29.34 ? 257 GLU A CD  1 
ATOM   266  O  OE1 . GLU A 1 42 ? -15.875 -1.545  6.471   1.00 31.10 ? 257 GLU A OE1 1 
ATOM   267  O  OE2 . GLU A 1 42 ? -14.935 -0.267  7.999   1.00 29.32 ? 257 GLU A OE2 1 
ATOM   268  N  N   . ARG A 1 43 ? -14.218 -6.875  6.833   1.00 22.03 ? 258 ARG A N   1 
ATOM   269  C  CA  . ARG A 1 43 ? -14.461 -8.157  6.103   1.00 24.52 ? 258 ARG A CA  1 
ATOM   270  C  C   . ARG A 1 43 ? -14.194 -9.365  6.954   1.00 22.22 ? 258 ARG A C   1 
ATOM   271  O  O   . ARG A 1 43 ? -15.009 -10.316 6.956   1.00 23.13 ? 258 ARG A O   1 
ATOM   272  C  CB  . ARG A 1 43 ? -13.627 -8.265  4.799   1.00 24.86 ? 258 ARG A CB  1 
ATOM   273  C  CG  . ARG A 1 43 ? -13.976 -7.275  3.737   1.00 31.29 ? 258 ARG A CG  1 
ATOM   274  C  CD  . ARG A 1 43 ? -13.226 -7.644  2.369   1.00 34.46 ? 258 ARG A CD  1 
ATOM   275  N  NE  . ARG A 1 43 ? -13.487 -9.048  1.919   1.00 50.13 ? 258 ARG A NE  1 
ATOM   276  C  CZ  . ARG A 1 43 ? -13.264 -9.553  0.674   1.00 50.33 ? 258 ARG A CZ  1 
ATOM   277  N  NH1 . ARG A 1 43 ? -12.769 -8.819  -0.311  1.00 54.05 ? 258 ARG A NH1 1 
ATOM   278  N  NH2 . ARG A 1 43 ? -13.583 -10.816 0.388   1.00 58.99 ? 258 ARG A NH2 1 
ATOM   279  N  N   . LEU A 1 44 ? -13.085 -9.338  7.717   1.00 20.60 ? 259 LEU A N   1 
ATOM   280  C  CA  . LEU A 1 44 ? -12.785 -10.405 8.705   1.00 19.81 ? 259 LEU A CA  1 
ATOM   281  C  C   . LEU A 1 44 ? -13.894 -10.424 9.872   1.00 22.21 ? 259 LEU A C   1 
ATOM   282  O  O   . LEU A 1 44 ? -14.325 -11.479 10.322  1.00 21.69 ? 259 LEU A O   1 
ATOM   283  C  CB  . LEU A 1 44 ? -11.418 -10.200 9.309   1.00 19.21 ? 259 LEU A CB  1 
ATOM   284  C  CG  . LEU A 1 44 ? -10.197 -10.358 8.333   1.00 22.65 ? 259 LEU A CG  1 
ATOM   285  C  CD1 . LEU A 1 44 ? -8.908  -10.153 9.142   1.00 19.83 ? 259 LEU A CD1 1 
ATOM   286  C  CD2 . LEU A 1 44 ? -10.239 -11.749 7.638   1.00 21.11 ? 259 LEU A CD2 1 
ATOM   287  N  N   . ASN A 1 45 ? -14.291 -9.262  10.369  1.00 20.96 ? 260 ASN A N   1 
ATOM   288  C  CA  . ASN A 1 45 ? -15.365 -9.186  11.390  1.00 23.06 ? 260 ASN A CA  1 
ATOM   289  C  C   . ASN A 1 45 ? -16.685 -9.675  10.801  1.00 23.28 ? 260 ASN A C   1 
ATOM   290  O  O   . ASN A 1 45 ? -17.461 -10.321 11.495  1.00 25.19 ? 260 ASN A O   1 
ATOM   291  C  CB  . ASN A 1 45 ? -15.498 -7.742  11.967  1.00 22.08 ? 260 ASN A CB  1 
ATOM   292  C  CG  . ASN A 1 45 ? -14.436 -7.420  13.002  1.00 27.23 ? 260 ASN A CG  1 
ATOM   293  O  OD1 . ASN A 1 45 ? -13.968 -6.296  13.111  1.00 35.57 ? 260 ASN A OD1 1 
ATOM   294  N  ND2 . ASN A 1 45 ? -14.023 -8.413  13.766  1.00 33.07 ? 260 ASN A ND2 1 
ATOM   295  N  N   . LYS A 1 46 ? -16.979 -9.351  9.560   1.00 24.91 ? 261 LYS A N   1 
ATOM   296  C  CA  . LYS A 1 46 ? -18.203 -9.815  8.945   1.00 28.80 ? 261 LYS A CA  1 
ATOM   297  C  C   . LYS A 1 46 ? -18.254 -11.368 8.919   1.00 28.92 ? 261 LYS A C   1 
ATOM   298  O  O   . LYS A 1 46 ? -19.357 -11.941 9.170   1.00 28.66 ? 261 LYS A O   1 
ATOM   299  C  CB  . LYS A 1 46 ? -18.377 -9.362  7.495   1.00 27.19 ? 261 LYS A CB  1 
ATOM   300  C  CG  . LYS A 1 46 ? -19.692 -9.854  6.851   1.00 29.00 ? 261 LYS A CG  1 
ATOM   301  C  CD  . LYS A 1 46 ? -19.903 -9.228  5.489   1.00 34.66 ? 261 LYS A CD  1 
ATOM   302  C  CE  . LYS A 1 46 ? -18.690 -9.652  4.499   1.00 38.77 ? 261 LYS A CE  1 
ATOM   303  N  NZ  . LYS A 1 46 ? -18.465 -8.630  3.366   1.00 40.44 ? 261 LYS A NZ  1 
ATOM   304  N  N   . LEU A 1 47 ? -17.124 -12.000 8.570   1.00 27.23 ? 262 LEU A N   1 
ATOM   305  C  CA  . LEU A 1 47 ? -16.981 -13.475 8.603   1.00 29.66 ? 262 LEU A CA  1 
ATOM   306  C  C   . LEU A 1 47 ? -17.158 -14.027 10.013  1.00 30.23 ? 262 LEU A C   1 
ATOM   307  O  O   . LEU A 1 47 ? -17.847 -15.028 10.224  1.00 31.48 ? 262 LEU A O   1 
ATOM   308  C  CB  . LEU A 1 47 ? -15.634 -13.916 8.128   1.00 29.50 ? 262 LEU A CB  1 
ATOM   309  C  CG  . LEU A 1 47 ? -15.376 -14.702 6.861   1.00 35.61 ? 262 LEU A CG  1 
ATOM   310  C  CD1 . LEU A 1 47 ? -16.248 -14.261 5.756   1.00 36.37 ? 262 LEU A CD1 1 
ATOM   311  C  CD2 . LEU A 1 47 ? -13.851 -14.566 6.460   1.00 30.01 ? 262 LEU A CD2 1 
ATOM   312  N  N   . LEU A 1 48 ? -16.516 -13.405 10.967  1.00 30.29 ? 263 LEU A N   1 
ATOM   313  C  CA  . LEU A 1 48 ? -16.654 -13.786 12.344  1.00 33.33 ? 263 LEU A CA  1 
ATOM   314  C  C   . LEU A 1 48 ? -18.113 -13.687 12.817  1.00 34.76 ? 263 LEU A C   1 
ATOM   315  O  O   . LEU A 1 48 ? -18.603 -14.594 13.523  1.00 34.35 ? 263 LEU A O   1 
ATOM   316  C  CB  . LEU A 1 48 ? -15.725 -13.024 13.276  1.00 32.47 ? 263 LEU A CB  1 
ATOM   317  C  CG  . LEU A 1 48 ? -14.213 -13.390 13.307  1.00 32.25 ? 263 LEU A CG  1 
ATOM   318  C  CD1 . LEU A 1 48 ? -13.373 -12.266 13.928  1.00 28.48 ? 263 LEU A CD1 1 
ATOM   319  C  CD2 . LEU A 1 48 ? -13.859 -14.785 14.008  1.00 28.27 ? 263 LEU A CD2 1 
ATOM   320  N  N   . ARG A 1 49 ? -18.799 -12.622 12.436  1.00 35.87 ? 264 ARG A N   1 
ATOM   321  C  CA  . ARG A 1 49 ? -20.146 -12.379 12.937  1.00 38.36 ? 264 ARG A CA  1 
ATOM   322  C  C   . ARG A 1 49 ? -21.053 -13.397 12.307  1.00 42.47 ? 264 ARG A C   1 
ATOM   323  O  O   . ARG A 1 49 ? -21.812 -14.064 13.046  1.00 43.67 ? 264 ARG A O   1 
ATOM   324  C  CB  . ARG A 1 49 ? -20.599 -10.934 12.766  1.00 36.68 ? 264 ARG A CB  1 
ATOM   325  C  CG  . ARG A 1 49 ? -19.970 -10.029 13.800  1.00 28.85 ? 264 ARG A CG  1 
ATOM   326  C  CD  . ARG A 1 49 ? -20.605 -8.645  13.778  1.00 31.25 ? 264 ARG A CD  1 
ATOM   327  N  NE  . ARG A 1 49 ? -20.090 -7.824  12.674  1.00 27.46 ? 264 ARG A NE  1 
ATOM   328  C  CZ  . ARG A 1 49 ? -19.026 -7.043  12.779  1.00 24.98 ? 264 ARG A CZ  1 
ATOM   329  N  NH1 . ARG A 1 49 ? -18.419 -6.899  13.915  1.00 23.24 ? 264 ARG A NH1 1 
ATOM   330  N  NH2 . ARG A 1 49 ? -18.617 -6.357  11.762  1.00 21.70 ? 264 ARG A NH2 1 
ATOM   331  N  N   . GLN A 1 50 ? -20.984 -13.548 10.979  1.00 45.99 ? 265 GLN A N   1 
ATOM   332  C  CA  . GLN A 1 50 ? -21.715 -14.652 10.234  1.00 49.28 ? 265 GLN A CA  1 
ATOM   333  C  C   . GLN A 1 50 ? -21.576 -16.098 10.807  1.00 52.40 ? 265 GLN A C   1 
ATOM   334  O  O   . GLN A 1 50 ? -22.488 -16.929 10.636  1.00 54.95 ? 265 GLN A O   1 
ATOM   335  C  CB  . GLN A 1 50 ? -21.321 -14.684 8.768   1.00 48.36 ? 265 GLN A CB  1 
ATOM   336  C  CG  . GLN A 1 50 ? -21.800 -13.523 7.985   1.00 49.01 ? 265 GLN A CG  1 
ATOM   337  C  CD  . GLN A 1 50 ? -21.294 -13.510 6.488   1.00 52.36 ? 265 GLN A CD  1 
ATOM   338  O  OE1 . GLN A 1 50 ? -20.385 -14.267 6.099   1.00 48.03 ? 265 GLN A OE1 1 
ATOM   339  N  NE2 . GLN A 1 50 ? -21.898 -12.616 5.657   1.00 49.70 ? 265 GLN A NE2 1 
ATOM   340  N  N   . HIS A 1 51 ? -20.445 -16.399 11.469  1.00 54.99 ? 266 HIS A N   1 
ATOM   341  C  CA  . HIS A 1 51 ? -20.108 -17.760 11.936  1.00 56.00 ? 266 HIS A CA  1 
ATOM   342  C  C   . HIS A 1 51 ? -20.404 -18.063 13.412  1.00 56.60 ? 266 HIS A C   1 
ATOM   343  O  O   . HIS A 1 51 ? -19.998 -17.331 14.342  1.00 56.51 ? 266 HIS A O   1 
ATOM   344  C  CB  . HIS A 1 51 ? -18.651 -18.141 11.581  1.00 57.12 ? 266 HIS A CB  1 
ATOM   345  C  CG  . HIS A 1 51 ? -18.518 -19.568 11.143  1.00 59.84 ? 266 HIS A CG  1 
ATOM   346  N  ND1 . HIS A 1 51 ? -18.594 -20.632 12.026  1.00 63.59 ? 266 HIS A ND1 1 
ATOM   347  C  CD2 . HIS A 1 51 ? -18.365 -20.111 9.911   1.00 63.52 ? 266 HIS A CD2 1 
ATOM   348  C  CE1 . HIS A 1 51 ? -18.474 -21.770 11.358  1.00 66.31 ? 266 HIS A CE1 1 
ATOM   349  N  NE2 . HIS A 1 51 ? -18.339 -21.483 10.070  1.00 66.21 ? 266 HIS A NE2 1 
ATOM   350  N  N   . ARG B 1 11 ? 13.478  32.346  7.572   1.00 59.98 ? 226 ARG B N   1 
ATOM   351  C  CA  . ARG B 1 11 ? 12.058  32.791  7.605   1.00 60.79 ? 226 ARG B CA  1 
ATOM   352  C  C   . ARG B 1 11 ? 11.266  31.781  6.819   1.00 60.55 ? 226 ARG B C   1 
ATOM   353  O  O   . ARG B 1 11 ? 10.268  31.266  7.307   1.00 60.77 ? 226 ARG B O   1 
ATOM   354  C  CB  . ARG B 1 11 ? 11.851  34.157  6.962   1.00 60.85 ? 226 ARG B CB  1 
ATOM   355  C  CG  . ARG B 1 11 ? 12.312  35.367  7.793   1.00 64.68 ? 226 ARG B CG  1 
ATOM   356  C  CD  . ARG B 1 11 ? 12.919  36.497  6.882   1.00 70.54 ? 226 ARG B CD  1 
ATOM   357  N  NE  . ARG B 1 11 ? 13.281  37.689  7.664   1.00 76.09 ? 226 ARG B NE  1 
ATOM   358  C  CZ  . ARG B 1 11 ? 13.816  38.809  7.171   1.00 76.91 ? 226 ARG B CZ  1 
ATOM   359  N  NH1 . ARG B 1 11 ? 14.072  38.905  5.868   1.00 79.11 ? 226 ARG B NH1 1 
ATOM   360  N  NH2 . ARG B 1 11 ? 14.097  39.831  7.987   1.00 77.05 ? 226 ARG B NH2 1 
ATOM   361  N  N   . GLN B 1 12 ? 11.704  31.497  5.598   1.00 59.49 ? 227 GLN B N   1 
ATOM   362  C  CA  . GLN B 1 12 ? 11.021  30.484  4.779   1.00 58.73 ? 227 GLN B CA  1 
ATOM   363  C  C   . GLN B 1 12 ? 11.612  29.104  5.058   1.00 57.49 ? 227 GLN B C   1 
ATOM   364  O  O   . GLN B 1 12 ? 10.955  28.094  4.875   1.00 57.68 ? 227 GLN B O   1 
ATOM   365  C  CB  . GLN B 1 12 ? 11.114  30.802  3.293   1.00 58.25 ? 227 GLN B CB  1 
ATOM   366  C  CG  . GLN B 1 12 ? 10.120  30.035  2.445   1.00 59.82 ? 227 GLN B CG  1 
ATOM   367  C  CD  . GLN B 1 12 ? 10.278  30.299  0.947   1.00 61.80 ? 227 GLN B CD  1 
ATOM   368  O  OE1 . GLN B 1 12 ? 10.894  31.294  0.528   1.00 62.52 ? 227 GLN B OE1 1 
ATOM   369  N  NE2 . GLN B 1 12 ? 9.718   29.402  0.129   1.00 63.96 ? 227 GLN B NE2 1 
ATOM   370  N  N   . LEU B 1 13 ? 12.857  29.062  5.505   1.00 55.07 ? 228 LEU B N   1 
ATOM   371  C  CA  . LEU B 1 13 ? 13.464  27.812  5.801   1.00 54.04 ? 228 LEU B CA  1 
ATOM   372  C  C   . LEU B 1 13 ? 12.773  27.153  7.022   1.00 53.66 ? 228 LEU B C   1 
ATOM   373  O  O   . LEU B 1 13 ? 13.225  26.142  7.529   1.00 53.08 ? 228 LEU B O   1 
ATOM   374  C  CB  . LEU B 1 13 ? 14.972  28.009  5.989   1.00 53.15 ? 228 LEU B CB  1 
ATOM   375  C  CG  . LEU B 1 13 ? 15.816  27.042  6.841   1.00 57.30 ? 228 LEU B CG  1 
ATOM   376  C  CD1 . LEU B 1 13 ? 16.922  26.323  6.056   1.00 58.25 ? 228 LEU B CD1 1 
ATOM   377  C  CD2 . LEU B 1 13 ? 16.392  27.706  8.150   1.00 59.68 ? 228 LEU B CD2 1 
ATOM   378  N  N   . LEU B 1 14 ? 11.655  27.680  7.472   1.00 53.09 ? 229 LEU B N   1 
ATOM   379  C  CA  . LEU B 1 14 ? 11.190  27.175  8.754   1.00 52.07 ? 229 LEU B CA  1 
ATOM   380  C  C   . LEU B 1 14 ? 9.822   27.477  9.266   1.00 50.85 ? 229 LEU B C   1 
ATOM   381  O  O   . LEU B 1 14 ? 9.538   26.999  10.366  1.00 51.40 ? 229 LEU B O   1 
ATOM   382  C  CB  . LEU B 1 14 ? 12.102  27.783  9.839   1.00 52.13 ? 229 LEU B CB  1 
ATOM   383  C  CG  . LEU B 1 14 ? 11.384  29.001  10.463  1.00 51.22 ? 229 LEU B CG  1 
ATOM   384  C  CD1 . LEU B 1 14 ? 11.419  29.009  12.000  1.00 48.42 ? 229 LEU B CD1 1 
ATOM   385  C  CD2 . LEU B 1 14 ? 11.993  30.196  9.908   1.00 50.59 ? 229 LEU B CD2 1 
ATOM   386  N  N   . ARG B 1 15 ? 8.893   28.120  8.553   1.00 50.18 ? 230 ARG B N   1 
ATOM   387  C  CA  . ARG B 1 15 ? 8.156   27.604  7.407   1.00 48.68 ? 230 ARG B CA  1 
ATOM   388  C  C   . ARG B 1 15 ? 8.384   26.121  7.120   1.00 45.86 ? 230 ARG B C   1 
ATOM   389  O  O   . ARG B 1 15 ? 7.529   25.307  7.524   1.00 44.90 ? 230 ARG B O   1 
ATOM   390  C  CB  . ARG B 1 15 ? 8.229   28.498  6.179   1.00 49.26 ? 230 ARG B CB  1 
ATOM   391  C  CG  . ARG B 1 15 ? 7.079   28.283  5.210   1.00 53.19 ? 230 ARG B CG  1 
ATOM   392  C  CD  . ARG B 1 15 ? 6.908   29.487  4.214   1.00 59.14 ? 230 ARG B CD  1 
ATOM   393  N  NE  . ARG B 1 15 ? 6.282   30.652  4.870   1.00 65.06 ? 230 ARG B NE  1 
ATOM   394  C  CZ  . ARG B 1 15 ? 6.644   31.914  4.642   1.00 67.98 ? 230 ARG B CZ  1 
ATOM   395  N  NH1 . ARG B 1 15 ? 7.644   32.191  3.785   1.00 67.14 ? 230 ARG B NH1 1 
ATOM   396  N  NH2 . ARG B 1 15 ? 6.023   32.893  5.286   1.00 68.98 ? 230 ARG B NH2 1 
ATOM   397  N  N   . LEU B 1 16 ? 9.479   25.812  6.413   1.00 42.15 ? 231 LEU B N   1 
ATOM   398  C  CA  . LEU B 1 16 ? 9.729   24.468  5.902   1.00 40.91 ? 231 LEU B CA  1 
ATOM   399  C  C   . LEU B 1 16 ? 10.097  23.533  7.048   1.00 39.41 ? 231 LEU B C   1 
ATOM   400  O  O   . LEU B 1 16 ? 9.672   22.387  7.067   1.00 38.57 ? 231 LEU B O   1 
ATOM   401  C  CB  . LEU B 1 16 ? 10.844  24.411  4.872   1.00 40.64 ? 231 LEU B CB  1 
ATOM   402  C  CG  . LEU B 1 16 ? 10.715  24.551  3.335   1.00 42.84 ? 231 LEU B CG  1 
ATOM   403  C  CD1 . LEU B 1 16 ? 9.574   23.746  2.719   1.00 40.05 ? 231 LEU B CD1 1 
ATOM   404  C  CD2 . LEU B 1 16 ? 10.548  25.994  3.024   1.00 38.29 ? 231 LEU B CD2 1 
ATOM   405  N  N   . LYS B 1 17 ? 10.918  24.015  7.975   1.00 36.77 ? 232 LYS B N   1 
ATOM   406  C  CA  . LYS B 1 17 ? 11.231  23.297  9.172   1.00 35.55 ? 232 LYS B CA  1 
ATOM   407  C  C   . LYS B 1 17 ? 9.965   22.999  9.982   1.00 34.23 ? 232 LYS B C   1 
ATOM   408  O  O   . LYS B 1 17 ? 9.731   21.857  10.381  1.00 34.57 ? 232 LYS B O   1 
ATOM   409  C  CB  . LYS B 1 17 ? 12.304  24.049  9.991   1.00 38.27 ? 232 LYS B CB  1 
ATOM   410  C  CG  . LYS B 1 17 ? 13.719  23.925  9.365   1.00 35.67 ? 232 LYS B CG  1 
ATOM   411  C  CD  . LYS B 1 17 ? 14.768  24.712  10.141  1.00 39.52 ? 232 LYS B CD  1 
ATOM   412  C  CE  . LYS B 1 17 ? 16.054  23.990  10.195  1.00 43.97 ? 232 LYS B CE  1 
ATOM   413  N  NZ  . LYS B 1 17 ? 17.257  24.893  10.458  1.00 44.39 ? 232 LYS B NZ  1 
ATOM   414  N  N   . GLN B 1 18 ? 9.152   24.010  10.218  1.00 30.76 ? 233 GLN B N   1 
ATOM   415  C  CA  . GLN B 1 18 ? 7.915   23.806  10.882  1.00 30.90 ? 233 GLN B CA  1 
ATOM   416  C  C   . GLN B 1 18 ? 7.007   22.731  10.187  1.00 30.82 ? 233 GLN B C   1 
ATOM   417  O  O   . GLN B 1 18 ? 6.356   21.835  10.835  1.00 28.77 ? 233 GLN B O   1 
ATOM   418  C  CB  . GLN B 1 18 ? 7.167   25.099  10.906  1.00 30.17 ? 233 GLN B CB  1 
ATOM   419  C  CG  . GLN B 1 18 ? 5.884   25.019  11.621  1.00 33.56 ? 233 GLN B CG  1 
ATOM   420  C  CD  . GLN B 1 18 ? 5.191   26.317  11.536  1.00 41.18 ? 233 GLN B CD  1 
ATOM   421  O  OE1 . GLN B 1 18 ? 5.621   27.184  10.728  1.00 44.78 ? 233 GLN B OE1 1 
ATOM   422  N  NE2 . GLN B 1 18 ? 4.129   26.523  12.358  1.00 35.00 ? 233 GLN B NE2 1 
ATOM   423  N  N   . MET B 1 19 ? 6.928   22.852  8.874   1.00 30.54 ? 234 MET B N   1 
ATOM   424  C  CA  . MET B 1 19 ? 6.056   21.979  8.141   1.00 29.96 ? 234 MET B CA  1 
ATOM   425  C  C   . MET B 1 19 ? 6.590   20.566  8.201   1.00 27.81 ? 234 MET B C   1 
ATOM   426  O  O   . MET B 1 19 ? 5.798   19.625  8.221   1.00 25.92 ? 234 MET B O   1 
ATOM   427  C  CB  . MET B 1 19 ? 5.932   22.514  6.723   1.00 30.02 ? 234 MET B CB  1 
ATOM   428  C  CG  . MET B 1 19 ? 4.596   22.693  6.283   1.00 37.88 ? 234 MET B CG  1 
ATOM   429  S  SD  . MET B 1 19 ? 3.809   21.071  6.163   1.00 53.10 ? 234 MET B SD  1 
ATOM   430  C  CE  . MET B 1 19 ? 3.649   20.839  4.351   1.00 46.36 ? 234 MET B CE  1 
ATOM   431  N  N   . ASN B 1 20 ? 7.916   20.409  8.192   1.00 27.17 ? 235 ASN B N   1 
ATOM   432  C  CA  . ASN B 1 20 ? 8.557   19.140  8.275   1.00 26.13 ? 235 ASN B CA  1 
ATOM   433  C  C   . ASN B 1 20 ? 8.258   18.382  9.624   1.00 26.23 ? 235 ASN B C   1 
ATOM   434  O  O   . ASN B 1 20 ? 8.018   17.153  9.699   1.00 22.16 ? 235 ASN B O   1 
ATOM   435  C  CB  . ASN B 1 20 ? 10.038  19.330  8.178   1.00 27.41 ? 235 ASN B CB  1 
ATOM   436  C  CG  . ASN B 1 20 ? 10.772  18.046  8.079   1.00 29.97 ? 235 ASN B CG  1 
ATOM   437  O  OD1 . ASN B 1 20 ? 11.319  17.502  9.068   1.00 34.74 ? 235 ASN B OD1 1 
ATOM   438  N  ND2 . ASN B 1 20 ? 10.778  17.505  6.880   1.00 31.21 ? 235 ASN B ND2 1 
ATOM   439  N  N   . VAL B 1 21 ? 8.236   19.170  10.677  1.00 24.84 ? 236 VAL B N   1 
ATOM   440  C  CA  . VAL B 1 21 ? 7.752   18.690  12.003  1.00 23.83 ? 236 VAL B CA  1 
ATOM   441  C  C   . VAL B 1 21 ? 6.307   18.264  12.001  1.00 24.14 ? 236 VAL B C   1 
ATOM   442  O  O   . VAL B 1 21 ? 5.969   17.149  12.509  1.00 24.14 ? 236 VAL B O   1 
ATOM   443  C  CB  . VAL B 1 21 ? 8.008   19.764  13.087  1.00 25.69 ? 236 VAL B CB  1 
ATOM   444  C  CG1 . VAL B 1 21 ? 7.329   19.259  14.404  1.00 23.14 ? 236 VAL B CG1 1 
ATOM   445  C  CG2 . VAL B 1 21 ? 9.604   19.943  13.255  1.00 21.59 ? 236 VAL B CG2 1 
ATOM   446  N  N   . GLN B 1 22 ? 5.457   19.027  11.339  1.00 23.96 ? 237 GLN B N   1 
ATOM   447  C  CA  . GLN B 1 22 ? 4.070   18.689  11.269  1.00 24.68 ? 237 GLN B CA  1 
ATOM   448  C  C   . GLN B 1 22 ? 3.817   17.398  10.468  1.00 26.06 ? 237 GLN B C   1 
ATOM   449  O  O   . GLN B 1 22 ? 2.914   16.625  10.858  1.00 25.27 ? 237 GLN B O   1 
ATOM   450  C  CB  . GLN B 1 22 ? 3.226   19.814  10.644  1.00 23.70 ? 237 GLN B CB  1 
ATOM   451  C  CG  . GLN B 1 22 ? 3.343   21.133  11.383  1.00 30.56 ? 237 GLN B CG  1 
ATOM   452  C  CD  . GLN B 1 22 ? 2.863   22.329  10.541  1.00 38.39 ? 237 GLN B CD  1 
ATOM   453  O  OE1 . GLN B 1 22 ? 2.434   22.163  9.368   1.00 43.29 ? 237 GLN B OE1 1 
ATOM   454  N  NE2 . GLN B 1 22 ? 2.901   23.526  11.133  1.00 38.36 ? 237 GLN B NE2 1 
ATOM   455  N  N   . LEU B 1 23 ? 4.505   17.255  9.334   1.00 24.59 ? 238 LEU B N   1 
ATOM   456  C  CA  . LEU B 1 23 ? 4.339   16.094  8.477   1.00 24.18 ? 238 LEU B CA  1 
ATOM   457  C  C   . LEU B 1 23 ? 4.894   14.856  9.176   1.00 22.84 ? 238 LEU B C   1 
ATOM   458  O  O   . LEU B 1 23 ? 4.322   13.787  9.123   1.00 19.69 ? 238 LEU B O   1 
ATOM   459  C  CB  . LEU B 1 23 ? 5.107   16.308  7.156   1.00 23.32 ? 238 LEU B CB  1 
ATOM   460  C  CG  . LEU B 1 23 ? 4.505   17.362  6.227   1.00 28.33 ? 238 LEU B CG  1 
ATOM   461  C  CD1 . LEU B 1 23 ? 5.476   17.839  5.154   1.00 24.10 ? 238 LEU B CD1 1 
ATOM   462  C  CD2 . LEU B 1 23 ? 3.221   16.958  5.627   1.00 25.46 ? 238 LEU B CD2 1 
ATOM   463  N  N   . ALA B 1 24 ? 6.033   15.003  9.825   1.00 20.35 ? 239 ALA B N   1 
ATOM   464  C  CA  . ALA B 1 24 ? 6.634   13.860  10.503  1.00 22.65 ? 239 ALA B CA  1 
ATOM   465  C  C   . ALA B 1 24 ? 5.694   13.398  11.618  1.00 23.73 ? 239 ALA B C   1 
ATOM   466  O  O   . ALA B 1 24 ? 5.582   12.226  11.825  1.00 23.90 ? 239 ALA B O   1 
ATOM   467  C  CB  . ALA B 1 24 ? 8.039   14.171  10.996  1.00 21.73 ? 239 ALA B CB  1 
ATOM   468  N  N   . ALA B 1 25 ? 5.015   14.328  12.275  1.00 24.37 ? 240 ALA B N   1 
ATOM   469  C  CA  . ALA B 1 25 ? 4.034   14.045  13.340  1.00 24.80 ? 240 ALA B CA  1 
ATOM   470  C  C   . ALA B 1 25 ? 2.797   13.256  12.808  1.00 25.18 ? 240 ALA B C   1 
ATOM   471  O  O   . ALA B 1 25 ? 2.449   12.200  13.346  1.00 26.08 ? 240 ALA B O   1 
ATOM   472  C  CB  . ALA B 1 25 ? 3.579   15.317  14.023  1.00 23.86 ? 240 ALA B CB  1 
ATOM   473  N  N   . LYS B 1 26 ? 2.226   13.706  11.693  1.00 25.20 ? 241 LYS B N   1 
ATOM   474  C  CA  . LYS B 1 26 ? 1.163   12.992  10.998  1.00 24.04 ? 241 LYS B CA  1 
ATOM   475  C  C   . LYS B 1 26 ? 1.585   11.572  10.543  1.00 23.48 ? 241 LYS B C   1 
ATOM   476  O  O   . LYS B 1 26 ? 0.789   10.622  10.694  1.00 20.25 ? 241 LYS B O   1 
ATOM   477  C  CB  . LYS B 1 26 ? 0.788   13.745  9.776   1.00 25.88 ? 241 LYS B CB  1 
ATOM   478  C  CG  . LYS B 1 26 ? -0.340  13.102  9.017   1.00 29.00 ? 241 LYS B CG  1 
ATOM   479  C  CD  . LYS B 1 26 ? -1.652  13.396  9.726   1.00 34.46 ? 241 LYS B CD  1 
ATOM   480  C  CE  . LYS B 1 26 ? -2.864  12.795  8.938   1.00 41.86 ? 241 LYS B CE  1 
ATOM   481  N  NZ  . LYS B 1 26 ? -3.137  13.713  7.748   1.00 49.63 ? 241 LYS B NZ  1 
ATOM   482  N  N   . ILE B 1 27 ? 2.820   11.419  10.012  1.00 21.78 ? 242 ILE B N   1 
ATOM   483  C  CA  . ILE B 1 27 ? 3.358   10.114  9.690   1.00 23.15 ? 242 ILE B CA  1 
ATOM   484  C  C   . ILE B 1 27 ? 3.412   9.186   10.926  1.00 24.64 ? 242 ILE B C   1 
ATOM   485  O  O   . ILE B 1 27 ? 2.965   8.021   10.883  1.00 22.04 ? 242 ILE B O   1 
ATOM   486  C  CB  . ILE B 1 27 ? 4.797   10.234  9.052   1.00 22.31 ? 242 ILE B CB  1 
ATOM   487  C  CG1 . ILE B 1 27 ? 4.681   10.848  7.660   1.00 22.97 ? 242 ILE B CG1 1 
ATOM   488  C  CG2 . ILE B 1 27 ? 5.404   8.938   8.966   1.00 23.84 ? 242 ILE B CG2 1 
ATOM   489  C  CD1 . ILE B 1 27 ? 6.155   11.044  7.002   1.00 22.58 ? 242 ILE B CD1 1 
ATOM   490  N  N   . GLN B 1 28 ? 3.991   9.687   12.027  1.00 23.65 ? 243 GLN B N   1 
ATOM   491  C  CA  . GLN B 1 28 ? 3.997   8.886   13.293  1.00 27.66 ? 243 GLN B CA  1 
ATOM   492  C  C   . GLN B 1 28 ? 2.591   8.434   13.755  1.00 25.20 ? 243 GLN B C   1 
ATOM   493  O  O   . GLN B 1 28 ? 2.390   7.262   14.189  1.00 26.08 ? 243 GLN B O   1 
ATOM   494  C  CB  . GLN B 1 28 ? 4.644   9.688   14.422  1.00 27.98 ? 243 GLN B CB  1 
ATOM   495  C  CG  . GLN B 1 28 ? 5.232   8.843   15.440  1.00 38.60 ? 243 GLN B CG  1 
ATOM   496  C  CD  . GLN B 1 28 ? 6.543   8.435   14.968  1.00 45.68 ? 243 GLN B CD  1 
ATOM   497  O  OE1 . GLN B 1 28 ? 7.442   9.270   14.885  1.00 50.73 ? 243 GLN B OE1 1 
ATOM   498  N  NE2 . GLN B 1 28 ? 6.682   7.175   14.571  1.00 52.79 ? 243 GLN B NE2 1 
ATOM   499  N  N   . HIS B 1 29 ? 1.620   9.333   13.671  1.00 23.65 ? 244 HIS B N   1 
ATOM   500  C  CA  . HIS B 1 29 ? 0.258   8.982   14.004  1.00 26.59 ? 244 HIS B CA  1 
ATOM   501  C  C   . HIS B 1 29 ? -0.351  7.886   13.068  1.00 25.26 ? 244 HIS B C   1 
ATOM   502  O  O   . HIS B 1 29 ? -1.021  6.946   13.547  1.00 20.91 ? 244 HIS B O   1 
ATOM   503  C  CB  . HIS B 1 29 ? -0.660  10.239  13.952  1.00 27.88 ? 244 HIS B CB  1 
ATOM   504  C  CG  . HIS B 1 29 ? -2.022  9.971   14.476  1.00 35.73 ? 244 HIS B CG  1 
ATOM   505  N  ND1 . HIS B 1 29 ? -2.273  9.841   15.839  1.00 42.94 ? 244 HIS B ND1 1 
ATOM   506  C  CD2 . HIS B 1 29 ? -3.202  9.739   13.845  1.00 39.05 ? 244 HIS B CD2 1 
ATOM   507  C  CE1 . HIS B 1 29 ? -3.547  9.556   16.008  1.00 42.07 ? 244 HIS B CE1 1 
ATOM   508  N  NE2 . HIS B 1 29 ? -4.121  9.462   14.820  1.00 40.02 ? 244 HIS B NE2 1 
ATOM   509  N  N   . LEU B 1 30 ? -0.128  8.054   11.751  1.00 23.60 ? 245 LEU B N   1 
ATOM   510  C  CA  . LEU B 1 30 ? -0.612  7.110   10.760  1.00 23.92 ? 245 LEU B CA  1 
ATOM   511  C  C   . LEU B 1 30 ? 0.085   5.764   10.873  1.00 23.51 ? 245 LEU B C   1 
ATOM   512  O  O   . LEU B 1 30 ? -0.569  4.716   10.800  1.00 23.80 ? 245 LEU B O   1 
ATOM   513  C  CB  . LEU B 1 30 ? -0.479  7.656   9.322   1.00 22.25 ? 245 LEU B CB  1 
ATOM   514  C  CG  . LEU B 1 30 ? -1.426  8.771   8.950   1.00 26.11 ? 245 LEU B CG  1 
ATOM   515  C  CD1 . LEU B 1 30 ? -1.009  9.521   7.656   1.00 24.42 ? 245 LEU B CD1 1 
ATOM   516  C  CD2 . LEU B 1 30 ? -2.856  8.223   8.818   1.00 28.52 ? 245 LEU B CD2 1 
ATOM   517  N  N   . GLU B 1 31 ? 1.397   5.740   11.067  1.00 23.72 ? 246 GLU B N   1 
ATOM   518  C  CA  . GLU B 1 31 ? 2.117   4.481   11.306  1.00 25.30 ? 246 GLU B CA  1 
ATOM   519  C  C   . GLU B 1 31 ? 1.590   3.699   12.522  1.00 25.87 ? 246 GLU B C   1 
ATOM   520  O  O   . GLU B 1 31 ? 1.498   2.449   12.477  1.00 24.12 ? 246 GLU B O   1 
ATOM   521  C  CB  . GLU B 1 31 ? 3.615   4.793   11.497  1.00 25.24 ? 246 GLU B CB  1 
ATOM   522  C  CG  . GLU B 1 31 ? 4.182   5.340   10.130  1.00 27.97 ? 246 GLU B CG  1 
ATOM   523  C  CD  . GLU B 1 31 ? 5.692   5.462   10.123  1.00 29.72 ? 246 GLU B CD  1 
ATOM   524  O  OE1 . GLU B 1 31 ? 6.260   5.685   11.143  1.00 32.47 ? 246 GLU B OE1 1 
ATOM   525  O  OE2 . GLU B 1 31 ? 6.296   5.414   9.044   1.00 34.19 ? 246 GLU B OE2 1 
ATOM   526  N  N   . PHE B 1 32 ? 1.294   4.417   13.609  1.00 24.85 ? 247 PHE B N   1 
ATOM   527  C  CA  . PHE B 1 32 ? 0.620   3.790   14.762  1.00 25.17 ? 247 PHE B CA  1 
ATOM   528  C  C   . PHE B 1 32 ? -0.821  3.241   14.468  1.00 24.04 ? 247 PHE B C   1 
ATOM   529  O  O   . PHE B 1 32 ? -1.147  2.123   14.864  1.00 23.36 ? 247 PHE B O   1 
ATOM   530  C  CB  . PHE B 1 32 ? 0.544   4.781   15.909  1.00 27.32 ? 247 PHE B CB  1 
ATOM   531  C  CG  . PHE B 1 32 ? 0.014   4.157   17.199  1.00 29.67 ? 247 PHE B CG  1 
ATOM   532  C  CD1 . PHE B 1 32 ? 0.833   3.339   17.958  1.00 31.00 ? 247 PHE B CD1 1 
ATOM   533  C  CD2 . PHE B 1 32 ? -1.247  4.477   17.675  1.00 31.69 ? 247 PHE B CD2 1 
ATOM   534  C  CE1 . PHE B 1 32 ? 0.366   2.771   19.163  1.00 34.66 ? 247 PHE B CE1 1 
ATOM   535  C  CE2 . PHE B 1 32 ? -1.727  3.893   18.876  1.00 32.76 ? 247 PHE B CE2 1 
ATOM   536  C  CZ  . PHE B 1 32 ? -0.916  3.017   19.593  1.00 33.27 ? 247 PHE B CZ  1 
ATOM   537  N  N   . SER B 1 33 ? -1.657  4.037   13.802  1.00 22.51 ? 248 SER B N   1 
ATOM   538  C  CA  . SER B 1 33 ? -2.988  3.625   13.417  1.00 25.40 ? 248 SER B CA  1 
ATOM   539  C  C   . SER B 1 33 ? -2.882  2.398   12.486  1.00 24.84 ? 248 SER B C   1 
ATOM   540  O  O   . SER B 1 33 ? -3.609  1.412   12.655  1.00 25.22 ? 248 SER B O   1 
ATOM   541  C  CB  . SER B 1 33 ? -3.770  4.854   12.811  1.00 26.96 ? 248 SER B CB  1 
ATOM   542  O  OG  . SER B 1 33 ? -4.829  4.415   11.971  1.00 29.59 ? 248 SER B OG  1 
ATOM   543  N  N   . CYS B 1 34 ? -1.906  2.388   11.577  1.00 24.89 ? 249 CYS B N   1 
ATOM   544  C  CA  . CYS B 1 34 ? -1.702  1.243   10.678  1.00 25.98 ? 249 CYS B CA  1 
ATOM   545  C  C   . CYS B 1 34 ? -1.278  -0.007  11.434  1.00 26.49 ? 249 CYS B C   1 
ATOM   546  O  O   . CYS B 1 34 ? -1.680  -1.146  11.105  1.00 24.30 ? 249 CYS B O   1 
ATOM   547  C  CB  . CYS B 1 34 ? -0.665  1.531   9.582   1.00 28.40 ? 249 CYS B CB  1 
ATOM   548  S  SG  . CYS B 1 34 ? -1.336  2.068   8.003   1.00 34.10 ? 249 CYS B SG  1 
ATOM   549  N  N   . SER B 1 35 ? -0.474  0.175   12.464  1.00 25.97 ? 250 SER B N   1 
ATOM   550  C  CA  . SER B 1 35 ? 0.139   -0.950  13.059  1.00 28.06 ? 250 SER B CA  1 
ATOM   551  C  C   . SER B 1 35 ? -0.855  -1.535  14.064  1.00 26.72 ? 250 SER B C   1 
ATOM   552  O  O   . SER B 1 35 ? -0.894  -2.753  14.248  1.00 26.80 ? 250 SER B O   1 
ATOM   553  C  CB  . SER B 1 35 ? 1.516   -0.552  13.640  1.00 26.46 ? 250 SER B CB  1 
ATOM   554  O  OG  . SER B 1 35 ? 1.410   -0.392  15.030  1.00 37.66 ? 250 SER B OG  1 
ATOM   555  N  N   . GLU B 1 36 ? -1.706  -0.679  14.632  1.00 26.74 ? 251 GLU B N   1 
ATOM   556  C  CA  . GLU B 1 36 ? -2.853  -1.063  15.454  1.00 25.71 ? 251 GLU B CA  1 
ATOM   557  C  C   . GLU B 1 36 ? -3.778  -1.972  14.586  1.00 26.07 ? 251 GLU B C   1 
ATOM   558  O  O   . GLU B 1 36 ? -4.292  -3.001  15.051  1.00 22.74 ? 251 GLU B O   1 
ATOM   559  C  CB  . GLU B 1 36 ? -3.569  0.229   15.776  1.00 27.53 ? 251 GLU B CB  1 
ATOM   560  C  CG  . GLU B 1 36 ? -4.725  0.357   16.759  1.00 32.84 ? 251 GLU B CG  1 
ATOM   561  C  CD  . GLU B 1 36 ? -4.869  1.850   17.167  1.00 38.02 ? 251 GLU B CD  1 
ATOM   562  O  OE1 . GLU B 1 36 ? -4.038  2.328   17.964  1.00 42.32 ? 251 GLU B OE1 1 
ATOM   563  O  OE2 . GLU B 1 36 ? -5.791  2.577   16.657  1.00 45.11 ? 251 GLU B OE2 1 
ATOM   564  N  N   . LYS B 1 37 ? -4.049  -1.541  13.361  1.00 23.31 ? 252 LYS B N   1 
ATOM   565  C  CA  . LYS B 1 37 ? -4.970  -2.279  12.522  1.00 24.37 ? 252 LYS B CA  1 
ATOM   566  C  C   . LYS B 1 37 ? -4.365  -3.608  12.072  1.00 26.17 ? 252 LYS B C   1 
ATOM   567  O  O   . LYS B 1 37 ? -5.104  -4.621  11.918  1.00 25.60 ? 252 LYS B O   1 
ATOM   568  C  CB  . LYS B 1 37 ? -5.341  -1.435  11.301  1.00 22.55 ? 252 LYS B CB  1 
ATOM   569  C  CG  . LYS B 1 37 ? -6.206  -0.170  11.667  1.00 23.85 ? 252 LYS B CG  1 
ATOM   570  C  CD  . LYS B 1 37 ? -6.955  0.313   10.464  1.00 26.11 ? 252 LYS B CD  1 
ATOM   571  C  CE  . LYS B 1 37 ? -7.201  1.790   10.452  1.00 29.43 ? 252 LYS B CE  1 
ATOM   572  N  NZ  . LYS B 1 37 ? -7.532  2.274   11.861  1.00 36.84 ? 252 LYS B NZ  1 
ATOM   573  N  N   . GLU B 1 38 ? -3.072  -3.587  11.753  1.00 25.37 ? 253 GLU B N   1 
ATOM   574  C  CA  . GLU B 1 38 ? -2.394  -4.827  11.403  1.00 28.92 ? 253 GLU B CA  1 
ATOM   575  C  C   . GLU B 1 38 ? -2.386  -5.851  12.527  1.00 28.87 ? 253 GLU B C   1 
ATOM   576  O  O   . GLU B 1 38 ? -2.563  -7.051  12.316  1.00 29.68 ? 253 GLU B O   1 
ATOM   577  C  CB  . GLU B 1 38 ? -0.938  -4.557  10.934  1.00 30.11 ? 253 GLU B CB  1 
ATOM   578  C  CG  . GLU B 1 38 ? -0.240  -5.829  10.492  1.00 33.98 ? 253 GLU B CG  1 
ATOM   579  C  CD  . GLU B 1 38 ? -1.078  -6.631  9.429   1.00 34.73 ? 253 GLU B CD  1 
ATOM   580  O  OE1 . GLU B 1 38 ? -1.600  -6.014  8.483   1.00 42.78 ? 253 GLU B OE1 1 
ATOM   581  O  OE2 . GLU B 1 38 ? -1.219  -7.871  9.536   1.00 42.54 ? 253 GLU B OE2 1 
ATOM   582  N  N   . GLN B 1 39 ? -2.105  -5.402  13.719  1.00 30.47 ? 254 GLN B N   1 
ATOM   583  C  CA  . GLN B 1 39 ? -2.136  -6.245  14.906  1.00 31.57 ? 254 GLN B CA  1 
ATOM   584  C  C   . GLN B 1 39 ? -3.605  -6.795  15.095  1.00 30.41 ? 254 GLN B C   1 
ATOM   585  O  O   . GLN B 1 39 ? -3.792  -8.008  15.414  1.00 29.84 ? 254 GLN B O   1 
ATOM   586  C  CB  . GLN B 1 39 ? -1.513  -5.438  16.103  1.00 34.22 ? 254 GLN B CB  1 
ATOM   587  C  CG  . GLN B 1 39 ? -1.908  -5.917  17.485  1.00 40.40 ? 254 GLN B CG  1 
ATOM   588  C  CD  . GLN B 1 39 ? -1.779  -4.814  18.571  1.00 47.46 ? 254 GLN B CD  1 
ATOM   589  O  OE1 . GLN B 1 39 ? -1.122  -3.774  18.362  1.00 50.46 ? 254 GLN B OE1 1 
ATOM   590  N  NE2 . GLN B 1 39 ? -2.485  -5.020  19.719  1.00 50.08 ? 254 GLN B NE2 1 
ATOM   591  N  N   . GLU B 1 40 ? -4.622  -5.969  14.869  1.00 26.33 ? 255 GLU B N   1 
ATOM   592  C  CA  . GLU B 1 40 ? -6.015  -6.410  14.903  1.00 27.25 ? 255 GLU B CA  1 
ATOM   593  C  C   . GLU B 1 40 ? -6.353  -7.473  13.792  1.00 27.41 ? 255 GLU B C   1 
ATOM   594  O  O   . GLU B 1 40 ? -7.079  -8.431  14.020  1.00 26.13 ? 255 GLU B O   1 
ATOM   595  C  CB  . GLU B 1 40 ? -7.022  -5.237  14.841  1.00 26.25 ? 255 GLU B CB  1 
ATOM   596  C  CG  . GLU B 1 40 ? -8.460  -5.637  14.600  1.00 28.61 ? 255 GLU B CG  1 
ATOM   597  C  CD  . GLU B 1 40 ? -9.497  -4.601  15.093  1.00 35.01 ? 255 GLU B CD  1 
ATOM   598  O  OE1 . GLU B 1 40 ? -9.213  -3.412  15.218  1.00 45.67 ? 255 GLU B OE1 1 
ATOM   599  O  OE2 . GLU B 1 40 ? -10.635 -4.966  15.426  1.00 45.89 ? 255 GLU B OE2 1 
ATOM   600  N  N   . ILE B 1 41 ? -5.865  -7.253  12.598  1.00 24.58 ? 256 ILE B N   1 
ATOM   601  C  CA  . ILE B 1 41 ? -5.988  -8.256  11.542  1.00 25.36 ? 256 ILE B CA  1 
ATOM   602  C  C   . ILE B 1 41 ? -5.396  -9.594  11.941  1.00 24.88 ? 256 ILE B C   1 
ATOM   603  O  O   . ILE B 1 41 ? -6.021  -10.609 11.685  1.00 23.98 ? 256 ILE B O   1 
ATOM   604  C  CB  . ILE B 1 41 ? -5.363  -7.752  10.177  1.00 22.73 ? 256 ILE B CB  1 
ATOM   605  C  CG1 . ILE B 1 41 ? -6.299  -6.686  9.566   1.00 24.78 ? 256 ILE B CG1 1 
ATOM   606  C  CG2 . ILE B 1 41 ? -5.140  -8.923  9.155   1.00 23.21 ? 256 ILE B CG2 1 
ATOM   607  C  CD1 . ILE B 1 41 ? -5.529  -5.506  8.685   1.00 22.50 ? 256 ILE B CD1 1 
ATOM   608  N  N   . GLU B 1 42 ? -4.213  -9.599  12.554  1.00 27.47 ? 257 GLU B N   1 
ATOM   609  C  CA  . GLU B 1 42 ? -3.586  -10.852 13.062  1.00 29.51 ? 257 GLU B CA  1 
ATOM   610  C  C   . GLU B 1 42 ? -4.461  -11.558 14.109  1.00 29.67 ? 257 GLU B C   1 
ATOM   611  O  O   . GLU B 1 42 ? -4.576  -12.798 14.141  1.00 29.02 ? 257 GLU B O   1 
ATOM   612  C  CB  . GLU B 1 42 ? -2.164  -10.539 13.622  1.00 31.39 ? 257 GLU B CB  1 
ATOM   613  C  CG  . GLU B 1 42 ? -1.255  -10.123 12.494  1.00 31.35 ? 257 GLU B CG  1 
ATOM   614  C  CD  . GLU B 1 42 ? 0.155   -9.689  12.952  1.00 37.71 ? 257 GLU B CD  1 
ATOM   615  O  OE1 . GLU B 1 42 ? 0.415   -9.724  14.167  1.00 40.62 ? 257 GLU B OE1 1 
ATOM   616  O  OE2 . GLU B 1 42 ? 0.947   -9.228  12.068  1.00 42.02 ? 257 GLU B OE2 1 
ATOM   617  N  N   . ARG B 1 43 ? -5.090  -10.767 14.980  1.00 28.35 ? 258 ARG B N   1 
ATOM   618  C  CA  . ARG B 1 43 ? -5.982  -11.283 15.952  1.00 28.37 ? 258 ARG B CA  1 
ATOM   619  C  C   . ARG B 1 43 ? -7.254  -11.874 15.374  1.00 27.17 ? 258 ARG B C   1 
ATOM   620  O  O   . ARG B 1 43 ? -7.684  -12.999 15.778  1.00 27.33 ? 258 ARG B O   1 
ATOM   621  C  CB  . ARG B 1 43 ? -6.324  -10.189 16.935  1.00 29.58 ? 258 ARG B CB  1 
ATOM   622  C  CG  . ARG B 1 43 ? -7.672  -10.332 17.503  1.00 33.38 ? 258 ARG B CG  1 
ATOM   623  C  CD  . ARG B 1 43 ? -7.958  -9.110  18.428  1.00 40.37 ? 258 ARG B CD  1 
ATOM   624  N  NE  . ARG B 1 43 ? -9.285  -8.525  18.190  1.00 36.49 ? 258 ARG B NE  1 
ATOM   625  C  CZ  . ARG B 1 43 ? -10.406 -9.151  18.467  1.00 36.35 ? 258 ARG B CZ  1 
ATOM   626  N  NH1 . ARG B 1 43 ? -10.318 -10.359 19.021  1.00 35.37 ? 258 ARG B NH1 1 
ATOM   627  N  NH2 . ARG B 1 43 ? -11.582 -8.553  18.238  1.00 29.76 ? 258 ARG B NH2 1 
ATOM   628  N  N   . LEU B 1 44 ? -7.856  -11.186 14.411  1.00 25.93 ? 259 LEU B N   1 
ATOM   629  C  CA  . LEU B 1 44 ? -9.091  -11.705 13.729  1.00 24.35 ? 259 LEU B CA  1 
ATOM   630  C  C   . LEU B 1 44 ? -8.802  -12.966 12.903  1.00 26.36 ? 259 LEU B C   1 
ATOM   631  O  O   . LEU B 1 44 ? -9.635  -13.919 12.810  1.00 25.46 ? 259 LEU B O   1 
ATOM   632  C  CB  . LEU B 1 44 ? -9.696  -10.627 12.828  1.00 22.87 ? 259 LEU B CB  1 
ATOM   633  C  CG  . LEU B 1 44 ? -9.954  -9.291  13.570  1.00 23.07 ? 259 LEU B CG  1 
ATOM   634  C  CD1 . LEU B 1 44 ? -10.601 -8.245  12.577  1.00 23.19 ? 259 LEU B CD1 1 
ATOM   635  C  CD2 . LEU B 1 44 ? -10.856 -9.554  14.797  1.00 28.35 ? 259 LEU B CD2 1 
ATOM   636  N  N   . ASN B 1 45 ? -7.675  -12.946 12.193  1.00 27.71 ? 260 ASN B N   1 
ATOM   637  C  CA  . ASN B 1 45 ? -7.250  -14.144 11.478  1.00 27.95 ? 260 ASN B CA  1 
ATOM   638  C  C   . ASN B 1 45 ? -7.050  -15.382 12.414  1.00 30.33 ? 260 ASN B C   1 
ATOM   639  O  O   . ASN B 1 45 ? -7.530  -16.491 12.090  1.00 29.87 ? 260 ASN B O   1 
ATOM   640  C  CB  . ASN B 1 45 ? -5.956  -13.849 10.812  1.00 28.91 ? 260 ASN B CB  1 
ATOM   641  C  CG  . ASN B 1 45 ? -6.137  -13.111 9.559   1.00 26.54 ? 260 ASN B CG  1 
ATOM   642  O  OD1 . ASN B 1 45 ? -7.110  -13.343 8.872   1.00 29.43 ? 260 ASN B OD1 1 
ATOM   643  N  ND2 . ASN B 1 45 ? -5.137  -12.325 9.160   1.00 25.03 ? 260 ASN B ND2 1 
ATOM   644  N  N   . LYS B 1 46 ? -6.407  -15.183 13.569  1.00 29.98 ? 261 LYS B N   1 
ATOM   645  C  CA  . LYS B 1 46 ? -6.163  -16.249 14.557  1.00 32.31 ? 261 LYS B CA  1 
ATOM   646  C  C   . LYS B 1 46 ? -7.429  -16.775 15.168  1.00 33.45 ? 261 LYS B C   1 
ATOM   647  O  O   . LYS B 1 46 ? -7.669  -18.008 15.227  1.00 31.79 ? 261 LYS B O   1 
ATOM   648  C  CB  . LYS B 1 46 ? -5.164  -15.812 15.647  1.00 32.97 ? 261 LYS B CB  1 
ATOM   649  C  CG  . LYS B 1 46 ? -4.925  -16.872 16.729  1.00 33.93 ? 261 LYS B CG  1 
ATOM   650  C  CD  . LYS B 1 46 ? -3.925  -16.372 17.798  1.00 37.80 ? 261 LYS B CD  1 
ATOM   651  C  CE  . LYS B 1 46 ? -4.468  -15.119 18.542  1.00 41.98 ? 261 LYS B CE  1 
ATOM   652  N  NZ  . LYS B 1 46 ? -3.989  -13.753 18.173  1.00 42.46 ? 261 LYS B NZ  1 
ATOM   653  N  N   . LEU B 1 47 ? -8.288  -15.848 15.538  1.00 32.74 ? 262 LEU B N   1 
ATOM   654  C  CA  . LEU B 1 47 ? -9.644  -16.168 15.912  1.00 34.06 ? 262 LEU B CA  1 
ATOM   655  C  C   . LEU B 1 47 ? -10.454 -16.982 14.889  1.00 34.82 ? 262 LEU B C   1 
ATOM   656  O  O   . LEU B 1 47 ? -11.217 -17.929 15.209  1.00 34.77 ? 262 LEU B O   1 
ATOM   657  C  CB  . LEU B 1 47 ? -10.309 -14.833 16.214  1.00 34.13 ? 262 LEU B CB  1 
ATOM   658  C  CG  . LEU B 1 47 ? -11.466 -14.662 17.142  1.00 36.52 ? 262 LEU B CG  1 
ATOM   659  C  CD1 . LEU B 1 47 ? -11.233 -15.392 18.535  1.00 36.64 ? 262 LEU B CD1 1 
ATOM   660  C  CD2 . LEU B 1 47 ? -11.689 -13.194 17.286  1.00 34.03 ? 262 LEU B CD2 1 
ATOM   661  N  N   . LEU B 1 48 ? -10.338 -16.607 13.632  1.00 34.66 ? 263 LEU B N   1 
ATOM   662  C  CA  . LEU B 1 48 ? -11.131 -17.197 12.578  1.00 37.41 ? 263 LEU B CA  1 
ATOM   663  C  C   . LEU B 1 48 ? -10.591 -18.587 12.173  1.00 39.58 ? 263 LEU B C   1 
ATOM   664  O  O   . LEU B 1 48 ? -11.353 -19.520 11.889  1.00 40.36 ? 263 LEU B O   1 
ATOM   665  C  CB  . LEU B 1 48 ? -11.056 -16.236 11.377  1.00 36.07 ? 263 LEU B CB  1 
ATOM   666  C  CG  . LEU B 1 48 ? -12.063 -15.707 10.355  1.00 37.31 ? 263 LEU B CG  1 
ATOM   667  C  CD1 . LEU B 1 48 ? -13.500 -15.877 10.727  1.00 36.41 ? 263 LEU B CD1 1 
ATOM   668  C  CD2 . LEU B 1 48 ? -11.671 -14.249 9.991   1.00 31.93 ? 263 LEU B CD2 1 
ATOM   669  N  N   . ARG B 1 49 ? -9.277  -18.683 12.058  1.00 41.70 ? 264 ARG B N   1 
ATOM   670  C  CA  . ARG B 1 49 ? -8.652  -19.924 11.673  1.00 44.85 ? 264 ARG B CA  1 
ATOM   671  C  C   . ARG B 1 49 ? -8.711  -20.993 12.788  1.00 46.80 ? 264 ARG B C   1 
ATOM   672  O  O   . ARG B 1 49 ? -8.764  -22.203 12.508  1.00 47.38 ? 264 ARG B O   1 
ATOM   673  C  CB  . ARG B 1 49 ? -7.229  -19.651 11.285  1.00 43.88 ? 264 ARG B CB  1 
ATOM   674  C  CG  . ARG B 1 49 ? -7.137  -19.031 9.902   1.00 45.86 ? 264 ARG B CG  1 
ATOM   675  C  CD  . ARG B 1 49 ? -5.786  -19.360 9.172   1.00 46.61 ? 264 ARG B CD  1 
ATOM   676  N  NE  . ARG B 1 49 ? -5.134  -18.133 8.667   1.00 49.58 ? 264 ARG B NE  1 
ATOM   677  C  CZ  . ARG B 1 49 ? -4.397  -17.294 9.407   1.00 46.27 ? 264 ARG B CZ  1 
ATOM   678  N  NH1 . ARG B 1 49 ? -4.188  -17.514 10.723  1.00 48.08 ? 264 ARG B NH1 1 
ATOM   679  N  NH2 . ARG B 1 49 ? -3.860  -16.240 8.829   1.00 51.09 ? 264 ARG B NH2 1 
ATOM   680  N  N   . GLN B 1 50 ? -8.759  -20.521 14.023  1.00 48.38 ? 265 GLN B N   1 
ATOM   681  C  CA  . GLN B 1 50 ? -8.775  -21.331 15.242  1.00 52.50 ? 265 GLN B CA  1 
ATOM   682  C  C   . GLN B 1 50 ? -10.232 -21.565 15.805  1.00 53.31 ? 265 GLN B C   1 
ATOM   683  O  O   . GLN B 1 50 ? -10.444 -22.482 16.603  1.00 53.56 ? 265 GLN B O   1 
ATOM   684  C  CB  . GLN B 1 50 ? -7.830  -20.646 16.250  1.00 52.77 ? 265 GLN B CB  1 
ATOM   685  C  CG  . GLN B 1 50 ? -7.763  -21.154 17.677  1.00 58.42 ? 265 GLN B CG  1 
ATOM   686  C  CD  . GLN B 1 50 ? -8.031  -20.030 18.723  1.00 63.13 ? 265 GLN B CD  1 
ATOM   687  O  OE1 . GLN B 1 50 ? -8.449  -18.905 18.377  1.00 62.41 ? 265 GLN B OE1 1 
ATOM   688  N  NE2 . GLN B 1 50 ? -7.833  -20.361 20.016  1.00 65.67 ? 265 GLN B NE2 1 
ATOM   689  N  N   . HIS B 1 51 ? -11.204 -20.732 15.398  1.00 54.46 ? 266 HIS B N   1 
ATOM   690  C  CA  . HIS B 1 51 ? -12.670 -21.013 15.460  1.00 54.81 ? 266 HIS B CA  1 
ATOM   691  C  C   . HIS B 1 51 ? -13.461 -20.449 14.271  1.00 55.40 ? 266 HIS B C   1 
ATOM   692  O  O   . HIS B 1 51 ? -14.123 -21.224 13.532  1.00 56.91 ? 266 HIS B O   1 
ATOM   693  C  CB  . HIS B 1 51 ? -13.208 -20.446 16.744  1.00 55.51 ? 266 HIS B CB  1 
ATOM   694  C  CG  . HIS B 1 51 ? -12.147 -20.383 17.793  1.00 56.81 ? 266 HIS B CG  1 
ATOM   695  N  ND1 . HIS B 1 51 ? -12.014 -21.346 18.775  1.00 61.04 ? 266 HIS B ND1 1 
ATOM   696  C  CD2 . HIS B 1 51 ? -11.088 -19.546 17.937  1.00 56.44 ? 266 HIS B CD2 1 
ATOM   697  C  CE1 . HIS B 1 51 ? -10.949 -21.069 19.521  1.00 59.65 ? 266 HIS B CE1 1 
ATOM   698  N  NE2 . HIS B 1 51 ? -10.369 -19.981 19.032  1.00 58.59 ? 266 HIS B NE2 1 
ATOM   699  N  N   . ARG C 1 11 ? -17.393 -28.538 -3.363  1.00 49.94 ? 226 ARG C N   1 
ATOM   700  C  CA  . ARG C 1 11 ? -18.429 -28.049 -4.330  1.00 50.65 ? 226 ARG C CA  1 
ATOM   701  C  C   . ARG C 1 11 ? -18.642 -26.511 -4.214  1.00 50.75 ? 226 ARG C C   1 
ATOM   702  O  O   . ARG C 1 11 ? -18.287 -25.745 -5.147  1.00 50.13 ? 226 ARG C O   1 
ATOM   703  C  CB  . ARG C 1 11 ? -19.651 -28.852 -4.060  1.00 49.72 ? 226 ARG C CB  1 
ATOM   704  C  CG  . ARG C 1 11 ? -19.272 -30.109 -3.207  1.00 53.77 ? 226 ARG C CG  1 
ATOM   705  C  CD  . ARG C 1 11 ? -18.893 -29.708 -1.752  1.00 57.12 ? 226 ARG C CD  1 
ATOM   706  N  NE  . ARG C 1 11 ? -19.458 -28.382 -1.378  1.00 57.33 ? 226 ARG C NE  1 
ATOM   707  C  CZ  . ARG C 1 11 ? -20.749 -28.137 -1.109  1.00 58.83 ? 226 ARG C CZ  1 
ATOM   708  N  NH1 . ARG C 1 11 ? -21.635 -29.123 -1.136  1.00 62.30 ? 226 ARG C NH1 1 
ATOM   709  N  NH2 . ARG C 1 11 ? -21.167 -26.908 -0.794  1.00 57.15 ? 226 ARG C NH2 1 
ATOM   710  N  N   . GLN C 1 12 ? -19.176 -26.047 -3.079  1.00 50.60 ? 227 GLN C N   1 
ATOM   711  C  CA  . GLN C 1 12 ? -18.986 -24.627 -2.693  1.00 51.06 ? 227 GLN C CA  1 
ATOM   712  C  C   . GLN C 1 12 ? -17.518 -24.470 -2.219  1.00 49.54 ? 227 GLN C C   1 
ATOM   713  O  O   . GLN C 1 12 ? -16.941 -23.378 -2.273  1.00 49.04 ? 227 GLN C O   1 
ATOM   714  C  CB  . GLN C 1 12 ? -19.997 -24.165 -1.589  1.00 51.33 ? 227 GLN C CB  1 
ATOM   715  C  CG  . GLN C 1 12 ? -20.004 -22.625 -1.374  1.00 55.45 ? 227 GLN C CG  1 
ATOM   716  C  CD  . GLN C 1 12 ? -21.249 -21.906 -1.964  1.00 62.65 ? 227 GLN C CD  1 
ATOM   717  O  OE1 . GLN C 1 12 ? -21.147 -20.875 -2.695  1.00 65.43 ? 227 GLN C OE1 1 
ATOM   718  N  NE2 . GLN C 1 12 ? -22.436 -22.438 -1.634  1.00 62.81 ? 227 GLN C NE2 1 
ATOM   719  N  N   . LEU C 1 13 ? -16.953 -25.573 -1.728  1.00 47.33 ? 228 LEU C N   1 
ATOM   720  C  CA  . LEU C 1 13 ? -15.552 -25.667 -1.323  1.00 47.56 ? 228 LEU C CA  1 
ATOM   721  C  C   . LEU C 1 13 ? -14.546 -25.650 -2.511  1.00 46.64 ? 228 LEU C C   1 
ATOM   722  O  O   . LEU C 1 13 ? -13.400 -25.166 -2.405  1.00 45.19 ? 228 LEU C O   1 
ATOM   723  C  CB  . LEU C 1 13 ? -15.333 -26.961 -0.593  1.00 47.24 ? 228 LEU C CB  1 
ATOM   724  C  CG  . LEU C 1 13 ? -14.228 -26.932 0.469   1.00 51.27 ? 228 LEU C CG  1 
ATOM   725  C  CD1 . LEU C 1 13 ? -14.854 -26.582 1.845   1.00 47.74 ? 228 LEU C CD1 1 
ATOM   726  C  CD2 . LEU C 1 13 ? -13.490 -28.276 0.539   1.00 51.85 ? 228 LEU C CD2 1 
ATOM   727  N  N   . LEU C 1 14 ? -14.992 -26.269 -3.597  1.00 45.35 ? 229 LEU C N   1 
ATOM   728  C  CA  . LEU C 1 14 ? -14.295 -26.243 -4.841  1.00 43.19 ? 229 LEU C CA  1 
ATOM   729  C  C   . LEU C 1 14 ? -14.446 -24.880 -5.505  1.00 41.48 ? 229 LEU C C   1 
ATOM   730  O  O   . LEU C 1 14 ? -13.535 -24.423 -6.239  1.00 37.52 ? 229 LEU C O   1 
ATOM   731  C  CB  . LEU C 1 14 ? -14.870 -27.322 -5.763  1.00 43.39 ? 229 LEU C CB  1 
ATOM   732  C  CG  . LEU C 1 14 ? -14.653 -27.072 -7.240  1.00 43.21 ? 229 LEU C CG  1 
ATOM   733  C  CD1 . LEU C 1 14 ? -13.318 -27.617 -7.466  1.00 43.45 ? 229 LEU C CD1 1 
ATOM   734  C  CD2 . LEU C 1 14 ? -15.675 -27.809 -8.112  1.00 44.48 ? 229 LEU C CD2 1 
ATOM   735  N  N   . ARG C 1 15 ? -15.603 -24.228 -5.337  1.00 40.81 ? 230 ARG C N   1 
ATOM   736  C  CA  . ARG C 1 15 ? -15.740 -22.929 -6.027  1.00 41.08 ? 230 ARG C CA  1 
ATOM   737  C  C   . ARG C 1 15 ? -14.883 -21.854 -5.387  1.00 39.88 ? 230 ARG C C   1 
ATOM   738  O  O   . ARG C 1 15 ? -14.425 -20.930 -6.065  1.00 41.95 ? 230 ARG C O   1 
ATOM   739  C  CB  . ARG C 1 15 ? -17.182 -22.475 -6.173  1.00 41.52 ? 230 ARG C CB  1 
ATOM   740  C  CG  . ARG C 1 15 ? -17.935 -23.333 -7.206  1.00 46.72 ? 230 ARG C CG  1 
ATOM   741  C  CD  . ARG C 1 15 ? -17.344 -23.143 -8.635  1.00 54.92 ? 230 ARG C CD  1 
ATOM   742  N  NE  . ARG C 1 15 ? -17.987 -22.032 -9.359  1.00 54.98 ? 230 ARG C NE  1 
ATOM   743  C  CZ  . ARG C 1 15 ? -17.805 -21.699 -10.633 1.00 50.77 ? 230 ARG C CZ  1 
ATOM   744  N  NH1 . ARG C 1 15 ? -16.953 -22.329 -11.436 1.00 46.11 ? 230 ARG C NH1 1 
ATOM   745  N  NH2 . ARG C 1 15 ? -18.515 -20.673 -11.087 1.00 57.88 ? 230 ARG C NH2 1 
ATOM   746  N  N   . LEU C 1 16 ? -14.629 -22.031 -4.100  1.00 38.61 ? 231 LEU C N   1 
ATOM   747  C  CA  . LEU C 1 16 ? -13.916 -21.059 -3.294  1.00 37.24 ? 231 LEU C CA  1 
ATOM   748  C  C   . LEU C 1 16 ? -12.453 -21.381 -3.496  1.00 36.17 ? 231 LEU C C   1 
ATOM   749  O  O   . LEU C 1 16 ? -11.630 -20.469 -3.435  1.00 31.38 ? 231 LEU C O   1 
ATOM   750  C  CB  . LEU C 1 16 ? -14.208 -21.206 -1.800  1.00 37.35 ? 231 LEU C CB  1 
ATOM   751  C  CG  . LEU C 1 16 ? -15.090 -20.241 -0.966  1.00 38.85 ? 231 LEU C CG  1 
ATOM   752  C  CD1 . LEU C 1 16 ? -14.375 -18.924 -0.807  1.00 37.21 ? 231 LEU C CD1 1 
ATOM   753  C  CD2 . LEU C 1 16 ? -16.386 -19.983 -1.622  1.00 38.50 ? 231 LEU C CD2 1 
ATOM   754  N  N   . LYS C 1 17 ? -12.131 -22.657 -3.728  1.00 33.85 ? 232 LYS C N   1 
ATOM   755  C  CA  . LYS C 1 17 ? -10.685 -23.075 -3.802  1.00 33.77 ? 232 LYS C CA  1 
ATOM   756  C  C   . LYS C 1 17 ? -10.189 -22.511 -5.097  1.00 31.01 ? 232 LYS C C   1 
ATOM   757  O  O   . LYS C 1 17 ? -9.078  -22.028 -5.194  1.00 33.44 ? 232 LYS C O   1 
ATOM   758  C  CB  . LYS C 1 17 ? -10.511 -24.596 -3.829  1.00 35.30 ? 232 LYS C CB  1 
ATOM   759  C  CG  . LYS C 1 17 ? -9.249  -25.058 -3.152  1.00 37.36 ? 232 LYS C CG  1 
ATOM   760  C  CD  . LYS C 1 17 ? -9.121  -26.592 -3.147  1.00 44.83 ? 232 LYS C CD  1 
ATOM   761  C  CE  . LYS C 1 17 ? -9.658  -27.202 -1.840  1.00 49.71 ? 232 LYS C CE  1 
ATOM   762  N  NZ  . LYS C 1 17 ? -8.937  -26.546 -0.655  1.00 53.11 ? 232 LYS C NZ  1 
ATOM   763  N  N   . GLN C 1 18 ? -11.055 -22.567 -6.078  1.00 29.68 ? 233 GLN C N   1 
ATOM   764  C  CA  . GLN C 1 18 ? -10.773 -22.005 -7.359  1.00 30.48 ? 233 GLN C CA  1 
ATOM   765  C  C   . GLN C 1 18 ? -10.612 -20.456 -7.455  1.00 30.92 ? 233 GLN C C   1 
ATOM   766  O  O   . GLN C 1 18 ? -9.655  -19.952 -8.132  1.00 25.72 ? 233 GLN C O   1 
ATOM   767  C  CB  . GLN C 1 18 ? -11.876 -22.303 -8.202  1.00 28.23 ? 233 GLN C CB  1 
ATOM   768  C  CG  . GLN C 1 18 ? -11.582 -21.998 -9.549  1.00 32.66 ? 233 GLN C CG  1 
ATOM   769  C  CD  . GLN C 1 18 ? -12.572 -22.775 -10.393 1.00 41.38 ? 233 GLN C CD  1 
ATOM   770  O  OE1 . GLN C 1 18 ? -13.708 -23.088 -9.921  1.00 41.94 ? 233 GLN C OE1 1 
ATOM   771  N  NE2 . GLN C 1 18 ? -12.181 -23.090 -11.633 1.00 38.21 ? 233 GLN C NE2 1 
ATOM   772  N  N   . MET C 1 19 ? -11.608 -19.732 -6.901  1.00 28.53 ? 234 MET C N   1 
ATOM   773  C  CA  . MET C 1 19 ? -11.459 -18.276 -6.722  1.00 28.82 ? 234 MET C CA  1 
ATOM   774  C  C   . MET C 1 19 ? -10.145 -17.965 -6.041  1.00 26.99 ? 234 MET C C   1 
ATOM   775  O  O   . MET C 1 19 ? -9.433  -17.115 -6.490  1.00 27.83 ? 234 MET C O   1 
ATOM   776  C  CB  . MET C 1 19 ? -12.578 -17.648 -5.864  1.00 31.13 ? 234 MET C CB  1 
ATOM   777  C  CG  . MET C 1 19 ? -12.392 -16.030 -6.004  1.00 35.72 ? 234 MET C CG  1 
ATOM   778  S  SD  . MET C 1 19 ? -13.626 -14.913 -5.172  1.00 49.82 ? 234 MET C SD  1 
ATOM   779  C  CE  . MET C 1 19 ? -14.353 -13.875 -6.491  1.00 33.01 ? 234 MET C CE  1 
ATOM   780  N  N   . ASN C 1 20 ? -9.793  -18.675 -4.986  1.00 26.58 ? 235 ASN C N   1 
ATOM   781  C  CA  . ASN C 1 20 ? -8.554  -18.450 -4.277  1.00 25.58 ? 235 ASN C CA  1 
ATOM   782  C  C   . ASN C 1 20 ? -7.313  -18.669 -5.125  1.00 25.59 ? 235 ASN C C   1 
ATOM   783  O  O   . ASN C 1 20 ? -6.304  -17.929 -5.014  1.00 24.59 ? 235 ASN C O   1 
ATOM   784  C  CB  . ASN C 1 20 ? -8.504  -19.233 -2.958  1.00 28.94 ? 235 ASN C CB  1 
ATOM   785  C  CG  . ASN C 1 20 ? -9.354  -18.506 -1.802  1.00 30.20 ? 235 ASN C CG  1 
ATOM   786  O  OD1 . ASN C 1 20 ? -10.133 -17.592 -2.080  1.00 28.79 ? 235 ASN C OD1 1 
ATOM   787  N  ND2 . ASN C 1 20 ? -9.236  -18.989 -0.590  1.00 33.15 ? 235 ASN C ND2 1 
ATOM   788  N  N   . VAL C 1 21 ? -7.356  -19.709 -5.959  1.00 25.07 ? 236 VAL C N   1 
ATOM   789  C  CA  . VAL C 1 21 ? -6.218  -19.948 -6.907  1.00 22.85 ? 236 VAL C CA  1 
ATOM   790  C  C   . VAL C 1 21 ? -6.067  -18.772 -7.872  1.00 21.75 ? 236 VAL C C   1 
ATOM   791  O  O   . VAL C 1 21 ? -4.958  -18.309 -8.163  1.00 22.58 ? 236 VAL C O   1 
ATOM   792  C  CB  . VAL C 1 21 ? -6.439  -21.298 -7.622  1.00 21.34 ? 236 VAL C CB  1 
ATOM   793  C  CG1 . VAL C 1 21 ? -5.339  -21.492 -8.592  1.00 24.87 ? 236 VAL C CG1 1 
ATOM   794  C  CG2 . VAL C 1 21 ? -6.324  -22.396 -6.584  1.00 25.18 ? 236 VAL C CG2 1 
ATOM   795  N  N   . GLN C 1 22 ? -7.165  -18.293 -8.393  1.00 20.45 ? 237 GLN C N   1 
ATOM   796  C  CA  . GLN C 1 22 ? -7.138  -17.162 -9.264  1.00 23.87 ? 237 GLN C CA  1 
ATOM   797  C  C   . GLN C 1 22 ? -6.588  -15.876 -8.653  1.00 23.06 ? 237 GLN C C   1 
ATOM   798  O  O   . GLN C 1 22 ? -5.778  -15.188 -9.316  1.00 22.87 ? 237 GLN C O   1 
ATOM   799  C  CB  . GLN C 1 22 ? -8.565  -16.834 -9.748  1.00 25.35 ? 237 GLN C CB  1 
ATOM   800  C  CG  . GLN C 1 22 ? -9.148  -17.943 -10.469 1.00 28.82 ? 237 GLN C CG  1 
ATOM   801  C  CD  . GLN C 1 22 ? -8.486  -18.193 -11.728 1.00 36.47 ? 237 GLN C CD  1 
ATOM   802  O  OE1 . GLN C 1 22 ? -8.052  -17.242 -12.452 1.00 38.71 ? 237 GLN C OE1 1 
ATOM   803  N  NE2 . GLN C 1 22 ? -8.329  -19.471 -12.034 1.00 36.74 ? 237 GLN C NE2 1 
ATOM   804  N  N   . LEU C 1 23 ? -6.948  -15.595 -7.418  1.00 20.58 ? 238 LEU C N   1 
ATOM   805  C  CA  . LEU C 1 23 ? -6.405  -14.453 -6.678  1.00 24.17 ? 238 LEU C CA  1 
ATOM   806  C  C   . LEU C 1 23 ? -4.868  -14.605 -6.428  1.00 24.23 ? 238 LEU C C   1 
ATOM   807  O  O   . LEU C 1 23 ? -4.149  -13.663 -6.629  1.00 22.02 ? 238 LEU C O   1 
ATOM   808  C  CB  . LEU C 1 23 ? -7.114  -14.296 -5.283  1.00 23.19 ? 238 LEU C CB  1 
ATOM   809  C  CG  . LEU C 1 23 ? -8.637  -14.058 -5.368  1.00 24.31 ? 238 LEU C CG  1 
ATOM   810  C  CD1 . LEU C 1 23 ? -9.219  -13.996 -3.964  1.00 27.20 ? 238 LEU C CD1 1 
ATOM   811  C  CD2 . LEU C 1 23 ? -9.168  -12.831 -6.235  1.00 28.88 ? 238 LEU C CD2 1 
ATOM   812  N  N   . ALA C 1 24 ? -4.421  -15.788 -5.970  1.00 24.15 ? 239 ALA C N   1 
ATOM   813  C  CA  . ALA C 1 24 ? -2.998  -16.056 -5.784  1.00 24.19 ? 239 ALA C CA  1 
ATOM   814  C  C   . ALA C 1 24 ? -2.184  -15.900 -7.099  1.00 25.36 ? 239 ALA C C   1 
ATOM   815  O  O   . ALA C 1 24 ? -1.058  -15.388 -7.032  1.00 27.15 ? 239 ALA C O   1 
ATOM   816  C  CB  . ALA C 1 24 ? -2.765  -17.446 -5.044  1.00 24.27 ? 239 ALA C CB  1 
ATOM   817  N  N   . ALA C 1 25 ? -2.754  -16.285 -8.240  1.00 24.31 ? 240 ALA C N   1 
ATOM   818  C  CA  . ALA C 1 25 ? -2.162  -16.074 -9.597  1.00 25.82 ? 240 ALA C CA  1 
ATOM   819  C  C   . ALA C 1 25 ? -2.092  -14.560 -9.892  1.00 26.54 ? 240 ALA C C   1 
ATOM   820  O  O   . ALA C 1 25 ? -1.140  -14.111 -10.474 1.00 24.94 ? 240 ALA C O   1 
ATOM   821  C  CB  . ALA C 1 25 ? -3.036  -16.723 -10.693 1.00 25.64 ? 240 ALA C CB  1 
ATOM   822  N  N   . LYS C 1 26 ? -3.127  -13.816 -9.517  1.00 24.27 ? 241 LYS C N   1 
ATOM   823  C  CA  . LYS C 1 26 ? -3.151  -12.363 -9.792  1.00 25.12 ? 241 LYS C CA  1 
ATOM   824  C  C   . LYS C 1 26 ? -2.102  -11.696 -9.012  1.00 23.49 ? 241 LYS C C   1 
ATOM   825  O  O   . LYS C 1 26 ? -1.435  -10.787 -9.523  1.00 25.82 ? 241 LYS C O   1 
ATOM   826  C  CB  . LYS C 1 26 ? -4.525  -11.788 -9.451  1.00 26.25 ? 241 LYS C CB  1 
ATOM   827  C  CG  . LYS C 1 26 ? -4.689  -10.271 -9.613  1.00 26.84 ? 241 LYS C CG  1 
ATOM   828  C  CD  . LYS C 1 26 ? -4.341  -9.878  -11.046 1.00 36.08 ? 241 LYS C CD  1 
ATOM   829  C  CE  . LYS C 1 26 ? -4.513  -8.379  -11.348 1.00 40.76 ? 241 LYS C CE  1 
ATOM   830  N  NZ  . LYS C 1 26 ? -5.089  -8.327  -12.809 1.00 45.59 ? 241 LYS C NZ  1 
ATOM   831  N  N   . ILE C 1 27 ? -1.983  -12.081 -7.771  1.00 22.29 ? 242 ILE C N   1 
ATOM   832  C  CA  . ILE C 1 27 ? -0.937  -11.658 -6.885  1.00 24.79 ? 242 ILE C CA  1 
ATOM   833  C  C   . ILE C 1 27 ? 0.452   -11.916 -7.486  1.00 27.17 ? 242 ILE C C   1 
ATOM   834  O  O   . ILE C 1 27 ? 1.336   -11.011 -7.435  1.00 25.54 ? 242 ILE C O   1 
ATOM   835  C  CB  . ILE C 1 27 ? -1.031  -12.286 -5.511  1.00 23.59 ? 242 ILE C CB  1 
ATOM   836  C  CG1 . ILE C 1 27 ? -2.175  -11.653 -4.686  1.00 22.30 ? 242 ILE C CG1 1 
ATOM   837  C  CG2 . ILE C 1 27 ? 0.218   -11.978 -4.662  1.00 23.51 ? 242 ILE C CG2 1 
ATOM   838  C  CD1 . ILE C 1 27 ? -2.454  -12.494 -3.429  1.00 22.49 ? 242 ILE C CD1 1 
ATOM   839  N  N   . GLN C 1 28 ? 0.672   -13.100 -8.055  1.00 25.99 ? 243 GLN C N   1 
ATOM   840  C  CA  . GLN C 1 28 ? 1.991   -13.365 -8.673  1.00 26.84 ? 243 GLN C CA  1 
ATOM   841  C  C   . GLN C 1 28 ? 2.256   -12.415 -9.794  1.00 25.80 ? 243 GLN C C   1 
ATOM   842  O  O   . GLN C 1 28 ? 3.390   -11.803 -9.871  1.00 27.22 ? 243 GLN C O   1 
ATOM   843  C  CB  . GLN C 1 28 ? 2.116   -14.826 -9.182  1.00 27.77 ? 243 GLN C CB  1 
ATOM   844  C  CG  . GLN C 1 28 ? 2.195   -15.862 -8.031  1.00 33.17 ? 243 GLN C CG  1 
ATOM   845  C  CD  . GLN C 1 28 ? 3.261   -15.514 -6.982  1.00 40.05 ? 243 GLN C CD  1 
ATOM   846  O  OE1 . GLN C 1 28 ? 4.444   -15.420 -7.300  1.00 49.98 ? 243 GLN C OE1 1 
ATOM   847  N  NE2 . GLN C 1 28 ? 2.857   -15.338 -5.726  1.00 41.47 ? 243 GLN C NE2 1 
ATOM   848  N  N   . HIS C 1 29 ? 1.259   -12.255 -10.646 1.00 24.10 ? 244 HIS C N   1 
ATOM   849  C  CA  . HIS C 1 29 ? 1.294   -11.306 -11.700 1.00 25.13 ? 244 HIS C CA  1 
ATOM   850  C  C   . HIS C 1 29 ? 1.565   -9.856  -11.268 1.00 27.38 ? 244 HIS C C   1 
ATOM   851  O  O   . HIS C 1 29 ? 2.439   -9.176  -11.880 1.00 25.59 ? 244 HIS C O   1 
ATOM   852  C  CB  . HIS C 1 29 ? 0.075   -11.351 -12.566 1.00 27.44 ? 244 HIS C CB  1 
ATOM   853  C  CG  . HIS C 1 29 ? 0.162   -10.419 -13.720 1.00 30.35 ? 244 HIS C CG  1 
ATOM   854  N  ND1 . HIS C 1 29 ? 0.828   -10.742 -14.879 1.00 36.98 ? 244 HIS C ND1 1 
ATOM   855  C  CD2 . HIS C 1 29 ? -0.312  -9.160  -13.896 1.00 36.33 ? 244 HIS C CD2 1 
ATOM   856  C  CE1 . HIS C 1 29 ? 0.757   -9.729  -15.727 1.00 39.79 ? 244 HIS C CE1 1 
ATOM   857  N  NE2 . HIS C 1 29 ? 0.072   -8.757  -15.151 1.00 39.64 ? 244 HIS C NE2 1 
ATOM   858  N  N   . LEU C 1 30 ? 0.841   -9.360  -10.271 1.00 24.09 ? 245 LEU C N   1 
ATOM   859  C  CA  . LEU C 1 30 ? 1.008   -7.999  -9.807  1.00 24.71 ? 245 LEU C CA  1 
ATOM   860  C  C   . LEU C 1 30 ? 2.430   -7.780  -9.201  1.00 24.29 ? 245 LEU C C   1 
ATOM   861  O  O   . LEU C 1 30 ? 2.969   -6.649  -9.276  1.00 25.16 ? 245 LEU C O   1 
ATOM   862  C  CB  . LEU C 1 30 ? -0.045  -7.662  -8.707  1.00 22.77 ? 245 LEU C CB  1 
ATOM   863  C  CG  . LEU C 1 30 ? -1.437  -7.490  -9.256  1.00 25.12 ? 245 LEU C CG  1 
ATOM   864  C  CD1 . LEU C 1 30 ? -2.416  -7.347  -8.138  1.00 21.05 ? 245 LEU C CD1 1 
ATOM   865  C  CD2 . LEU C 1 30 ? -1.395  -6.199  -10.152 1.00 26.10 ? 245 LEU C CD2 1 
ATOM   866  N  N   . GLU C 1 31 ? 2.955   -8.782  -8.506  1.00 23.51 ? 246 GLU C N   1 
ATOM   867  C  CA  . GLU C 1 31 ? 4.250   -8.709  -7.915  1.00 24.99 ? 246 GLU C CA  1 
ATOM   868  C  C   . GLU C 1 31 ? 5.369   -8.511  -8.966  1.00 25.59 ? 246 GLU C C   1 
ATOM   869  O  O   . GLU C 1 31 ? 6.190   -7.621  -8.770  1.00 22.06 ? 246 GLU C O   1 
ATOM   870  C  CB  . GLU C 1 31 ? 4.543   -9.913  -6.990  1.00 27.21 ? 246 GLU C CB  1 
ATOM   871  C  CG  . GLU C 1 31 ? 3.884   -9.818  -5.585  1.00 31.26 ? 246 GLU C CG  1 
ATOM   872  C  CD  . GLU C 1 31 ? 3.880   -11.161 -4.853  1.00 41.79 ? 246 GLU C CD  1 
ATOM   873  O  OE1 . GLU C 1 31 ? 4.194   -12.194 -5.507  1.00 43.19 ? 246 GLU C OE1 1 
ATOM   874  O  OE2 . GLU C 1 31 ? 3.561   -11.196 -3.637  1.00 44.41 ? 246 GLU C OE2 1 
ATOM   875  N  N   . PHE C 1 32 ? 5.341   -9.263  -10.082 1.00 24.42 ? 247 PHE C N   1 
ATOM   876  C  CA  . PHE C 1 32 ? 6.191   -8.949  -11.241 1.00 26.18 ? 247 PHE C CA  1 
ATOM   877  C  C   . PHE C 1 32 ? 5.952   -7.581  -11.847 1.00 26.65 ? 247 PHE C C   1 
ATOM   878  O  O   . PHE C 1 32 ? 6.879   -6.851  -12.125 1.00 25.87 ? 247 PHE C O   1 
ATOM   879  C  CB  . PHE C 1 32 ? 6.046   -9.970  -12.401 1.00 27.22 ? 247 PHE C CB  1 
ATOM   880  C  CG  . PHE C 1 32 ? 6.764   -9.479  -13.709 1.00 25.31 ? 247 PHE C CG  1 
ATOM   881  C  CD1 . PHE C 1 32 ? 8.099   -9.692  -13.900 1.00 32.88 ? 247 PHE C CD1 1 
ATOM   882  C  CD2 . PHE C 1 32 ? 6.060   -8.750  -14.680 1.00 30.80 ? 247 PHE C CD2 1 
ATOM   883  C  CE1 . PHE C 1 32 ? 8.805   -9.188  -15.083 1.00 32.53 ? 247 PHE C CE1 1 
ATOM   884  C  CE2 . PHE C 1 32 ? 6.714   -8.220  -15.841 1.00 30.09 ? 247 PHE C CE2 1 
ATOM   885  C  CZ  . PHE C 1 32 ? 8.085   -8.469  -16.025 1.00 32.22 ? 247 PHE C CZ  1 
ATOM   886  N  N   . SER C 1 33 ? 4.702   -7.219  -12.079 1.00 27.16 ? 248 SER C N   1 
ATOM   887  C  CA  . SER C 1 33 ? 4.445   -5.964  -12.744 1.00 26.96 ? 248 SER C CA  1 
ATOM   888  C  C   . SER C 1 33 ? 4.884   -4.725  -11.913 1.00 25.92 ? 248 SER C C   1 
ATOM   889  O  O   . SER C 1 33 ? 5.410   -3.715  -12.462 1.00 22.86 ? 248 SER C O   1 
ATOM   890  C  CB  . SER C 1 33 ? 2.976   -5.958  -13.181 1.00 27.68 ? 248 SER C CB  1 
ATOM   891  O  OG  . SER C 1 33 ? 2.605   -4.610  -13.325 1.00 32.19 ? 248 SER C OG  1 
ATOM   892  N  N   . CYS C 1 34 ? 4.705   -4.818  -10.583 1.00 23.67 ? 249 CYS C N   1 
ATOM   893  C  CA  . CYS C 1 34 ? 5.131   -3.770  -9.689  1.00 25.33 ? 249 CYS C CA  1 
ATOM   894  C  C   . CYS C 1 34 ? 6.691   -3.706  -9.629  1.00 24.51 ? 249 CYS C C   1 
ATOM   895  O  O   . CYS C 1 34 ? 7.260   -2.611  -9.629  1.00 22.33 ? 249 CYS C O   1 
ATOM   896  C  CB  . CYS C 1 34 ? 4.442   -3.788  -8.308  1.00 27.20 ? 249 CYS C CB  1 
ATOM   897  S  SG  . CYS C 1 34 ? 2.478   -3.709  -8.367  1.00 37.03 ? 249 CYS C SG  1 
ATOM   898  N  N   . SER C 1 35 ? 7.357   -4.886  -9.628  1.00 24.05 ? 250 SER C N   1 
ATOM   899  C  CA  . SER C 1 35 ? 8.822   -4.923  -9.752  1.00 24.08 ? 250 SER C CA  1 
ATOM   900  C  C   . SER C 1 35 ? 9.302   -4.343  -11.059 1.00 23.73 ? 250 SER C C   1 
ATOM   901  O  O   . SER C 1 35 ? 10.317  -3.656  -11.062 1.00 22.53 ? 250 SER C O   1 
ATOM   902  C  CB  . SER C 1 35 ? 9.350   -6.361  -9.777  1.00 24.26 ? 250 SER C CB  1 
ATOM   903  O  OG  . SER C 1 35 ? 9.242   -6.813  -8.446  1.00 30.34 ? 250 SER C OG  1 
ATOM   904  N  N   . GLU C 1 36 ? 8.634   -4.646  -12.174 1.00 23.33 ? 251 GLU C N   1 
ATOM   905  C  CA  . GLU C 1 36 ? 9.116   -4.046  -13.433 1.00 25.26 ? 251 GLU C CA  1 
ATOM   906  C  C   . GLU C 1 36 ? 8.973   -2.538  -13.435 1.00 22.89 ? 251 GLU C C   1 
ATOM   907  O  O   . GLU C 1 36 ? 9.822   -1.861  -14.017 1.00 22.86 ? 251 GLU C O   1 
ATOM   908  C  CB  . GLU C 1 36 ? 8.398   -4.557  -14.662 1.00 25.08 ? 251 GLU C CB  1 
ATOM   909  C  CG  . GLU C 1 36 ? 9.447   -4.659  -15.822 1.00 35.56 ? 251 GLU C CG  1 
ATOM   910  C  CD  . GLU C 1 36 ? 9.527   -3.414  -16.669 1.00 40.95 ? 251 GLU C CD  1 
ATOM   911  O  OE1 . GLU C 1 36 ? 8.442   -3.048  -17.252 1.00 44.34 ? 251 GLU C OE1 1 
ATOM   912  O  OE2 . GLU C 1 36 ? 10.663  -2.811  -16.736 1.00 36.58 ? 251 GLU C OE2 1 
ATOM   913  N  N   . LYS C 1 37 ? 7.839   -2.020  -12.938 1.00 20.87 ? 252 LYS C N   1 
ATOM   914  C  CA  . LYS C 1 37 ? 7.569   -0.598  -12.859 1.00 20.13 ? 252 LYS C CA  1 
ATOM   915  C  C   . LYS C 1 37 ? 8.728   0.026   -12.045 1.00 20.64 ? 252 LYS C C   1 
ATOM   916  O  O   . LYS C 1 37 ? 9.203   1.122   -12.345 1.00 20.17 ? 252 LYS C O   1 
ATOM   917  C  CB  . LYS C 1 37 ? 6.213   -0.277  -12.243 1.00 17.81 ? 252 LYS C CB  1 
ATOM   918  C  CG  . LYS C 1 37 ? 4.977   -0.511  -13.319 1.00 20.54 ? 252 LYS C CG  1 
ATOM   919  C  CD  . LYS C 1 37 ? 3.548   -0.278  -12.624 1.00 23.13 ? 252 LYS C CD  1 
ATOM   920  C  CE  . LYS C 1 37 ? 2.398   -0.540  -13.571 1.00 24.81 ? 252 LYS C CE  1 
ATOM   921  N  NZ  . LYS C 1 37 ? 2.731   -1.470  -14.664 1.00 36.72 ? 252 LYS C NZ  1 
ATOM   922  N  N   . GLU C 1 38 ? 9.113   -0.641  -10.966 1.00 21.70 ? 253 GLU C N   1 
ATOM   923  C  CA  . GLU C 1 38 ? 10.134  -0.128  -10.105 1.00 21.45 ? 253 GLU C CA  1 
ATOM   924  C  C   . GLU C 1 38 ? 11.500  -0.072  -10.892 1.00 23.99 ? 253 GLU C C   1 
ATOM   925  O  O   . GLU C 1 38 ? 12.249  0.923   -10.790 1.00 19.92 ? 253 GLU C O   1 
ATOM   926  C  CB  . GLU C 1 38 ? 10.210  -0.972  -8.884  1.00 21.71 ? 253 GLU C CB  1 
ATOM   927  C  CG  . GLU C 1 38 ? 11.537  -0.760  -8.115  1.00 26.38 ? 253 GLU C CG  1 
ATOM   928  C  CD  . GLU C 1 38 ? 11.653  0.582   -7.477  1.00 24.97 ? 253 GLU C CD  1 
ATOM   929  O  OE1 . GLU C 1 38 ? 10.638  1.242   -7.150  1.00 20.42 ? 253 GLU C OE1 1 
ATOM   930  O  OE2 . GLU C 1 38 ? 12.829  1.004   -7.390  1.00 27.27 ? 253 GLU C OE2 1 
ATOM   931  N  N   . GLN C 1 39 ? 11.780  -1.084  -11.694 1.00 23.93 ? 254 GLN C N   1 
ATOM   932  C  CA  . GLN C 1 39 ? 13.001  -1.054  -12.554 1.00 25.55 ? 254 GLN C CA  1 
ATOM   933  C  C   . GLN C 1 39 ? 12.940  0.034   -13.613 1.00 25.63 ? 254 GLN C C   1 
ATOM   934  O  O   . GLN C 1 39 ? 13.959  0.697   -13.844 1.00 24.99 ? 254 GLN C O   1 
ATOM   935  C  CB  . GLN C 1 39 ? 13.245  -2.423  -13.277 1.00 26.52 ? 254 GLN C CB  1 
ATOM   936  C  CG  . GLN C 1 39 ? 14.279  -2.245  -14.467 1.00 32.87 ? 254 GLN C CG  1 
ATOM   937  C  CD  . GLN C 1 39 ? 14.786  -3.520  -15.131 1.00 39.53 ? 254 GLN C CD  1 
ATOM   938  O  OE1 . GLN C 1 39 ? 13.978  -4.315  -15.653 1.00 48.83 ? 254 GLN C OE1 1 
ATOM   939  N  NE2 . GLN C 1 39 ? 16.134  -3.726  -15.157 1.00 43.55 ? 254 GLN C NE2 1 
ATOM   940  N  N   . GLU C 1 40 ? 11.788  0.268   -14.264 1.00 23.27 ? 255 GLU C N   1 
ATOM   941  C  CA  . GLU C 1 40 ? 11.647  1.412   -15.146 1.00 21.70 ? 255 GLU C CA  1 
ATOM   942  C  C   . GLU C 1 40 ? 11.838  2.818   -14.419 1.00 21.64 ? 255 GLU C C   1 
ATOM   943  O  O   . GLU C 1 40 ? 12.428  3.771   -14.990 1.00 20.61 ? 255 GLU C O   1 
ATOM   944  C  CB  . GLU C 1 40 ? 10.258  1.409   -15.879 1.00 23.07 ? 255 GLU C CB  1 
ATOM   945  C  CG  . GLU C 1 40 ? 10.115  2.575   -16.851 1.00 23.45 ? 255 GLU C CG  1 
ATOM   946  C  CD  . GLU C 1 40 ? 8.875   2.510   -17.739 1.00 24.59 ? 255 GLU C CD  1 
ATOM   947  O  OE1 . GLU C 1 40 ? 7.918   1.776   -17.425 1.00 23.85 ? 255 GLU C OE1 1 
ATOM   948  O  OE2 . GLU C 1 40 ? 8.754   3.217   -18.732 1.00 27.52 ? 255 GLU C OE2 1 
ATOM   949  N  N   . ILE C 1 41 ? 11.340  2.951   -13.207 1.00 19.94 ? 256 ILE C N   1 
ATOM   950  C  CA  . ILE C 1 41 ? 11.435  4.228   -12.486 1.00 19.65 ? 256 ILE C CA  1 
ATOM   951  C  C   . ILE C 1 41 ? 12.921  4.472   -12.290 1.00 21.33 ? 256 ILE C C   1 
ATOM   952  O  O   . ILE C 1 41 ? 13.369  5.569   -12.481 1.00 20.41 ? 256 ILE C O   1 
ATOM   953  C  CB  . ILE C 1 41 ? 10.703  4.151   -11.113 1.00 17.50 ? 256 ILE C CB  1 
ATOM   954  C  CG1 . ILE C 1 41 ? 9.182   4.212   -11.359 1.00 18.34 ? 256 ILE C CG1 1 
ATOM   955  C  CG2 . ILE C 1 41 ? 11.204  5.353   -10.104 1.00 18.69 ? 256 ILE C CG2 1 
ATOM   956  C  CD1 . ILE C 1 41 ? 8.319   3.974   -10.076 1.00 21.71 ? 256 ILE C CD1 1 
ATOM   957  N  N   . GLU C 1 42 ? 13.647  3.460   -11.796 1.00 21.45 ? 257 GLU C N   1 
ATOM   958  C  CA  . GLU C 1 42 ? 15.121  3.623   -11.549 1.00 23.02 ? 257 GLU C CA  1 
ATOM   959  C  C   . GLU C 1 42 ? 15.883  4.053   -12.834 1.00 23.98 ? 257 GLU C C   1 
ATOM   960  O  O   . GLU C 1 42 ? 16.826  4.843   -12.751 1.00 22.65 ? 257 GLU C O   1 
ATOM   961  C  CB  . GLU C 1 42 ? 15.718  2.364   -10.968 1.00 22.29 ? 257 GLU C CB  1 
ATOM   962  C  CG  . GLU C 1 42 ? 15.122  2.034   -9.625  1.00 24.66 ? 257 GLU C CG  1 
ATOM   963  C  CD  . GLU C 1 42 ? 15.549  0.663   -9.122  1.00 30.63 ? 257 GLU C CD  1 
ATOM   964  O  OE1 . GLU C 1 42 ? 16.438  0.029   -9.735  1.00 31.09 ? 257 GLU C OE1 1 
ATOM   965  O  OE2 . GLU C 1 42 ? 14.959  0.230   -8.103  1.00 28.88 ? 257 GLU C OE2 1 
ATOM   966  N  N   . ARG C 1 43 ? 15.446  3.532   -13.986 1.00 23.31 ? 258 ARG C N   1 
ATOM   967  C  CA  . ARG C 1 43 ? 16.045  3.856   -15.328 1.00 25.08 ? 258 ARG C CA  1 
ATOM   968  C  C   . ARG C 1 43 ? 15.696  5.251   -15.795 1.00 22.53 ? 258 ARG C C   1 
ATOM   969  O  O   . ARG C 1 43 ? 16.588  5.997   -16.277 1.00 23.57 ? 258 ARG C O   1 
ATOM   970  C  CB  . ARG C 1 43 ? 15.659  2.830   -16.427 1.00 25.90 ? 258 ARG C CB  1 
ATOM   971  C  CG  . ARG C 1 43 ? 16.113  1.448   -16.205 1.00 31.26 ? 258 ARG C CG  1 
ATOM   972  C  CD  . ARG C 1 43 ? 15.831  0.578   -17.530 1.00 35.29 ? 258 ARG C CD  1 
ATOM   973  N  NE  . ARG C 1 43 ? 16.411  1.170   -18.781 1.00 48.86 ? 258 ARG C NE  1 
ATOM   974  C  CZ  . ARG C 1 43 ? 16.587  0.524   -19.968 1.00 50.16 ? 258 ARG C CZ  1 
ATOM   975  N  NH1 . ARG C 1 43 ? 16.243  -0.746  -20.144 1.00 55.46 ? 258 ARG C NH1 1 
ATOM   976  N  NH2 . ARG C 1 43 ? 17.138  1.146   -21.009 1.00 59.15 ? 258 ARG C NH2 1 
ATOM   977  N  N   . LEU C 1 44 ? 14.439  5.669   -15.592 1.00 20.94 ? 259 LEU C N   1 
ATOM   978  C  CA  . LEU C 1 44 ? 14.003  7.047   -15.884 1.00 20.27 ? 259 LEU C CA  1 
ATOM   979  C  C   . LEU C 1 44 ? 14.744  8.086   -14.893 1.00 23.17 ? 259 LEU C C   1 
ATOM   980  O  O   . LEU C 1 44 ? 15.178  9.161   -15.316 1.00 21.45 ? 259 LEU C O   1 
ATOM   981  C  CB  . LEU C 1 44 ? 12.511  7.177   -15.750 1.00 20.67 ? 259 LEU C CB  1 
ATOM   982  C  CG  . LEU C 1 44 ? 11.641  6.408   -16.780 1.00 22.70 ? 259 LEU C CG  1 
ATOM   983  C  CD1 . LEU C 1 44 ? 10.194  6.724   -16.492 1.00 19.86 ? 259 LEU C CD1 1 
ATOM   984  C  CD2 . LEU C 1 44 ? 12.061  6.782   -18.233 1.00 22.23 ? 259 LEU C CD2 1 
ATOM   985  N  N   . ASN C 1 45 ? 14.867  7.748   -13.624 1.00 20.42 ? 260 ASN C N   1 
ATOM   986  C  CA  . ASN C 1 45 ? 15.572  8.605   -12.648 1.00 23.50 ? 260 ASN C CA  1 
ATOM   987  C  C   . ASN C 1 45 ? 17.070  8.649   -12.987 1.00 23.29 ? 260 ASN C C   1 
ATOM   988  O  O   . ASN C 1 45 ? 17.672  9.693   -12.872 1.00 25.90 ? 260 ASN C O   1 
ATOM   989  C  CB  . ASN C 1 45 ? 15.357  8.100   -11.198 1.00 21.92 ? 260 ASN C CB  1 
ATOM   990  C  CG  . ASN C 1 45 ? 14.010  8.557   -10.608 1.00 28.16 ? 260 ASN C CG  1 
ATOM   991  O  OD1 . ASN C 1 45 ? 13.383  7.850   -9.814  1.00 34.68 ? 260 ASN C OD1 1 
ATOM   992  N  ND2 . ASN C 1 45 ? 13.534  9.693   -11.043 1.00 32.25 ? 260 ASN C ND2 1 
ATOM   993  N  N   . LYS C 1 46 ? 17.647  7.555   -13.413 1.00 24.86 ? 261 LYS C N   1 
ATOM   994  C  CA  . LYS C 1 46 ? 19.056  7.553   -13.806 1.00 28.48 ? 261 LYS C CA  1 
ATOM   995  C  C   . LYS C 1 46 ? 19.292  8.552   -14.965 1.00 29.05 ? 261 LYS C C   1 
ATOM   996  O  O   . LYS C 1 46 ? 20.334  9.273   -14.921 1.00 29.28 ? 261 LYS C O   1 
ATOM   997  C  CB  . LYS C 1 46 ? 19.550  6.196   -14.269 1.00 27.39 ? 261 LYS C CB  1 
ATOM   998  C  CG  . LYS C 1 46 ? 21.064  6.186   -14.686 1.00 29.18 ? 261 LYS C CG  1 
ATOM   999  C  CD  . LYS C 1 46 ? 21.546  4.806   -15.005 1.00 35.52 ? 261 LYS C CD  1 
ATOM   1000 C  CE  . LYS C 1 46 ? 20.686  4.181   -16.223 1.00 38.47 ? 261 LYS C CE  1 
ATOM   1001 N  NZ  . LYS C 1 46 ? 20.686  2.641   -16.233 1.00 40.55 ? 261 LYS C NZ  1 
ATOM   1002 N  N   . LEU C 1 47 ? 18.411  8.541   -15.975 1.00 26.43 ? 262 LEU C N   1 
ATOM   1003 C  CA  . LEU C 1 47 ? 18.440  9.516   -17.095 1.00 29.25 ? 262 LEU C CA  1 
ATOM   1004 C  C   . LEU C 1 47 ? 18.294  10.940  -16.597 1.00 29.46 ? 262 LEU C C   1 
ATOM   1005 O  O   . LEU C 1 47 ? 19.001  11.843  -17.032 1.00 30.62 ? 262 LEU C O   1 
ATOM   1006 C  CB  . LEU C 1 47 ? 17.323  9.287   -18.067 1.00 28.70 ? 262 LEU C CB  1 
ATOM   1007 C  CG  . LEU C 1 47 ? 17.534  8.782   -19.489 1.00 35.45 ? 262 LEU C CG  1 
ATOM   1008 C  CD1 . LEU C 1 47 ? 18.676  7.819   -19.565 1.00 36.29 ? 262 LEU C CD1 1 
ATOM   1009 C  CD2 . LEU C 1 47 ? 16.213  8.161   -20.028 1.00 29.61 ? 262 LEU C CD2 1 
ATOM   1010 N  N   . LEU C 1 48 ? 17.353  11.150  -15.711 1.00 29.47 ? 263 LEU C N   1 
ATOM   1011 C  CA  . LEU C 1 48 ? 17.119  12.450  -15.141 1.00 32.95 ? 263 LEU C CA  1 
ATOM   1012 C  C   . LEU C 1 48 ? 18.350  12.946  -14.389 1.00 34.35 ? 263 LEU C C   1 
ATOM   1013 O  O   . LEU C 1 48 ? 18.729  14.118  -14.522 1.00 34.66 ? 263 LEU C O   1 
ATOM   1014 C  CB  . LEU C 1 48 ? 15.877  12.519  -14.271 1.00 31.52 ? 263 LEU C CB  1 
ATOM   1015 C  CG  . LEU C 1 48 ? 14.469  12.629  -14.954 1.00 33.45 ? 263 LEU C CG  1 
ATOM   1016 C  CD1 . LEU C 1 48 ? 13.345  12.248  -13.973 1.00 29.24 ? 263 LEU C CD1 1 
ATOM   1017 C  CD2 . LEU C 1 48 ? 14.131  14.001  -15.670 1.00 29.25 ? 263 LEU C CD2 1 
ATOM   1018 N  N   . ARG C 1 49 ? 18.963  12.075  -13.607 1.00 35.77 ? 264 ARG C N   1 
ATOM   1019 C  CA  . ARG C 1 49 ? 20.097  12.476  -12.777 1.00 38.02 ? 264 ARG C CA  1 
ATOM   1020 C  C   . ARG C 1 49 ? 21.268  12.780  -13.675 1.00 42.04 ? 264 ARG C C   1 
ATOM   1021 O  O   . ARG C 1 49 ? 21.858  13.876  -13.525 1.00 43.27 ? 264 ARG C O   1 
ATOM   1022 C  CB  . ARG C 1 49 ? 20.414  11.479  -11.674 1.00 36.29 ? 264 ARG C CB  1 
ATOM   1023 C  CG  . ARG C 1 49 ? 19.375  11.557  -10.535 1.00 28.99 ? 264 ARG C CG  1 
ATOM   1024 C  CD  . ARG C 1 49 ? 19.811  10.725  -9.362  1.00 31.20 ? 264 ARG C CD  1 
ATOM   1025 N  NE  . ARG C 1 49 ? 19.533  9.298   -9.558  1.00 28.30 ? 264 ARG C NE  1 
ATOM   1026 C  CZ  . ARG C 1 49 ? 18.388  8.728   -9.215  1.00 25.63 ? 264 ARG C CZ  1 
ATOM   1027 N  NH1 . ARG C 1 49 ? 17.476  9.407   -8.607  1.00 23.09 ? 264 ARG C NH1 1 
ATOM   1028 N  NH2 . ARG C 1 49 ? 18.194  7.471   -9.411  1.00 21.69 ? 264 ARG C NH2 1 
ATOM   1029 N  N   . GLN C 1 50 ? 21.606  11.869  -14.597 1.00 45.66 ? 265 GLN C N   1 
ATOM   1030 C  CA  . GLN C 1 50 ? 22.635  12.133  -15.680 1.00 48.94 ? 265 GLN C CA  1 
ATOM   1031 C  C   . GLN C 1 50 ? 22.509  13.472  -16.459 1.00 52.10 ? 265 GLN C C   1 
ATOM   1032 O  O   . GLN C 1 50 ? 23.527  14.018  -16.932 1.00 54.59 ? 265 GLN C O   1 
ATOM   1033 C  CB  . GLN C 1 50 ? 22.686  10.997  -16.697 1.00 47.96 ? 265 GLN C CB  1 
ATOM   1034 C  CG  . GLN C 1 50 ? 23.220  9.724   -16.169 1.00 48.76 ? 265 GLN C CG  1 
ATOM   1035 C  CD  . GLN C 1 50 ? 23.104  8.518   -17.185 1.00 51.11 ? 265 GLN C CD  1 
ATOM   1036 O  OE1 . GLN C 1 50 ? 22.409  8.602   -18.201 1.00 46.97 ? 265 GLN C OE1 1 
ATOM   1037 N  NE2 . GLN C 1 50 ? 23.787  7.387   -16.866 1.00 49.90 ? 265 GLN C NE2 1 
ATOM   1038 N  N   . HIS C 1 51 ? 21.278  13.995  -16.596 1.00 54.96 ? 266 HIS C N   1 
ATOM   1039 C  CA  . HIS C 1 51 ? 20.975  15.177  -17.441 1.00 55.95 ? 266 HIS C CA  1 
ATOM   1040 C  C   . HIS C 1 51 ? 20.845  16.534  -16.724 1.00 56.68 ? 266 HIS C C   1 
ATOM   1041 O  O   . HIS C 1 51 ? 20.145  16.691  -15.699 1.00 56.05 ? 266 HIS C O   1 
ATOM   1042 C  CB  . HIS C 1 51 ? 19.759  14.933  -18.361 1.00 56.93 ? 266 HIS C CB  1 
ATOM   1043 C  CG  . HIS C 1 51 ? 19.935  15.529  -19.728 1.00 59.67 ? 266 HIS C CG  1 
ATOM   1044 N  ND1 . HIS C 1 51 ? 19.856  16.891  -19.971 1.00 63.86 ? 266 HIS C ND1 1 
ATOM   1045 C  CD2 . HIS C 1 51 ? 20.229  14.955  -20.918 1.00 63.15 ? 266 HIS C CD2 1 
ATOM   1046 C  CE1 . HIS C 1 51 ? 20.081  17.128  -21.254 1.00 66.93 ? 266 HIS C CE1 1 
ATOM   1047 N  NE2 . HIS C 1 51 ? 20.316  15.968  -21.854 1.00 66.74 ? 266 HIS C NE2 1 
ATOM   1048 N  N   . ARG D 1 11 ? -16.170 -25.004 8.288   1.00 60.60 ? 226 ARG D N   1 
ATOM   1049 C  CA  . ARG D 1 11 ? -14.881 -25.037 9.024   1.00 61.02 ? 226 ARG D CA  1 
ATOM   1050 C  C   . ARG D 1 11 ? -13.782 -24.863 8.004   1.00 60.70 ? 226 ARG D C   1 
ATOM   1051 O  O   . ARG D 1 11 ? -12.911 -24.016 8.172   1.00 60.81 ? 226 ARG D O   1 
ATOM   1052 C  CB  . ARG D 1 11 ? -14.657 -26.354 9.753   1.00 61.27 ? 226 ARG D CB  1 
ATOM   1053 C  CG  . ARG D 1 11 ? -15.492 -26.581 11.020  1.00 64.84 ? 226 ARG D CG  1 
ATOM   1054 C  CD  . ARG D 1 11 ? -15.944 -28.075 11.132  1.00 70.18 ? 226 ARG D CD  1 
ATOM   1055 N  NE  . ARG D 1 11 ? -16.683 -28.325 12.375  1.00 75.93 ? 226 ARG D NE  1 
ATOM   1056 C  CZ  . ARG D 1 11 ? -17.232 -29.490 12.732  1.00 76.85 ? 226 ARG D CZ  1 
ATOM   1057 N  NH1 . ARG D 1 11 ? -17.143 -30.545 11.925  1.00 78.72 ? 226 ARG D NH1 1 
ATOM   1058 N  NH2 . ARG D 1 11 ? -17.874 -29.593 13.901  1.00 77.51 ? 226 ARG D NH2 1 
ATOM   1059 N  N   . GLN D 1 12 ? -13.808 -25.666 6.949   1.00 59.88 ? 227 GLN D N   1 
ATOM   1060 C  CA  . GLN D 1 12 ? -12.821 -25.514 5.870   1.00 59.07 ? 227 GLN D CA  1 
ATOM   1061 C  C   . GLN D 1 12 ? -13.310 -24.494 4.829   1.00 57.91 ? 227 GLN D C   1 
ATOM   1062 O  O   . GLN D 1 12 ? -12.520 -23.872 4.132   1.00 57.96 ? 227 GLN D O   1 
ATOM   1063 C  CB  . GLN D 1 12 ? -12.522 -26.855 5.204   1.00 58.88 ? 227 GLN D CB  1 
ATOM   1064 C  CG  . GLN D 1 12 ? -11.290 -26.841 4.345   1.00 60.09 ? 227 GLN D CG  1 
ATOM   1065 C  CD  . GLN D 1 12 ? -11.049 -28.161 3.606   1.00 61.71 ? 227 GLN D CD  1 
ATOM   1066 O  OE1 . GLN D 1 12 ? -11.638 -29.208 3.934   1.00 62.00 ? 227 GLN D OE1 1 
ATOM   1067 N  NE2 . GLN D 1 12 ? -10.177 -28.114 2.595   1.00 63.65 ? 227 GLN D NE2 1 
ATOM   1068 N  N   . LEU D 1 13 ? -14.619 -24.316 4.723   1.00 55.45 ? 228 LEU D N   1 
ATOM   1069 C  CA  . LEU D 1 13 ? -15.129 -23.354 3.805   1.00 54.08 ? 228 LEU D CA  1 
ATOM   1070 C  C   . LEU D 1 13 ? -14.719 -21.914 4.227   1.00 53.76 ? 228 LEU D C   1 
ATOM   1071 O  O   . LEU D 1 13 ? -15.159 -20.939 3.627   1.00 52.99 ? 228 LEU D O   1 
ATOM   1072 C  CB  . LEU D 1 13 ? -16.641 -23.524 3.664   1.00 52.83 ? 228 LEU D CB  1 
ATOM   1073 C  CG  . LEU D 1 13 ? -17.495 -22.332 3.213   1.00 57.11 ? 228 LEU D CG  1 
ATOM   1074 C  CD1 . LEU D 1 13 ? -18.235 -22.563 1.868   1.00 58.28 ? 228 LEU D CD1 1 
ATOM   1075 C  CD2 . LEU D 1 13 ? -18.478 -21.838 4.350   1.00 59.39 ? 228 LEU D CD2 1 
ATOM   1076 N  N   . LEU D 1 14 ? -13.833 -21.771 5.196   1.00 53.25 ? 229 LEU D N   1 
ATOM   1077 C  CA  . LEU D 1 14 ? -13.649 -20.418 5.716   1.00 52.38 ? 229 LEU D CA  1 
ATOM   1078 C  C   . LEU D 1 14 ? -12.530 -20.036 6.638   1.00 51.48 ? 229 LEU D C   1 
ATOM   1079 O  O   . LEU D 1 14 ? -12.517 -18.863 7.012   1.00 52.17 ? 229 LEU D O   1 
ATOM   1080 C  CB  . LEU D 1 14 ? -14.903 -20.067 6.538   1.00 52.44 ? 229 LEU D CB  1 
ATOM   1081 C  CG  . LEU D 1 14 ? -14.601 -20.334 8.025   1.00 51.39 ? 229 LEU D CG  1 
ATOM   1082 C  CD1 . LEU D 1 14 ? -15.080 -19.201 8.947   1.00 48.42 ? 229 LEU D CD1 1 
ATOM   1083 C  CD2 . LEU D 1 14 ? -15.197 -21.611 8.374   1.00 50.77 ? 229 LEU D CD2 1 
ATOM   1084 N  N   . ARG D 1 15 ? -11.517 -20.849 6.952   1.00 50.78 ? 230 ARG D N   1 
ATOM   1085 C  CA  . ARG D 1 15 ? -10.444 -21.281 6.072   1.00 49.19 ? 230 ARG D CA  1 
ATOM   1086 C  C   . ARG D 1 15 ? -10.394 -20.587 4.718   1.00 46.22 ? 230 ARG D C   1 
ATOM   1087 O  O   . ARG D 1 15 ? -9.610  -19.628 4.591   1.00 45.43 ? 230 ARG D O   1 
ATOM   1088 C  CB  . ARG D 1 15 ? -10.286 -22.788 6.001   1.00 49.76 ? 230 ARG D CB  1 
ATOM   1089 C  CG  . ARG D 1 15 ? -8.884  -23.207 5.602   1.00 53.15 ? 230 ARG D CG  1 
ATOM   1090 C  CD  . ARG D 1 15 ? -8.622  -24.714 5.926   1.00 59.70 ? 230 ARG D CD  1 
ATOM   1091 N  NE  . ARG D 1 15 ? -8.362  -24.919 7.360   1.00 65.07 ? 230 ARG D NE  1 
ATOM   1092 C  CZ  . ARG D 1 15 ? -8.811  -25.967 8.045   1.00 68.14 ? 230 ARG D CZ  1 
ATOM   1093 N  NH1 . ARG D 1 15 ? -9.565  -26.901 7.438   1.00 66.88 ? 230 ARG D NH1 1 
ATOM   1094 N  NH2 . ARG D 1 15 ? -8.524  -26.065 9.338   1.00 69.21 ? 230 ARG D NH2 1 
ATOM   1095 N  N   . LEU D 1 16 ? -11.182 -21.078 3.747   1.00 42.56 ? 231 LEU D N   1 
ATOM   1096 C  CA  . LEU D 1 16 ? -11.123 -20.581 2.375   1.00 40.61 ? 231 LEU D CA  1 
ATOM   1097 C  C   . LEU D 1 16 ? -11.665 -19.164 2.281   1.00 39.28 ? 231 LEU D C   1 
ATOM   1098 O  O   . LEU D 1 16 ? -11.126 -18.360 1.535   1.00 38.28 ? 231 LEU D O   1 
ATOM   1099 C  CB  . LEU D 1 16 ? -11.879 -21.430 1.368   1.00 40.89 ? 231 LEU D CB  1 
ATOM   1100 C  CG  . LEU D 1 16 ? -11.377 -22.685 0.622   1.00 43.03 ? 231 LEU D CG  1 
ATOM   1101 C  CD1 . LEU D 1 16 ? -10.014 -22.481 -0.032  1.00 39.56 ? 231 LEU D CD1 1 
ATOM   1102 C  CD2 . LEU D 1 16 ? -11.322 -23.815 1.610   1.00 38.86 ? 231 LEU D CD2 1 
ATOM   1103 N  N   . LYS D 1 17 ? -12.775 -18.891 2.961   1.00 36.76 ? 232 LYS D N   1 
ATOM   1104 C  CA  . LYS D 1 17 ? -13.325 -17.573 3.046   1.00 35.57 ? 232 LYS D CA  1 
ATOM   1105 C  C   . LYS D 1 17 ? -12.334 -16.602 3.659   1.00 33.88 ? 232 LYS D C   1 
ATOM   1106 O  O   . LYS D 1 17 ? -12.107 -15.521 3.117   1.00 33.99 ? 232 LYS D O   1 
ATOM   1107 C  CB  . LYS D 1 17 ? -14.663 -17.573 3.814   1.00 38.13 ? 232 LYS D CB  1 
ATOM   1108 C  CG  . LYS D 1 17 ? -15.832 -18.154 2.973   1.00 36.59 ? 232 LYS D CG  1 
ATOM   1109 C  CD  . LYS D 1 17 ? -17.126 -18.152 3.741   1.00 38.64 ? 232 LYS D CD  1 
ATOM   1110 C  CE  . LYS D 1 17 ? -18.275 -17.803 2.861   1.00 44.19 ? 232 LYS D CE  1 
ATOM   1111 N  NZ  . LYS D 1 17 ? -19.594 -18.452 3.353   1.00 44.14 ? 232 LYS D NZ  1 
ATOM   1112 N  N   . GLN D 1 18 ? -11.749 -16.973 4.782   1.00 30.47 ? 233 GLN D N   1 
ATOM   1113 C  CA  . GLN D 1 18 ? -10.726 -16.180 5.361   1.00 30.50 ? 233 GLN D CA  1 
ATOM   1114 C  C   . GLN D 1 18 ? -9.538  -15.892 4.384   1.00 31.01 ? 233 GLN D C   1 
ATOM   1115 O  O   . GLN D 1 18 ? -8.972  -14.746 4.281   1.00 29.91 ? 233 GLN D O   1 
ATOM   1116 C  CB  . GLN D 1 18 ? -10.153 -16.924 6.538   1.00 29.50 ? 233 GLN D CB  1 
ATOM   1117 C  CG  . GLN D 1 18 ? -9.133  -16.157 7.256   1.00 32.62 ? 233 GLN D CG  1 
ATOM   1118 C  CD  . GLN D 1 18 ? -8.610  -16.960 8.378   1.00 39.87 ? 233 GLN D CD  1 
ATOM   1119 O  OE1 . GLN D 1 18 ? -8.898  -18.184 8.442   1.00 44.29 ? 233 GLN D OE1 1 
ATOM   1120 N  NE2 . GLN D 1 18 ? -7.836  -16.319 9.301   1.00 34.15 ? 233 GLN D NE2 1 
ATOM   1121 N  N   . MET D 1 19 ? -9.092  -16.952 3.740   1.00 30.42 ? 234 MET D N   1 
ATOM   1122 C  CA  . MET D 1 19 ? -7.961  -16.820 2.867   1.00 29.93 ? 234 MET D CA  1 
ATOM   1123 C  C   . MET D 1 19 ? -8.295  -15.934 1.690   1.00 27.74 ? 234 MET D C   1 
ATOM   1124 O  O   . MET D 1 19 ? -7.423  -15.204 1.224   1.00 26.42 ? 234 MET D O   1 
ATOM   1125 C  CB  . MET D 1 19 ? -7.526  -18.217 2.462   1.00 29.66 ? 234 MET D CB  1 
ATOM   1126 C  CG  . MET D 1 19 ? -6.144  -18.467 2.701   1.00 37.38 ? 234 MET D CG  1 
ATOM   1127 S  SD  . MET D 1 19 ? -5.147  -17.420 1.605   1.00 53.47 ? 234 MET D SD  1 
ATOM   1128 C  CE  . MET D 1 19 ? -4.452  -18.644 0.435   1.00 45.20 ? 234 MET D CE  1 
ATOM   1129 N  N   . ASN D 1 20 ? -9.542  -16.002 1.203   1.00 28.46 ? 235 ASN D N   1 
ATOM   1130 C  CA  . ASN D 1 20 ? -10.002 -15.203 0.100   1.00 26.45 ? 235 ASN D CA  1 
ATOM   1131 C  C   . ASN D 1 20 ? -10.009 -13.668 0.434   1.00 26.20 ? 235 ASN D C   1 
ATOM   1132 O  O   . ASN D 1 20 ? -9.638  -12.771 -0.377  1.00 22.64 ? 235 ASN D O   1 
ATOM   1133 C  CB  . ASN D 1 20 ? -11.395 -15.611 -0.224  1.00 28.13 ? 235 ASN D CB  1 
ATOM   1134 C  CG  . ASN D 1 20 ? -11.924 -14.930 -1.443  1.00 29.45 ? 235 ASN D CG  1 
ATOM   1135 O  OD1 . ASN D 1 20 ? -12.671 -13.934 -1.389  1.00 33.92 ? 235 ASN D OD1 1 
ATOM   1136 N  ND2 . ASN D 1 20 ? -11.530 -15.455 -2.585  1.00 31.54 ? 235 ASN D ND2 1 
ATOM   1137 N  N   . VAL D 1 21 ? -10.376 -13.390 1.663   1.00 25.79 ? 236 VAL D N   1 
ATOM   1138 C  CA  . VAL D 1 21 ? -10.199 -12.018 2.241   1.00 24.71 ? 236 VAL D CA  1 
ATOM   1139 C  C   . VAL D 1 21 ? -8.765  -11.561 2.310   1.00 25.13 ? 236 VAL D C   1 
ATOM   1140 O  O   . VAL D 1 21 ? -8.433  -10.415 1.905   1.00 23.96 ? 236 VAL D O   1 
ATOM   1141 C  CB  . VAL D 1 21 ? -10.875 -11.937 3.640   1.00 25.93 ? 236 VAL D CB  1 
ATOM   1142 C  CG1 . VAL D 1 21 ? -10.572 -10.568 4.226   1.00 23.31 ? 236 VAL D CG1 1 
ATOM   1143 C  CG2 . VAL D 1 21 ? -12.469 -12.146 3.435   1.00 22.47 ? 236 VAL D CG2 1 
ATOM   1144 N  N   . GLN D 1 22 ? -7.880  -12.443 2.754   1.00 25.04 ? 237 GLN D N   1 
ATOM   1145 C  CA  . GLN D 1 22 ? -6.482  -12.108 2.826   1.00 24.60 ? 237 GLN D CA  1 
ATOM   1146 C  C   . GLN D 1 22 ? -5.854  -11.843 1.457   1.00 26.11 ? 237 GLN D C   1 
ATOM   1147 O  O   . GLN D 1 22 ? -5.016  -10.910 1.343   1.00 25.98 ? 237 GLN D O   1 
ATOM   1148 C  CB  . GLN D 1 22 ? -5.659  -13.196 3.537   1.00 23.92 ? 237 GLN D CB  1 
ATOM   1149 C  CG  . GLN D 1 22 ? -6.167  -13.520 4.944   1.00 30.60 ? 237 GLN D CG  1 
ATOM   1150 C  CD  . GLN D 1 22 ? -5.611  -14.863 5.482   1.00 38.91 ? 237 GLN D CD  1 
ATOM   1151 O  OE1 . GLN D 1 22 ? -4.863  -15.591 4.781   1.00 42.44 ? 237 GLN D OE1 1 
ATOM   1152 N  NE2 . GLN D 1 22 ? -5.946  -15.177 6.725   1.00 38.46 ? 237 GLN D NE2 1 
ATOM   1153 N  N   . LEU D 1 23 ? -6.169  -12.690 0.473   1.00 25.00 ? 238 LEU D N   1 
ATOM   1154 C  CA  . LEU D 1 23 ? -5.631  -12.543 -0.862  1.00 23.97 ? 238 LEU D CA  1 
ATOM   1155 C  C   . LEU D 1 23 ? -6.206  -11.284 -1.525  1.00 22.35 ? 238 LEU D C   1 
ATOM   1156 O  O   . LEU D 1 23 ? -5.520  -10.566 -2.199  1.00 19.51 ? 238 LEU D O   1 
ATOM   1157 C  CB  . LEU D 1 23 ? -6.006  -13.780 -1.736  1.00 23.57 ? 238 LEU D CB  1 
ATOM   1158 C  CG  . LEU D 1 23 ? -5.341  -15.076 -1.317  1.00 28.30 ? 238 LEU D CG  1 
ATOM   1159 C  CD1 . LEU D 1 23 ? -6.021  -16.305 -1.903  1.00 25.01 ? 238 LEU D CD1 1 
ATOM   1160 C  CD2 . LEU D 1 23 ? -3.879  -15.123 -1.616  1.00 26.43 ? 238 LEU D CD2 1 
ATOM   1161 N  N   . ALA D 1 24 ? -7.491  -11.025 -1.330  1.00 20.58 ? 239 ALA D N   1 
ATOM   1162 C  CA  . ALA D 1 24 ? -8.103  -9.870  -1.972  1.00 22.76 ? 239 ALA D CA  1 
ATOM   1163 C  C   . ALA D 1 24 ? -7.458  -8.600  -1.392  1.00 24.70 ? 239 ALA D C   1 
ATOM   1164 O  O   . ALA D 1 24 ? -7.271  -7.664  -2.133  1.00 23.40 ? 239 ALA D O   1 
ATOM   1165 C  CB  . ALA D 1 24 ? -9.630  -9.871  -1.843  1.00 23.36 ? 239 ALA D CB  1 
ATOM   1166 N  N   . ALA D 1 25 ? -7.093  -8.625  -0.116  1.00 24.60 ? 240 ALA D N   1 
ATOM   1167 C  CA  . ALA D 1 25 ? -6.432  -7.516  0.590   1.00 25.28 ? 240 ALA D CA  1 
ATOM   1168 C  C   . ALA D 1 25 ? -5.001  -7.237  0.040   1.00 25.93 ? 240 ALA D C   1 
ATOM   1169 O  O   . ALA D 1 25 ? -4.680  -6.099  -0.327  1.00 26.46 ? 240 ALA D O   1 
ATOM   1170 C  CB  . ALA D 1 25 ? -6.367  -7.770  2.082   1.00 24.12 ? 240 ALA D CB  1 
ATOM   1171 N  N   . LYS D 1 26 ? -4.221  -8.288  -0.159  1.00 26.14 ? 241 LYS D N   1 
ATOM   1172 C  CA  . LYS D 1 26 ? -2.910  -8.201  -0.806  1.00 24.59 ? 241 LYS D CA  1 
ATOM   1173 C  C   . LYS D 1 26 ? -3.015  -7.684  -2.269  1.00 23.88 ? 241 LYS D C   1 
ATOM   1174 O  O   . LYS D 1 26 ? -2.181  -6.848  -2.680  1.00 20.57 ? 241 LYS D O   1 
ATOM   1175 C  CB  . LYS D 1 26 ? -2.313  -9.547  -0.855  1.00 26.22 ? 241 LYS D CB  1 
ATOM   1176 C  CG  . LYS D 1 26 ? -0.948  -9.561  -1.494  1.00 29.86 ? 241 LYS D CG  1 
ATOM   1177 C  CD  . LYS D 1 26 ? 0.097   -9.109  -0.466  1.00 34.72 ? 241 LYS D CD  1 
ATOM   1178 C  CE  . LYS D 1 26 ? 1.544   -9.151  -1.059  1.00 41.62 ? 241 LYS D CE  1 
ATOM   1179 N  NZ  . LYS D 1 26 ? 2.036   -10.588 -1.045  1.00 49.54 ? 241 LYS D NZ  1 
ATOM   1180 N  N   . ILE D 1 27 ? -4.014  -8.153  -3.027  1.00 21.99 ? 242 ILE D N   1 
ATOM   1181 C  CA  . ILE D 1 27 ? -4.295  -7.606  -4.363  1.00 22.66 ? 242 ILE D CA  1 
ATOM   1182 C  C   . ILE D 1 27 ? -4.553  -6.103  -4.325  1.00 24.46 ? 242 ILE D C   1 
ATOM   1183 O  O   . ILE D 1 27 ? -3.963  -5.319  -5.111  1.00 22.67 ? 242 ILE D O   1 
ATOM   1184 C  CB  . ILE D 1 27 ? -5.479  -8.354  -5.053  1.00 23.13 ? 242 ILE D CB  1 
ATOM   1185 C  CG1 . ILE D 1 27 ? -5.049  -9.794  -5.383  1.00 22.85 ? 242 ILE D CG1 1 
ATOM   1186 C  CG2 . ILE D 1 27 ? -5.909  -7.646  -6.260  1.00 23.29 ? 242 ILE D CG2 1 
ATOM   1187 C  CD1 . ILE D 1 27 ? -6.297  -10.602 -6.059  1.00 22.81 ? 242 ILE D CD1 1 
ATOM   1188 N  N   . GLN D 1 28 ? -5.466  -5.672  -3.445  1.00 24.05 ? 243 GLN D N   1 
ATOM   1189 C  CA  . GLN D 1 28 ? -5.710  -4.200  -3.277  1.00 27.13 ? 243 GLN D CA  1 
ATOM   1190 C  C   . GLN D 1 28 ? -4.447  -3.375  -2.967  1.00 25.43 ? 243 GLN D C   1 
ATOM   1191 O  O   . GLN D 1 28 ? -4.236  -2.264  -3.538  1.00 25.55 ? 243 GLN D O   1 
ATOM   1192 C  CB  . GLN D 1 28 ? -6.734  -3.935  -2.175  1.00 27.67 ? 243 GLN D CB  1 
ATOM   1193 C  CG  . GLN D 1 28 ? -7.466  -2.685  -2.378  1.00 37.08 ? 243 GLN D CG  1 
ATOM   1194 C  CD  . GLN D 1 28 ? -8.553  -2.960  -3.321  1.00 46.24 ? 243 GLN D CD  1 
ATOM   1195 O  OE1 . GLN D 1 28 ? -9.494  -3.677  -2.969  1.00 49.77 ? 243 GLN D OE1 1 
ATOM   1196 N  NE2 . GLN D 1 28 ? -8.438  -2.466  -4.548  1.00 50.83 ? 243 GLN D NE2 1 
ATOM   1197 N  N   . HIS D 1 29 ? -3.620  -3.880  -2.066  1.00 24.32 ? 244 HIS D N   1 
ATOM   1198 C  CA  . HIS D 1 29 ? -2.362  -3.225  -1.771  1.00 26.15 ? 244 HIS D CA  1 
ATOM   1199 C  C   . HIS D 1 29 ? -1.385  -3.154  -2.993  1.00 25.45 ? 244 HIS D C   1 
ATOM   1200 O  O   . HIS D 1 29 ? -0.727  -2.113  -3.223  1.00 20.61 ? 244 HIS D O   1 
ATOM   1201 C  CB  . HIS D 1 29 ? -1.667  -3.942  -0.589  1.00 28.30 ? 244 HIS D CB  1 
ATOM   1202 C  CG  . HIS D 1 29 ? -0.467  -3.212  -0.100  1.00 35.97 ? 244 HIS D CG  1 
ATOM   1203 N  ND1 . HIS D 1 29 ? -0.568  -2.104  0.734   1.00 42.21 ? 244 HIS D ND1 1 
ATOM   1204 C  CD2 . HIS D 1 29 ? 0.857   -3.371  -0.368  1.00 40.16 ? 244 HIS D CD2 1 
ATOM   1205 C  CE1 . HIS D 1 29 ? 0.644   -1.643  0.971   1.00 43.35 ? 244 HIS D CE1 1 
ATOM   1206 N  NE2 . HIS D 1 29 ? 1.518   -2.371  0.291   1.00 40.88 ? 244 HIS D NE2 1 
ATOM   1207 N  N   . LEU D 1 30 ? -1.253  -4.285  -3.719  1.00 23.51 ? 245 LEU D N   1 
ATOM   1208 C  CA  . LEU D 1 30 ? -0.397  -4.366  -4.882  1.00 23.36 ? 245 LEU D CA  1 
ATOM   1209 C  C   . LEU D 1 30 ? -0.919  -3.491  -6.034  1.00 23.25 ? 245 LEU D C   1 
ATOM   1210 O  O   . LEU D 1 30 ? -0.164  -2.776  -6.658  1.00 22.68 ? 245 LEU D O   1 
ATOM   1211 C  CB  . LEU D 1 30 ? -0.217  -5.819  -5.380  1.00 22.50 ? 245 LEU D CB  1 
ATOM   1212 C  CG  . LEU D 1 30 ? 0.658   -6.694  -4.489  1.00 25.73 ? 245 LEU D CG  1 
ATOM   1213 C  CD1 . LEU D 1 30 ? 0.520   -8.215  -4.822  1.00 24.86 ? 245 LEU D CD1 1 
ATOM   1214 C  CD2 . LEU D 1 30 ? 2.107   -6.261  -4.592  1.00 27.75 ? 245 LEU D CD2 1 
ATOM   1215 N  N   . GLU D 1 31 ? -2.225  -3.474  -6.268  1.00 23.44 ? 246 GLU D N   1 
ATOM   1216 C  CA  . GLU D 1 31 ? -2.825  -2.587  -7.285  1.00 25.32 ? 246 GLU D CA  1 
ATOM   1217 C  C   . GLU D 1 31 ? -2.560  -1.105  -6.993  1.00 25.55 ? 246 GLU D C   1 
ATOM   1218 O  O   . GLU D 1 31 ? -2.278  -0.326  -7.924  1.00 23.70 ? 246 GLU D O   1 
ATOM   1219 C  CB  . GLU D 1 31 ? -4.353  -2.846  -7.321  1.00 24.09 ? 246 GLU D CB  1 
ATOM   1220 C  CG  . GLU D 1 31 ? -4.578  -4.284  -7.921  1.00 28.03 ? 246 GLU D CG  1 
ATOM   1221 C  CD  . GLU D 1 31 ? -6.026  -4.588  -8.226  1.00 28.65 ? 246 GLU D CD  1 
ATOM   1222 O  OE1 . GLU D 1 31 ? -6.881  -4.053  -7.593  1.00 32.34 ? 246 GLU D OE1 1 
ATOM   1223 O  OE2 . GLU D 1 31 ? -6.294  -5.451  -9.068  1.00 35.01 ? 246 GLU D OE2 1 
ATOM   1224 N  N   . PHE D 1 32 ? -2.656  -0.718  -5.707  1.00 24.69 ? 247 PHE D N   1 
ATOM   1225 C  CA  . PHE D 1 32 ? -2.254  0.642   -5.304  1.00 25.10 ? 247 PHE D CA  1 
ATOM   1226 C  C   . PHE D 1 32 ? -0.724  0.965   -5.494  1.00 23.70 ? 247 PHE D C   1 
ATOM   1227 O  O   . PHE D 1 32 ? -0.386  2.017   -5.989  1.00 23.67 ? 247 PHE D O   1 
ATOM   1228 C  CB  . PHE D 1 32 ? -2.639  0.882   -3.844  1.00 26.39 ? 247 PHE D CB  1 
ATOM   1229 C  CG  . PHE D 1 32 ? -2.403  2.313   -3.392  1.00 29.53 ? 247 PHE D CG  1 
ATOM   1230 C  CD1 . PHE D 1 32 ? -3.288  3.317   -3.780  1.00 30.08 ? 247 PHE D CD1 1 
ATOM   1231 C  CD2 . PHE D 1 32 ? -1.356  2.626   -2.538  1.00 32.17 ? 247 PHE D CD2 1 
ATOM   1232 C  CE1 . PHE D 1 32 ? -3.108  4.647   -3.337  1.00 35.26 ? 247 PHE D CE1 1 
ATOM   1233 C  CE2 . PHE D 1 32 ? -1.159  3.959   -2.101  1.00 33.30 ? 247 PHE D CE2 1 
ATOM   1234 C  CZ  . PHE D 1 32 ? -2.033  4.978   -2.543  1.00 33.23 ? 247 PHE D CZ  1 
ATOM   1235 N  N   . SER D 1 33 ? 0.158   0.073   -5.057  1.00 22.03 ? 248 SER D N   1 
ATOM   1236 C  CA  . SER D 1 33 ? 1.576   0.224   -5.226  1.00 25.16 ? 248 SER D CA  1 
ATOM   1237 C  C   . SER D 1 33 ? 1.898   0.304   -6.738  1.00 25.13 ? 248 SER D C   1 
ATOM   1238 O  O   . SER D 1 33 ? 2.682   1.146   -7.168  1.00 25.96 ? 248 SER D O   1 
ATOM   1239 C  CB  . SER D 1 33 ? 2.319   -0.940  -4.458  1.00 26.88 ? 248 SER D CB  1 
ATOM   1240 O  OG  . SER D 1 33 ? 3.617   -1.152  -4.998  1.00 29.73 ? 248 SER D OG  1 
ATOM   1241 N  N   . CYS D 1 34 ? 1.232   -0.490  -7.562  1.00 24.91 ? 249 CYS D N   1 
ATOM   1242 C  CA  . CYS D 1 34 ? 1.423   -0.448  -9.020  1.00 27.26 ? 249 CYS D CA  1 
ATOM   1243 C  C   . CYS D 1 34 ? 0.968   0.862   -9.638  1.00 26.64 ? 249 CYS D C   1 
ATOM   1244 O  O   . CYS D 1 34 ? 1.586   1.393   -10.570 1.00 23.98 ? 249 CYS D O   1 
ATOM   1245 C  CB  . CYS D 1 34 ? 0.711   -1.615  -9.741  1.00 28.47 ? 249 CYS D CB  1 
ATOM   1246 S  SG  . CYS D 1 34 ? 1.689   -3.032  -10.117 1.00 34.03 ? 249 CYS D SG  1 
ATOM   1247 N  N   . SER D 1 35 ? -0.101  1.424   -9.108  1.00 26.28 ? 250 SER D N   1 
ATOM   1248 C  CA  . SER D 1 35 ? -0.708  2.503   -9.754  1.00 27.21 ? 250 SER D CA  1 
ATOM   1249 C  C   . SER D 1 35 ? 0.031   3.762   -9.297  1.00 26.58 ? 250 SER D C   1 
ATOM   1250 O  O   . SER D 1 35 ? 0.153   4.708   -10.069 1.00 26.44 ? 250 SER D O   1 
ATOM   1251 C  CB  . SER D 1 35 ? -2.235  2.499   -9.458  1.00 27.26 ? 250 SER D CB  1 
ATOM   1252 O  OG  . SER D 1 35 ? -2.548  3.472   -8.493  1.00 36.62 ? 250 SER D OG  1 
ATOM   1253 N  N   . GLU D 1 36 ? 0.578   3.733   -8.084  1.00 26.58 ? 251 GLU D N   1 
ATOM   1254 C  CA  . GLU D 1 36 ? 1.499   4.762   -7.550  1.00 25.87 ? 251 GLU D CA  1 
ATOM   1255 C  C   . GLU D 1 36 ? 2.747   4.831   -8.501  1.00 26.42 ? 251 GLU D C   1 
ATOM   1256 O  O   . GLU D 1 36 ? 3.225   5.920   -8.847  1.00 22.79 ? 251 GLU D O   1 
ATOM   1257 C  CB  . GLU D 1 36 ? 1.933   4.264   -6.205  1.00 28.06 ? 251 GLU D CB  1 
ATOM   1258 C  CG  . GLU D 1 36 ? 2.735   5.062   -5.203  1.00 32.37 ? 251 GLU D CG  1 
ATOM   1259 C  CD  . GLU D 1 36 ? 2.553   4.411   -3.800  1.00 39.65 ? 251 GLU D CD  1 
ATOM   1260 O  OE1 . GLU D 1 36 ? 1.475   4.614   -3.187  1.00 40.90 ? 251 GLU D OE1 1 
ATOM   1261 O  OE2 . GLU D 1 36 ? 3.478   3.652   -3.316  1.00 45.97 ? 251 GLU D OE2 1 
ATOM   1262 N  N   . LYS D 1 37 ? 3.273   3.668   -8.862  1.00 23.64 ? 252 LYS D N   1 
ATOM   1263 C  CA  . LYS D 1 37 ? 4.491   3.633   -9.653  1.00 24.09 ? 252 LYS D CA  1 
ATOM   1264 C  C   . LYS D 1 37 ? 4.198   4.068   -11.089 1.00 26.30 ? 252 LYS D C   1 
ATOM   1265 O  O   . LYS D 1 37 ? 5.059   4.722   -11.726 1.00 26.05 ? 252 LYS D O   1 
ATOM   1266 C  CB  . LYS D 1 37 ? 5.071   2.226   -9.653  1.00 21.94 ? 252 LYS D CB  1 
ATOM   1267 C  CG  . LYS D 1 37 ? 5.596   1.763   -8.237  1.00 23.46 ? 252 LYS D CG  1 
ATOM   1268 C  CD  . LYS D 1 37 ? 6.619   0.679   -8.370  1.00 27.60 ? 252 LYS D CD  1 
ATOM   1269 C  CE  . LYS D 1 37 ? 6.707   -0.279  -7.215  1.00 29.68 ? 252 LYS D CE  1 
ATOM   1270 N  NZ  . LYS D 1 37 ? 6.553   0.503   -5.926  1.00 37.89 ? 252 LYS D NZ  1 
ATOM   1271 N  N   . GLU D 1 38 ? 3.051   3.651   -11.622 1.00 25.37 ? 253 GLU D N   1 
ATOM   1272 C  CA  . GLU D 1 38 ? 2.665   4.101   -12.966 1.00 28.56 ? 253 GLU D CA  1 
ATOM   1273 C  C   . GLU D 1 38 ? 2.488   5.606   -13.034 1.00 28.20 ? 253 GLU D C   1 
ATOM   1274 O  O   . GLU D 1 38 ? 2.855   6.262   -13.995 1.00 29.41 ? 253 GLU D O   1 
ATOM   1275 C  CB  . GLU D 1 38 ? 1.356   3.414   -13.434 1.00 29.66 ? 253 GLU D CB  1 
ATOM   1276 C  CG  . GLU D 1 38 ? 0.989   3.823   -14.832 1.00 33.49 ? 253 GLU D CG  1 
ATOM   1277 C  CD  . GLU D 1 38 ? 2.185   3.641   -15.837 1.00 35.58 ? 253 GLU D CD  1 
ATOM   1278 O  OE1 . GLU D 1 38 ? 2.829   2.578   -15.811 1.00 42.42 ? 253 GLU D OE1 1 
ATOM   1279 O  OE2 . GLU D 1 38 ? 2.460   4.537   -16.664 1.00 42.58 ? 253 GLU D OE2 1 
ATOM   1280 N  N   . GLN D 1 39 ? 1.814   6.158   -12.054 1.00 30.14 ? 254 GLN D N   1 
ATOM   1281 C  CA  . GLN D 1 39 ? 1.635   7.596   -11.969 1.00 31.12 ? 254 GLN D CA  1 
ATOM   1282 C  C   . GLN D 1 39 ? 3.048   8.281   -11.893 1.00 29.15 ? 254 GLN D C   1 
ATOM   1283 O  O   . GLN D 1 39 ? 3.271   9.339   -12.541 1.00 29.25 ? 254 GLN D O   1 
ATOM   1284 C  CB  . GLN D 1 39 ? 0.630   7.892   -10.787 1.00 33.70 ? 254 GLN D CB  1 
ATOM   1285 C  CG  . GLN D 1 39 ? 0.665   9.299   -10.251 1.00 39.48 ? 254 GLN D CG  1 
ATOM   1286 C  CD  . GLN D 1 39 ? 0.094   9.416   -8.795  1.00 47.01 ? 254 GLN D CD  1 
ATOM   1287 O  OE1 . GLN D 1 39 ? -0.619  8.517   -8.283  1.00 47.84 ? 254 GLN D OE1 1 
ATOM   1288 N  NE2 . GLN D 1 39 ? 0.476   10.526  -8.109  1.00 48.82 ? 254 GLN D NE2 1 
ATOM   1289 N  N   . GLU D 1 40 ? 3.978   7.739   -11.113 1.00 26.35 ? 255 GLU D N   1 
ATOM   1290 C  CA  . GLU D 1 40 ? 5.333   8.239   -11.026 1.00 26.86 ? 255 GLU D CA  1 
ATOM   1291 C  C   . GLU D 1 40 ? 6.096   8.131   -12.409 1.00 27.34 ? 255 GLU D C   1 
ATOM   1292 O  O   . GLU D 1 40 ? 6.859   9.002   -12.784 1.00 25.94 ? 255 GLU D O   1 
ATOM   1293 C  CB  . GLU D 1 40 ? 6.164   7.559   -9.902  1.00 26.68 ? 255 GLU D CB  1 
ATOM   1294 C  CG  . GLU D 1 40 ? 7.650   7.846   -9.956  1.00 28.66 ? 255 GLU D CG  1 
ATOM   1295 C  CD  . GLU D 1 40 ? 8.371   7.654   -8.587  1.00 34.64 ? 255 GLU D CD  1 
ATOM   1296 O  OE1 . GLU D 1 40 ? 7.912   6.900   -7.725  1.00 45.42 ? 255 GLU D OE1 1 
ATOM   1297 O  OE2 . GLU D 1 40 ? 9.406   8.264   -8.322  1.00 45.88 ? 255 GLU D OE2 1 
ATOM   1298 N  N   . ILE D 1 41 ? 5.942   7.020   -13.088 1.00 24.47 ? 256 ILE D N   1 
ATOM   1299 C  CA  . ILE D 1 41 ? 6.502   6.899   -14.446 1.00 24.92 ? 256 ILE D CA  1 
ATOM   1300 C  C   . ILE D 1 41 ? 5.985   7.967   -15.384 1.00 24.78 ? 256 ILE D C   1 
ATOM   1301 O  O   . ILE D 1 41 ? 6.768   8.502   -16.140 1.00 23.70 ? 256 ILE D O   1 
ATOM   1302 C  CB  . ILE D 1 41 ? 6.204   5.473   -15.064 1.00 22.16 ? 256 ILE D CB  1 
ATOM   1303 C  CG1 . ILE D 1 41 ? 7.112   4.439   -14.350 1.00 24.00 ? 256 ILE D CG1 1 
ATOM   1304 C  CG2 . ILE D 1 41 ? 6.421   5.453   -16.620 1.00 22.29 ? 256 ILE D CG2 1 
ATOM   1305 C  CD1 . ILE D 1 41 ? 6.484   2.951   -14.242 1.00 23.76 ? 256 ILE D CD1 1 
ATOM   1306 N  N   . GLU D 1 42 ? 4.691   8.284   -15.314 1.00 26.89 ? 257 GLU D N   1 
ATOM   1307 C  CA  . GLU D 1 42 ? 4.116   9.396   -16.133 1.00 29.75 ? 257 GLU D CA  1 
ATOM   1308 C  C   . GLU D 1 42 ? 4.751   10.747  -15.813 1.00 30.03 ? 257 GLU D C   1 
ATOM   1309 O  O   . GLU D 1 42 ? 4.971   11.595  -16.697 1.00 28.95 ? 257 GLU D O   1 
ATOM   1310 C  CB  . GLU D 1 42 ? 2.565   9.442   -15.976 1.00 30.57 ? 257 GLU D CB  1 
ATOM   1311 C  CG  . GLU D 1 42 ? 1.952   8.228   -16.596 1.00 31.18 ? 257 GLU D CG  1 
ATOM   1312 C  CD  . GLU D 1 42 ? 0.430   8.108   -16.364 1.00 37.65 ? 257 GLU D CD  1 
ATOM   1313 O  OE1 . GLU D 1 42 ? -0.124  8.996   -15.682 1.00 40.29 ? 257 GLU D OE1 1 
ATOM   1314 O  OE2 . GLU D 1 42 ? -0.161  7.051   -16.774 1.00 41.68 ? 257 GLU D OE2 1 
ATOM   1315 N  N   . ARG D 1 43 ? 5.027   10.971  -14.527 1.00 28.78 ? 258 ARG D N   1 
ATOM   1316 C  CA  . ARG D 1 43 ? 5.647   12.146  -14.089 1.00 29.02 ? 258 ARG D CA  1 
ATOM   1317 C  C   . ARG D 1 43 ? 7.093   12.271  -14.531 1.00 27.74 ? 258 ARG D C   1 
ATOM   1318 O  O   . ARG D 1 43 ? 7.531   13.358  -14.995 1.00 27.44 ? 258 ARG D O   1 
ATOM   1319 C  CB  . ARG D 1 43 ? 5.556   12.227  -12.576 1.00 29.93 ? 258 ARG D CB  1 
ATOM   1320 C  CG  . ARG D 1 43 ? 6.684   12.955  -11.979 1.00 34.34 ? 258 ARG D CG  1 
ATOM   1321 C  CD  . ARG D 1 43 ? 6.560   12.837  -10.430 1.00 39.42 ? 258 ARG D CD  1 
ATOM   1322 N  NE  . ARG D 1 43 ? 7.828   12.477  -9.763  1.00 35.13 ? 258 ARG D NE  1 
ATOM   1323 C  CZ  . ARG D 1 43 ? 8.901   13.240  -9.735  1.00 35.33 ? 258 ARG D CZ  1 
ATOM   1324 N  NH1 . ARG D 1 43 ? 8.849   14.426  -10.341 1.00 34.38 ? 258 ARG D NH1 1 
ATOM   1325 N  NH2 . ARG D 1 43 ? 9.993   12.831  -9.063  1.00 30.34 ? 258 ARG D NH2 1 
ATOM   1326 N  N   . LEU D 1 44 ? 7.858   11.181  -14.422 1.00 26.94 ? 259 LEU D N   1 
ATOM   1327 C  CA  . LEU D 1 44 ? 9.281   11.165  -14.867 1.00 24.28 ? 259 LEU D CA  1 
ATOM   1328 C  C   . LEU D 1 44 ? 9.405   11.325  -16.385 1.00 26.58 ? 259 LEU D C   1 
ATOM   1329 O  O   . LEU D 1 44 ? 10.353  11.987  -16.916 1.00 25.84 ? 259 LEU D O   1 
ATOM   1330 C  CB  . LEU D 1 44 ? 9.960   9.858   -14.437 1.00 23.48 ? 259 LEU D CB  1 
ATOM   1331 C  CG  . LEU D 1 44 ? 9.830   9.601   -12.913 1.00 23.64 ? 259 LEU D CG  1 
ATOM   1332 C  CD1 . LEU D 1 44 ? 10.597  8.295   -12.535 1.00 23.02 ? 259 LEU D CD1 1 
ATOM   1333 C  CD2 . LEU D 1 44 ? 10.381  10.827  -12.127 1.00 27.15 ? 259 LEU D CD2 1 
ATOM   1334 N  N   . ASN D 1 45 ? 8.527   10.623  -17.112 1.00 26.88 ? 260 ASN D N   1 
ATOM   1335 C  CA  . ASN D 1 45 ? 8.449   10.821  -18.549 1.00 27.43 ? 260 ASN D CA  1 
ATOM   1336 C  C   . ASN D 1 45 ? 8.156   12.307  -18.978 1.00 29.77 ? 260 ASN D C   1 
ATOM   1337 O  O   . ASN D 1 45 ? 8.831   12.845  -19.864 1.00 29.19 ? 260 ASN D O   1 
ATOM   1338 C  CB  . ASN D 1 45 ? 7.350   9.950   -19.046 1.00 28.70 ? 260 ASN D CB  1 
ATOM   1339 C  CG  . ASN D 1 45 ? 7.790   8.567   -19.228 1.00 25.90 ? 260 ASN D CG  1 
ATOM   1340 O  OD1 . ASN D 1 45 ? 8.934   8.352   -19.539 1.00 29.70 ? 260 ASN D OD1 1 
ATOM   1341 N  ND2 . ASN D 1 45 ? 6.872   7.623   -19.182 1.00 24.47 ? 260 ASN D ND2 1 
ATOM   1342 N  N   . LYS D 1 46 ? 7.207   12.958  -18.308 1.00 29.82 ? 261 LYS D N   1 
ATOM   1343 C  CA  . LYS D 1 46 ? 6.841   14.364  -18.569 1.00 32.35 ? 261 LYS D CA  1 
ATOM   1344 C  C   . LYS D 1 46 ? 7.942   15.324  -18.252 1.00 33.36 ? 261 LYS D C   1 
ATOM   1345 O  O   . LYS D 1 46 ? 8.303   16.206  -19.063 1.00 30.43 ? 261 LYS D O   1 
ATOM   1346 C  CB  . LYS D 1 46 ? 5.514   14.768  -17.889 1.00 33.17 ? 261 LYS D CB  1 
ATOM   1347 C  CG  . LYS D 1 46 ? 5.146   16.258  -18.050 1.00 33.73 ? 261 LYS D CG  1 
ATOM   1348 C  CD  . LYS D 1 46 ? 3.842   16.602  -17.313 1.00 38.81 ? 261 LYS D CD  1 
ATOM   1349 C  CE  . LYS D 1 46 ? 3.982   16.407  -15.786 1.00 42.36 ? 261 LYS D CE  1 
ATOM   1350 N  NZ  . LYS D 1 46 ? 3.419   15.164  -15.133 1.00 42.81 ? 261 LYS D NZ  1 
ATOM   1351 N  N   . LEU D 1 47 ? 8.555   15.089  -17.106 1.00 33.06 ? 262 LEU D N   1 
ATOM   1352 C  CA  . LEU D 1 47 ? 9.777   15.762  -16.743 1.00 34.31 ? 262 LEU D CA  1 
ATOM   1353 C  C   . LEU D 1 47 ? 10.950  15.636  -17.736 1.00 35.11 ? 262 LEU D C   1 
ATOM   1354 O  O   . LEU D 1 47 ? 11.694  16.589  -18.053 1.00 35.01 ? 262 LEU D O   1 
ATOM   1355 C  CB  . LEU D 1 47 ? 10.130  15.233  -15.364 1.00 33.51 ? 262 LEU D CB  1 
ATOM   1356 C  CG  . LEU D 1 47 ? 10.965  15.959  -14.375 1.00 37.16 ? 262 LEU D CG  1 
ATOM   1357 C  CD1 . LEU D 1 47 ? 10.475  17.438  -14.113 1.00 35.03 ? 262 LEU D CD1 1 
ATOM   1358 C  CD2 . LEU D 1 47 ? 11.002  15.133  -13.136 1.00 33.25 ? 262 LEU D CD2 1 
ATOM   1359 N  N   . LEU D 1 48 ? 11.142  14.442  -18.240 1.00 35.38 ? 263 LEU D N   1 
ATOM   1360 C  CA  . LEU D 1 48 ? 12.258  14.139  -19.104 1.00 37.98 ? 263 LEU D CA  1 
ATOM   1361 C  C   . LEU D 1 48 ? 12.015  14.678  -20.531 1.00 40.48 ? 263 LEU D C   1 
ATOM   1362 O  O   . LEU D 1 48 ? 12.935  15.180  -21.201 1.00 40.77 ? 263 LEU D O   1 
ATOM   1363 C  CB  . LEU D 1 48 ? 12.371  12.619  -19.133 1.00 36.51 ? 263 LEU D CB  1 
ATOM   1364 C  CG  . LEU D 1 48 ? 13.547  11.645  -19.064 1.00 37.58 ? 263 LEU D CG  1 
ATOM   1365 C  CD1 . LEU D 1 48 ? 14.827  12.230  -18.578 1.00 35.74 ? 263 LEU D CD1 1 
ATOM   1366 C  CD2 . LEU D 1 48 ? 13.096  10.362  -18.287 1.00 31.34 ? 263 LEU D CD2 1 
ATOM   1367 N  N   . ARG D 1 49 ? 10.807  14.467  -21.026 1.00 41.82 ? 264 ARG D N   1 
ATOM   1368 C  CA  . ARG D 1 49 ? 10.493  14.902  -22.368 1.00 45.06 ? 264 ARG D CA  1 
ATOM   1369 C  C   . ARG D 1 49 ? 10.393  16.444  -22.485 1.00 46.54 ? 264 ARG D C   1 
ATOM   1370 O  O   . ARG D 1 49 ? 10.686  17.027  -23.544 1.00 47.07 ? 264 ARG D O   1 
ATOM   1371 C  CB  . ARG D 1 49 ? 9.205   14.259  -22.796 1.00 44.36 ? 264 ARG D CB  1 
ATOM   1372 C  CG  . ARG D 1 49 ? 9.416   12.802  -23.169 1.00 45.62 ? 264 ARG D CG  1 
ATOM   1373 C  CD  . ARG D 1 49 ? 8.409   12.292  -24.229 1.00 45.93 ? 264 ARG D CD  1 
ATOM   1374 N  NE  . ARG D 1 49 ? 7.757   11.040  -23.798 1.00 49.51 ? 264 ARG D NE  1 
ATOM   1375 C  CZ  . ARG D 1 49 ? 6.733   10.951  -22.942 1.00 46.53 ? 264 ARG D CZ  1 
ATOM   1376 N  NH1 . ARG D 1 49 ? 6.198   12.044  -22.354 1.00 48.65 ? 264 ARG D NH1 1 
ATOM   1377 N  NH2 . ARG D 1 49 ? 6.250   9.757   -22.672 1.00 50.50 ? 264 ARG D NH2 1 
ATOM   1378 N  N   . GLN D 1 50 ? 10.012  17.064  -21.381 1.00 48.14 ? 265 GLN D N   1 
ATOM   1379 C  CA  . GLN D 1 50 ? 9.768   18.508  -21.232 1.00 52.41 ? 265 GLN D CA  1 
ATOM   1380 C  C   . GLN D 1 50 ? 11.021  19.292  -20.665 1.00 53.32 ? 265 GLN D C   1 
ATOM   1381 O  O   . GLN D 1 50 ? 11.098  20.523  -20.807 1.00 53.46 ? 265 GLN D O   1 
ATOM   1382 C  CB  . GLN D 1 50 ? 8.502   18.658  -20.370 1.00 52.69 ? 265 GLN D CB  1 
ATOM   1383 C  CG  . GLN D 1 50 ? 8.042   20.033  -19.953 1.00 58.44 ? 265 GLN D CG  1 
ATOM   1384 C  CD  . GLN D 1 50 ? 7.963   20.177  -18.413 1.00 64.04 ? 265 GLN D CD  1 
ATOM   1385 O  OE1 . GLN D 1 50 ? 8.310   19.247  -17.654 1.00 62.69 ? 265 GLN D OE1 1 
ATOM   1386 N  NE2 . GLN D 1 50 ? 7.541   21.378  -17.947 1.00 67.45 ? 265 GLN D NE2 1 
ATOM   1387 N  N   . HIS D 1 51 ? 11.972  18.573  -20.039 1.00 54.49 ? 266 HIS D N   1 
ATOM   1388 C  CA  . HIS D 1 51 ? 13.398  18.991  -19.821 1.00 55.13 ? 266 HIS D CA  1 
ATOM   1389 C  C   . HIS D 1 51 ? 14.420  17.839  -19.903 1.00 55.59 ? 266 HIS D C   1 
ATOM   1390 O  O   . HIS D 1 51 ? 15.412  17.926  -20.677 1.00 56.66 ? 266 HIS D O   1 
ATOM   1391 C  CB  . HIS D 1 51 ? 13.503  19.659  -18.479 1.00 55.64 ? 266 HIS D CB  1 
ATOM   1392 C  CG  . HIS D 1 51 ? 12.205  20.278  -18.077 1.00 56.77 ? 266 HIS D CG  1 
ATOM   1393 N  ND1 . HIS D 1 51 ? 11.921  21.615  -18.284 1.00 61.73 ? 266 HIS D ND1 1 
ATOM   1394 C  CD2 . HIS D 1 51 ? 11.071  19.725  -17.581 1.00 56.91 ? 266 HIS D CD2 1 
ATOM   1395 C  CE1 . HIS D 1 51 ? 10.681  21.870  -17.879 1.00 60.71 ? 266 HIS D CE1 1 
ATOM   1396 N  NE2 . HIS D 1 51 ? 10.142  20.737  -17.452 1.00 59.78 ? 266 HIS D NE2 1 
HETATM 1397 CL CL  . CL  E 2 .  ? -16.297 -4.225  11.843  0.50 23.68 ? 1   CL  A CL  1 
HETATM 1398 CL CL  . CL  F 2 .  ? 15.728  5.850   -8.382  0.50 23.66 ? 2   CL  C CL  1 
HETATM 1399 O  O   . HOH G 3 .  ? -11.711 2.217   4.965   1.00 34.72 ? 2   HOH A O   1 
HETATM 1400 O  O   . HOH G 3 .  ? -16.397 -11.011 4.501   1.00 31.76 ? 3   HOH A O   1 
HETATM 1401 O  O   . HOH G 3 .  ? -19.857 -15.827 17.104  1.00 44.90 ? 4   HOH A O   1 
HETATM 1402 O  O   . HOH G 3 .  ? -0.045  14.279  2.137   1.00 40.53 ? 7   HOH A O   1 
HETATM 1403 O  O   . HOH G 3 .  ? -4.346  -10.816 5.689   1.00 37.55 ? 8   HOH A O   1 
HETATM 1404 O  O   . HOH G 3 .  ? 12.504  15.084  -4.954  1.00 44.71 ? 11  HOH A O   1 
HETATM 1405 O  O   . HOH G 3 .  ? -13.934 0.459   4.799   1.00 38.68 ? 19  HOH A O   1 
HETATM 1406 O  O   . HOH G 3 .  ? -24.026 -10.502 7.103   1.00 35.49 ? 20  HOH A O   1 
HETATM 1407 O  O   . HOH G 3 .  ? -10.101 -6.032  1.199   1.00 48.59 ? 23  HOH A O   1 
HETATM 1408 O  O   . HOH G 3 .  ? -19.462 -12.535 16.869  1.00 36.83 ? 24  HOH A O   1 
HETATM 1409 O  O   . HOH G 3 .  ? -2.921  -3.469  2.992   1.00 42.82 ? 26  HOH A O   1 
HETATM 1410 O  O   . HOH G 3 .  ? 11.713  8.542   -3.282  1.00 43.99 ? 31  HOH A O   1 
HETATM 1411 O  O   . HOH G 3 .  ? 0.020   15.941  3.905   1.00 49.40 ? 33  HOH A O   1 
HETATM 1412 O  O   . HOH G 3 .  ? 9.202   8.566   -4.336  1.00 39.44 ? 61  HOH A O   1 
HETATM 1413 O  O   . HOH H 3 .  ? -7.799  0.987   14.362  1.00 29.19 ? 1   HOH B O   1 
HETATM 1414 O  O   . HOH H 3 .  ? 2.844   1.124   10.693  1.00 40.26 ? 5   HOH B O   1 
HETATM 1415 O  O   . HOH H 3 .  ? -6.879  -13.762 18.615  1.00 37.36 ? 6   HOH B O   1 
HETATM 1416 O  O   . HOH H 3 .  ? -7.529  -1.319  15.144  1.00 38.88 ? 9   HOH B O   1 
HETATM 1417 O  O   . HOH H 3 .  ? 4.470   5.588   15.089  1.00 38.11 ? 10  HOH B O   1 
HETATM 1418 O  O   . HOH H 3 .  ? 5.665   24.511  4.334   1.00 51.04 ? 12  HOH B O   1 
HETATM 1419 O  O   . HOH H 3 .  ? -2.064  -13.160 9.968   1.00 42.63 ? 13  HOH B O   1 
HETATM 1420 O  O   . HOH H 3 .  ? 7.551   15.849  14.598  1.00 38.26 ? 14  HOH B O   1 
HETATM 1421 O  O   . HOH H 3 .  ? 0.655   17.025  11.987  1.00 31.10 ? 15  HOH B O   1 
HETATM 1422 O  O   . HOH H 3 .  ? -3.506  -17.677 12.671  1.00 57.76 ? 16  HOH B O   1 
HETATM 1423 O  O   . HOH H 3 .  ? 14.836  30.872  8.633   1.00 53.28 ? 17  HOH B O   1 
HETATM 1424 O  O   . HOH H 3 .  ? -13.422 -4.979  15.947  1.00 36.91 ? 18  HOH B O   1 
HETATM 1425 O  O   . HOH H 3 .  ? -12.165 -23.867 19.934  1.00 38.08 ? 21  HOH B O   1 
HETATM 1426 O  O   . HOH H 3 .  ? 1.862   -4.172  13.793  1.00 44.33 ? 22  HOH B O   1 
HETATM 1427 O  O   . HOH H 3 .  ? -9.508  -24.811 19.511  1.00 44.15 ? 25  HOH B O   1 
HETATM 1428 O  O   . HOH H 3 .  ? -4.716  -3.337  17.495  1.00 45.70 ? 28  HOH B O   1 
HETATM 1429 O  O   . HOH H 3 .  ? -2.522  -14.229 13.262  1.00 43.03 ? 29  HOH B O   1 
HETATM 1430 O  O   . HOH H 3 .  ? -0.606  14.757  13.430  1.00 47.16 ? 30  HOH B O   1 
HETATM 1431 O  O   . HOH H 3 .  ? -6.117  -19.797 6.972   1.00 41.06 ? 32  HOH B O   1 
HETATM 1432 O  O   . HOH H 3 .  ? -2.175  -4.149  22.431  1.00 49.72 ? 34  HOH B O   1 
HETATM 1433 O  O   . HOH I 3 .  ? -5.803  -17.873 -15.577 1.00 38.68 ? 27  HOH C O   1 
HETATM 1434 O  O   . HOH I 3 .  ? 12.408  -4.097  -8.929  1.00 36.76 ? 36  HOH C O   1 
HETATM 1435 O  O   . HOH I 3 .  ? 18.706  4.725   -17.864 1.00 33.55 ? 37  HOH C O   1 
HETATM 1436 O  O   . HOH I 3 .  ? 19.117  17.743  -12.876 1.00 43.35 ? 38  HOH C O   1 
HETATM 1437 O  O   . HOH I 3 .  ? 0.511   -15.510 -4.847  1.00 41.45 ? 41  HOH C O   1 
HETATM 1438 O  O   . HOH I 3 .  ? 6.887   4.009   -20.302 1.00 37.97 ? 42  HOH C O   1 
HETATM 1439 O  O   . HOH I 3 .  ? -9.601  -22.966 -11.994 1.00 43.56 ? 45  HOH C O   1 
HETATM 1440 O  O   . HOH I 3 .  ? 14.794  -2.755  -9.758  1.00 39.25 ? 53  HOH C O   1 
HETATM 1441 O  O   . HOH I 3 .  ? 25.169  7.434   -13.805 1.00 34.11 ? 54  HOH C O   1 
HETATM 1442 O  O   . HOH I 3 .  ? 13.020  -1.768  -17.794 1.00 49.94 ? 57  HOH C O   1 
HETATM 1443 O  O   . HOH I 3 .  ? 18.390  15.386  -10.733 1.00 37.34 ? 58  HOH C O   1 
HETATM 1444 O  O   . HOH I 3 .  ? 5.287   -2.989  -16.902 1.00 42.94 ? 60  HOH C O   1 
HETATM 1445 O  O   . HOH I 3 .  ? -8.440  -17.396 -15.625 1.00 43.94 ? 65  HOH C O   1 
HETATM 1446 O  O   . HOH I 3 .  ? -0.241  -15.346 -2.545  1.00 49.75 ? 67  HOH C O   1 
HETATM 1447 O  O   . HOH J 3 .  ? 6.241   3.287   -5.308  1.00 29.21 ? 35  HOH D O   1 
HETATM 1448 O  O   . HOH J 3 .  ? -2.915  -0.960  -10.345 1.00 38.22 ? 39  HOH D O   1 
HETATM 1449 O  O   . HOH J 3 .  ? 6.064   15.871  -14.065 1.00 37.05 ? 40  HOH D O   1 
HETATM 1450 O  O   . HOH J 3 .  ? 6.062   5.250   -6.616  1.00 39.16 ? 43  HOH D O   1 
HETATM 1451 O  O   . HOH J 3 .  ? -6.255  -0.797  -4.866  1.00 38.82 ? 44  HOH D O   1 
HETATM 1452 O  O   . HOH J 3 .  ? -6.865  -21.281 2.601   1.00 52.65 ? 46  HOH D O   1 
HETATM 1453 O  O   . HOH J 3 .  ? 3.819   8.341   -20.173 1.00 41.62 ? 47  HOH D O   1 
HETATM 1454 O  O   . HOH J 3 .  ? -10.360 -8.192  1.703   1.00 37.40 ? 48  HOH D O   1 
HETATM 1455 O  O   . HOH J 3 .  ? -3.251  -10.041 2.933   1.00 31.25 ? 49  HOH D O   1 
HETATM 1456 O  O   . HOH J 3 .  ? 5.088   13.503  -21.513 1.00 54.19 ? 50  HOH D O   1 
HETATM 1457 O  O   . HOH J 3 .  ? -17.609 -23.400 7.425   1.00 53.53 ? 51  HOH D O   1 
HETATM 1458 O  O   . HOH J 3 .  ? 11.890  9.024   -7.286  1.00 36.95 ? 52  HOH D O   1 
HETATM 1459 O  O   . HOH J 3 .  ? 12.063  24.077  -19.397 1.00 37.30 ? 55  HOH D O   1 
HETATM 1460 O  O   . HOH J 3 .  ? -2.143  4.943   -12.173 1.00 44.27 ? 56  HOH D O   1 
HETATM 1461 O  O   . HOH J 3 .  ? 9.776   24.082  -21.117 1.00 44.58 ? 59  HOH D O   1 
HETATM 1462 O  O   . HOH J 3 .  ? 2.951   8.015   -7.523  1.00 45.44 ? 62  HOH D O   1 
HETATM 1463 O  O   . HOH J 3 .  ? 3.474   11.623  -18.878 1.00 41.84 ? 63  HOH D O   1 
HETATM 1464 O  O   . HOH J 3 .  ? -2.116  -7.296  2.492   1.00 47.67 ? 64  HOH D O   1 
HETATM 1465 O  O   . HOH J 3 .  ? 9.358   10.924  -25.838 1.00 41.33 ? 66  HOH D O   1 
HETATM 1466 O  O   . HOH J 3 .  ? -0.639  11.865  -5.872  1.00 48.17 ? 68  HOH D O   1 
# 
